data_1CCR
# 
_entry.id   1CCR 
# 
_audit_conform.dict_name       mmcif_pdbx.dic 
_audit_conform.dict_version    5.403 
_audit_conform.dict_location   http://mmcif.pdb.org/dictionaries/ascii/mmcif_pdbx.dic 
# 
loop_
_database_2.database_id 
_database_2.database_code 
_database_2.pdbx_database_accession 
_database_2.pdbx_DOI 
PDB   1CCR         pdb_00001ccr 10.2210/pdb1ccr/pdb 
WWPDB D_1000172238 ?            ?                   
# 
loop_
_pdbx_audit_revision_history.ordinal 
_pdbx_audit_revision_history.data_content_type 
_pdbx_audit_revision_history.major_revision 
_pdbx_audit_revision_history.minor_revision 
_pdbx_audit_revision_history.revision_date 
_pdbx_audit_revision_history.part_number 
1 'Structure model' 1 0 1983-04-21 ? 
2 'Structure model' 1 1 2008-03-21 ? 
3 'Structure model' 1 2 2011-07-13 ? 
4 'Structure model' 1 3 2017-11-29 ? 
5 'Structure model' 2 0 2021-03-03 ? 
6 'Structure model' 2 1 2025-03-26 ? 
# 
_pdbx_audit_revision_details.ordinal             1 
_pdbx_audit_revision_details.revision_ordinal    1 
_pdbx_audit_revision_details.data_content_type   'Structure model' 
_pdbx_audit_revision_details.provider            repository 
_pdbx_audit_revision_details.type                'Initial release' 
_pdbx_audit_revision_details.description         ? 
_pdbx_audit_revision_details.details             ? 
# 
loop_
_pdbx_audit_revision_group.ordinal 
_pdbx_audit_revision_group.revision_ordinal 
_pdbx_audit_revision_group.data_content_type 
_pdbx_audit_revision_group.group 
1  2 'Structure model' 'Version format compliance' 
2  3 'Structure model' 'Version format compliance' 
3  4 'Structure model' 'Derived calculations'      
4  4 'Structure model' Other                       
5  5 'Structure model' 'Atomic model'              
6  5 'Structure model' 'Data collection'           
7  5 'Structure model' 'Database references'       
8  5 'Structure model' 'Derived calculations'      
9  5 'Structure model' 'Non-polymer description'   
10 5 'Structure model' 'Structure summary'         
11 6 'Structure model' 'Data collection'           
12 6 'Structure model' 'Database references'       
13 6 'Structure model' 'Structure summary'         
# 
loop_
_pdbx_audit_revision_category.ordinal 
_pdbx_audit_revision_category.revision_ordinal 
_pdbx_audit_revision_category.data_content_type 
_pdbx_audit_revision_category.category 
1  4 'Structure model' pdbx_database_status      
2  4 'Structure model' struct_conf               
3  4 'Structure model' struct_conf_type          
4  5 'Structure model' atom_site                 
5  5 'Structure model' chem_comp                 
6  5 'Structure model' entity                    
7  5 'Structure model' pdbx_entity_nonpoly       
8  5 'Structure model' pdbx_nonpoly_scheme       
9  5 'Structure model' pdbx_struct_conn_angle    
10 5 'Structure model' struct_conn               
11 5 'Structure model' struct_ref_seq_dif        
12 5 'Structure model' struct_site               
13 6 'Structure model' chem_comp_atom            
14 6 'Structure model' chem_comp_bond            
15 6 'Structure model' database_2                
16 6 'Structure model' pdbx_entry_details        
17 6 'Structure model' pdbx_modification_feature 
# 
loop_
_pdbx_audit_revision_item.ordinal 
_pdbx_audit_revision_item.revision_ordinal 
_pdbx_audit_revision_item.data_content_type 
_pdbx_audit_revision_item.item 
1  4 'Structure model' '_pdbx_database_status.process_site'          
2  5 'Structure model' '_atom_site.B_iso_or_equiv'                   
3  5 'Structure model' '_atom_site.Cartn_x'                          
4  5 'Structure model' '_atom_site.Cartn_y'                          
5  5 'Structure model' '_atom_site.Cartn_z'                          
6  5 'Structure model' '_atom_site.auth_atom_id'                     
7  5 'Structure model' '_atom_site.auth_comp_id'                     
8  5 'Structure model' '_atom_site.label_atom_id'                    
9  5 'Structure model' '_atom_site.label_comp_id'                    
10 5 'Structure model' '_atom_site.type_symbol'                      
11 5 'Structure model' '_chem_comp.formula'                          
12 5 'Structure model' '_chem_comp.formula_weight'                   
13 5 'Structure model' '_chem_comp.id'                               
14 5 'Structure model' '_chem_comp.name'                             
15 5 'Structure model' '_chem_comp.pdbx_synonyms'                    
16 5 'Structure model' '_entity.formula_weight'                      
17 5 'Structure model' '_entity.pdbx_description'                    
18 5 'Structure model' '_pdbx_entity_nonpoly.comp_id'                
19 5 'Structure model' '_pdbx_entity_nonpoly.name'                   
20 5 'Structure model' '_pdbx_nonpoly_scheme.mon_id'                 
21 5 'Structure model' '_pdbx_nonpoly_scheme.pdb_mon_id'             
22 5 'Structure model' '_pdbx_struct_conn_angle.ptnr1_auth_comp_id'  
23 5 'Structure model' '_pdbx_struct_conn_angle.ptnr1_label_comp_id' 
24 5 'Structure model' '_pdbx_struct_conn_angle.ptnr2_auth_comp_id'  
25 5 'Structure model' '_pdbx_struct_conn_angle.ptnr2_label_comp_id' 
26 5 'Structure model' '_pdbx_struct_conn_angle.ptnr3_auth_comp_id'  
27 5 'Structure model' '_pdbx_struct_conn_angle.ptnr3_label_comp_id' 
28 5 'Structure model' '_struct_conn.conn_type_id'                   
29 5 'Structure model' '_struct_conn.id'                             
30 5 'Structure model' '_struct_conn.pdbx_dist_value'                
31 5 'Structure model' '_struct_conn.pdbx_leaving_atom_flag'         
32 5 'Structure model' '_struct_conn.ptnr1_auth_comp_id'             
33 5 'Structure model' '_struct_conn.ptnr1_auth_seq_id'              
34 5 'Structure model' '_struct_conn.ptnr1_label_asym_id'            
35 5 'Structure model' '_struct_conn.ptnr1_label_atom_id'            
36 5 'Structure model' '_struct_conn.ptnr1_label_comp_id'            
37 5 'Structure model' '_struct_conn.ptnr1_label_seq_id'             
38 5 'Structure model' '_struct_conn.ptnr2_auth_comp_id'             
39 5 'Structure model' '_struct_conn.ptnr2_auth_seq_id'              
40 5 'Structure model' '_struct_conn.ptnr2_label_asym_id'            
41 5 'Structure model' '_struct_conn.ptnr2_label_atom_id'            
42 5 'Structure model' '_struct_conn.ptnr2_label_comp_id'            
43 5 'Structure model' '_struct_conn.ptnr2_label_seq_id'             
44 5 'Structure model' '_struct_ref_seq_dif.details'                 
45 5 'Structure model' '_struct_site.details'                        
46 5 'Structure model' '_struct_site.pdbx_auth_asym_id'              
47 5 'Structure model' '_struct_site.pdbx_auth_comp_id'              
48 5 'Structure model' '_struct_site.pdbx_auth_seq_id'               
49 6 'Structure model' '_database_2.pdbx_DOI'                        
50 6 'Structure model' '_database_2.pdbx_database_accession'         
# 
_pdbx_database_status.status_code                     REL 
_pdbx_database_status.entry_id                        1CCR 
_pdbx_database_status.recvd_initial_deposition_date   1983-03-14 
_pdbx_database_status.deposit_site                    ? 
_pdbx_database_status.process_site                    BNL 
_pdbx_database_status.status_code_sf                  REL 
_pdbx_database_status.status_code_mr                  ? 
_pdbx_database_status.SG_entry                        ? 
_pdbx_database_status.pdb_format_compatible           Y 
_pdbx_database_status.status_code_cs                  ? 
_pdbx_database_status.methods_development_category    ? 
_pdbx_database_status.status_code_nmr_data            ? 
# 
loop_
_audit_author.name 
_audit_author.pdbx_ordinal 
'Ochi, H.'    1 
'Hata, Y.'    2 
'Tanaka, N.'  3 
'Kakudo, M.'  4 
'Sakurai, T.' 5 
'Aihara, S.'  6 
'Morita, Y.'  7 
# 
loop_
_citation.id 
_citation.title 
_citation.journal_abbrev 
_citation.journal_volume 
_citation.page_first 
_citation.page_last 
_citation.year 
_citation.journal_id_ASTM 
_citation.country 
_citation.journal_id_ISSN 
_citation.journal_id_CSD 
_citation.book_publisher 
_citation.pdbx_database_id_PubMed 
_citation.pdbx_database_id_DOI 
primary 'Structure of rice ferricytochrome c at 2.0 A resolution.' J.Mol.Biol.         166 407 418 1983 JMOBAK UK 0022-2836 0070 ? 
6304326 '10.1016/S0022-2836(83)80092-8' 
1       'Amino Acid Sequence of Cytochrome C from Rice' 'J.Biochem.(Tokyo)' 87  249 ?   1980 JOBIAO JA 0021-924X 0418 ? ?       ? 
2       'A Preliminary Crystallographic Investigation of Rice Cytochrome C' J.Mol.Biol.         71  807 ?   1972 JMOBAK UK 
0022-2836 0070 ? ?       ?                               
3       
;Studies on Respiratory Enzymes in Rice Kernel. Part I. Isolation and Purification of Cytochrome C and Peroxidase 556 from Rice Embryo
;
Agric.Biol.Chem.    32  441 ?   1968 ABCHA6 JA 0002-1369 0137 ? ?       ?                               
# 
loop_
_citation_author.citation_id 
_citation_author.name 
_citation_author.ordinal 
_citation_author.identifier_ORCID 
primary 'Ochi, H.'    1  ? 
primary 'Hata, Y.'    2  ? 
primary 'Tanaka, N.'  3  ? 
primary 'Kakudo, M.'  4  ? 
primary 'Sakurai, T.' 5  ? 
primary 'Aihara, S.'  6  ? 
primary 'Morita, Y.'  7  ? 
1       'Mori, E.'    8  ? 
1       'Morita, Y.'  9  ? 
2       'Morita, Y.'  10 ? 
2       'Ida, S.'     11 ? 
3       'Mori, Y.'    12 ? 
3       'Ida, S.'     13 ? 
# 
loop_
_entity.id 
_entity.type 
_entity.src_method 
_entity.pdbx_description 
_entity.formula_weight 
_entity.pdbx_number_of_molecules 
_entity.pdbx_ec 
_entity.pdbx_mutation 
_entity.pdbx_fragment 
_entity.details 
1 polymer     man 'CYTOCHROME C' 12267.986 1  ? ? ? ? 
2 non-polymer syn 'HEME C'       618.503   1  ? ? ? ? 
3 water       nat water          18.015    46 ? ? ? ? 
# 
_entity_poly.entity_id                      1 
_entity_poly.type                           'polypeptide(L)' 
_entity_poly.nstd_linkage                   no 
_entity_poly.nstd_monomer                   yes 
_entity_poly.pdbx_seq_one_letter_code       
;(ACE)ASFSEAPPGNPKAGEKIFKTKCAQCHTVDKGAGHKQGPNLNGLFGRQSGTTPGYSYSTADKNMAVIWEENTLYDY
LLNP(M3L)KYIPGTKMVFPGL(M3L)KPQERADLISYLKEATS
;
_entity_poly.pdbx_seq_one_letter_code_can   
;XASFSEAPPGNPKAGEKIFKTKCAQCHTVDKGAGHKQGPNLNGLFGRQSGTTPGYSYSTADKNMAVIWEENTLYDYLLNP
KKYIPGTKMVFPGLKKPQERADLISYLKEATS
;
_entity_poly.pdbx_strand_id                 A 
_entity_poly.pdbx_target_identifier         ? 
# 
loop_
_pdbx_entity_nonpoly.entity_id 
_pdbx_entity_nonpoly.name 
_pdbx_entity_nonpoly.comp_id 
2 'HEME C' HEC 
3 water    HOH 
# 
loop_
_entity_poly_seq.entity_id 
_entity_poly_seq.num 
_entity_poly_seq.mon_id 
_entity_poly_seq.hetero 
1 1   ACE n 
1 2   ALA n 
1 3   SER n 
1 4   PHE n 
1 5   SER n 
1 6   GLU n 
1 7   ALA n 
1 8   PRO n 
1 9   PRO n 
1 10  GLY n 
1 11  ASN n 
1 12  PRO n 
1 13  LYS n 
1 14  ALA n 
1 15  GLY n 
1 16  GLU n 
1 17  LYS n 
1 18  ILE n 
1 19  PHE n 
1 20  LYS n 
1 21  THR n 
1 22  LYS n 
1 23  CYS n 
1 24  ALA n 
1 25  GLN n 
1 26  CYS n 
1 27  HIS n 
1 28  THR n 
1 29  VAL n 
1 30  ASP n 
1 31  LYS n 
1 32  GLY n 
1 33  ALA n 
1 34  GLY n 
1 35  HIS n 
1 36  LYS n 
1 37  GLN n 
1 38  GLY n 
1 39  PRO n 
1 40  ASN n 
1 41  LEU n 
1 42  ASN n 
1 43  GLY n 
1 44  LEU n 
1 45  PHE n 
1 46  GLY n 
1 47  ARG n 
1 48  GLN n 
1 49  SER n 
1 50  GLY n 
1 51  THR n 
1 52  THR n 
1 53  PRO n 
1 54  GLY n 
1 55  TYR n 
1 56  SER n 
1 57  TYR n 
1 58  SER n 
1 59  THR n 
1 60  ALA n 
1 61  ASP n 
1 62  LYS n 
1 63  ASN n 
1 64  MET n 
1 65  ALA n 
1 66  VAL n 
1 67  ILE n 
1 68  TRP n 
1 69  GLU n 
1 70  GLU n 
1 71  ASN n 
1 72  THR n 
1 73  LEU n 
1 74  TYR n 
1 75  ASP n 
1 76  TYR n 
1 77  LEU n 
1 78  LEU n 
1 79  ASN n 
1 80  PRO n 
1 81  M3L n 
1 82  LYS n 
1 83  TYR n 
1 84  ILE n 
1 85  PRO n 
1 86  GLY n 
1 87  THR n 
1 88  LYS n 
1 89  MET n 
1 90  VAL n 
1 91  PHE n 
1 92  PRO n 
1 93  GLY n 
1 94  LEU n 
1 95  M3L n 
1 96  LYS n 
1 97  PRO n 
1 98  GLN n 
1 99  GLU n 
1 100 ARG n 
1 101 ALA n 
1 102 ASP n 
1 103 LEU n 
1 104 ILE n 
1 105 SER n 
1 106 TYR n 
1 107 LEU n 
1 108 LYS n 
1 109 GLU n 
1 110 ALA n 
1 111 THR n 
1 112 SER n 
# 
_entity_src_gen.entity_id                          1 
_entity_src_gen.pdbx_src_id                        1 
_entity_src_gen.pdbx_alt_source_flag               sample 
_entity_src_gen.pdbx_seq_type                      ? 
_entity_src_gen.pdbx_beg_seq_num                   ? 
_entity_src_gen.pdbx_end_seq_num                   ? 
_entity_src_gen.gene_src_common_name               rice 
_entity_src_gen.gene_src_genus                     Oryza 
_entity_src_gen.pdbx_gene_src_gene                 ? 
_entity_src_gen.gene_src_species                   ? 
_entity_src_gen.gene_src_strain                    ? 
_entity_src_gen.gene_src_tissue                    ? 
_entity_src_gen.gene_src_tissue_fraction           ? 
_entity_src_gen.gene_src_details                   ? 
_entity_src_gen.pdbx_gene_src_fragment             ? 
_entity_src_gen.pdbx_gene_src_scientific_name      'Oryza sativa' 
_entity_src_gen.pdbx_gene_src_ncbi_taxonomy_id     4530 
_entity_src_gen.pdbx_gene_src_variant              ? 
_entity_src_gen.pdbx_gene_src_cell_line            ? 
_entity_src_gen.pdbx_gene_src_atcc                 ? 
_entity_src_gen.pdbx_gene_src_organ                ? 
_entity_src_gen.pdbx_gene_src_organelle            ? 
_entity_src_gen.pdbx_gene_src_cell                 ? 
_entity_src_gen.pdbx_gene_src_cellular_location    ? 
_entity_src_gen.host_org_common_name               ? 
_entity_src_gen.pdbx_host_org_scientific_name      ? 
_entity_src_gen.pdbx_host_org_ncbi_taxonomy_id     ? 
_entity_src_gen.host_org_genus                     ? 
_entity_src_gen.pdbx_host_org_gene                 ? 
_entity_src_gen.pdbx_host_org_organ                ? 
_entity_src_gen.host_org_species                   ? 
_entity_src_gen.pdbx_host_org_tissue               ? 
_entity_src_gen.pdbx_host_org_tissue_fraction      ? 
_entity_src_gen.pdbx_host_org_strain               ? 
_entity_src_gen.pdbx_host_org_variant              ? 
_entity_src_gen.pdbx_host_org_cell_line            ? 
_entity_src_gen.pdbx_host_org_atcc                 ? 
_entity_src_gen.pdbx_host_org_culture_collection   ? 
_entity_src_gen.pdbx_host_org_cell                 ? 
_entity_src_gen.pdbx_host_org_organelle            ? 
_entity_src_gen.pdbx_host_org_cellular_location    ? 
_entity_src_gen.pdbx_host_org_vector_type          ? 
_entity_src_gen.pdbx_host_org_vector               ? 
_entity_src_gen.host_org_details                   ? 
_entity_src_gen.expression_system_id               ? 
_entity_src_gen.plasmid_name                       ? 
_entity_src_gen.plasmid_details                    ? 
_entity_src_gen.pdbx_description                   ? 
# 
loop_
_chem_comp.id 
_chem_comp.type 
_chem_comp.mon_nstd_flag 
_chem_comp.name 
_chem_comp.pdbx_synonyms 
_chem_comp.formula 
_chem_comp.formula_weight 
ACE non-polymer         . 'ACETYL GROUP'    ? 'C2 H4 O'          44.053  
ALA 'L-peptide linking' y ALANINE           ? 'C3 H7 N O2'       89.093  
ARG 'L-peptide linking' y ARGININE          ? 'C6 H15 N4 O2 1'   175.209 
ASN 'L-peptide linking' y ASPARAGINE        ? 'C4 H8 N2 O3'      132.118 
ASP 'L-peptide linking' y 'ASPARTIC ACID'   ? 'C4 H7 N O4'       133.103 
CYS 'L-peptide linking' y CYSTEINE          ? 'C3 H7 N O2 S'     121.158 
GLN 'L-peptide linking' y GLUTAMINE         ? 'C5 H10 N2 O3'     146.144 
GLU 'L-peptide linking' y 'GLUTAMIC ACID'   ? 'C5 H9 N O4'       147.129 
GLY 'peptide linking'   y GLYCINE           ? 'C2 H5 N O2'       75.067  
HEC non-polymer         . 'HEME C'          ? 'C34 H34 Fe N4 O4' 618.503 
HIS 'L-peptide linking' y HISTIDINE         ? 'C6 H10 N3 O2 1'   156.162 
HOH non-polymer         . WATER             ? 'H2 O'             18.015  
ILE 'L-peptide linking' y ISOLEUCINE        ? 'C6 H13 N O2'      131.173 
LEU 'L-peptide linking' y LEUCINE           ? 'C6 H13 N O2'      131.173 
LYS 'L-peptide linking' y LYSINE            ? 'C6 H15 N2 O2 1'   147.195 
M3L 'L-peptide linking' n N-TRIMETHYLLYSINE ? 'C9 H21 N2 O2 1'   189.275 
MET 'L-peptide linking' y METHIONINE        ? 'C5 H11 N O2 S'    149.211 
PHE 'L-peptide linking' y PHENYLALANINE     ? 'C9 H11 N O2'      165.189 
PRO 'L-peptide linking' y PROLINE           ? 'C5 H9 N O2'       115.130 
SER 'L-peptide linking' y SERINE            ? 'C3 H7 N O3'       105.093 
THR 'L-peptide linking' y THREONINE         ? 'C4 H9 N O3'       119.119 
TRP 'L-peptide linking' y TRYPTOPHAN        ? 'C11 H12 N2 O2'    204.225 
TYR 'L-peptide linking' y TYROSINE          ? 'C9 H11 N O3'      181.189 
VAL 'L-peptide linking' y VALINE            ? 'C5 H11 N O2'      117.146 
# 
loop_
_pdbx_poly_seq_scheme.asym_id 
_pdbx_poly_seq_scheme.entity_id 
_pdbx_poly_seq_scheme.seq_id 
_pdbx_poly_seq_scheme.mon_id 
_pdbx_poly_seq_scheme.ndb_seq_num 
_pdbx_poly_seq_scheme.pdb_seq_num 
_pdbx_poly_seq_scheme.auth_seq_num 
_pdbx_poly_seq_scheme.pdb_mon_id 
_pdbx_poly_seq_scheme.auth_mon_id 
_pdbx_poly_seq_scheme.pdb_strand_id 
_pdbx_poly_seq_scheme.pdb_ins_code 
_pdbx_poly_seq_scheme.hetero 
A 1 1   ACE 1   0   0   ACE ACE A . n 
A 1 2   ALA 2   1   1   ALA ALA A . n 
A 1 3   SER 3   2   2   SER SER A . n 
A 1 4   PHE 4   3   3   PHE PHE A . n 
A 1 5   SER 5   4   4   SER SER A . n 
A 1 6   GLU 6   5   5   GLU GLU A . n 
A 1 7   ALA 7   6   6   ALA ALA A . n 
A 1 8   PRO 8   7   7   PRO PRO A . n 
A 1 9   PRO 9   8   8   PRO PRO A . n 
A 1 10  GLY 10  9   9   GLY GLY A . n 
A 1 11  ASN 11  10  10  ASN ASN A . n 
A 1 12  PRO 12  11  11  PRO PRO A . n 
A 1 13  LYS 13  12  12  LYS LYS A . n 
A 1 14  ALA 14  13  13  ALA ALA A . n 
A 1 15  GLY 15  14  14  GLY GLY A . n 
A 1 16  GLU 16  15  15  GLU GLU A . n 
A 1 17  LYS 17  16  16  LYS LYS A . n 
A 1 18  ILE 18  17  17  ILE ILE A . n 
A 1 19  PHE 19  18  18  PHE PHE A . n 
A 1 20  LYS 20  19  19  LYS LYS A . n 
A 1 21  THR 21  20  20  THR THR A . n 
A 1 22  LYS 22  21  21  LYS LYS A . n 
A 1 23  CYS 23  22  22  CYS CYS A . n 
A 1 24  ALA 24  23  23  ALA ALA A . n 
A 1 25  GLN 25  24  24  GLN GLN A . n 
A 1 26  CYS 26  25  25  CYS CYS A . n 
A 1 27  HIS 27  26  26  HIS HIS A . n 
A 1 28  THR 28  27  27  THR THR A . n 
A 1 29  VAL 29  28  28  VAL VAL A . n 
A 1 30  ASP 30  29  29  ASP ASP A . n 
A 1 31  LYS 31  30  30  LYS LYS A . n 
A 1 32  GLY 32  31  31  GLY GLY A . n 
A 1 33  ALA 33  32  32  ALA ALA A . n 
A 1 34  GLY 34  33  33  GLY GLY A . n 
A 1 35  HIS 35  34  34  HIS HIS A . n 
A 1 36  LYS 36  35  35  LYS LYS A . n 
A 1 37  GLN 37  36  36  GLN GLN A . n 
A 1 38  GLY 38  37  37  GLY GLY A . n 
A 1 39  PRO 39  38  38  PRO PRO A . n 
A 1 40  ASN 40  39  39  ASN ASN A . n 
A 1 41  LEU 41  40  40  LEU LEU A . n 
A 1 42  ASN 42  41  41  ASN ASN A . n 
A 1 43  GLY 43  42  42  GLY GLY A . n 
A 1 44  LEU 44  43  43  LEU LEU A . n 
A 1 45  PHE 45  44  44  PHE PHE A . n 
A 1 46  GLY 46  45  45  GLY GLY A . n 
A 1 47  ARG 47  46  46  ARG ARG A . n 
A 1 48  GLN 48  47  47  GLN GLN A . n 
A 1 49  SER 49  48  48  SER SER A . n 
A 1 50  GLY 50  49  49  GLY GLY A . n 
A 1 51  THR 51  50  50  THR THR A . n 
A 1 52  THR 52  51  51  THR THR A . n 
A 1 53  PRO 53  52  52  PRO PRO A . n 
A 1 54  GLY 54  53  53  GLY GLY A . n 
A 1 55  TYR 55  54  54  TYR TYR A . n 
A 1 56  SER 56  55  55  SER SER A . n 
A 1 57  TYR 57  56  56  TYR TYR A . n 
A 1 58  SER 58  57  57  SER SER A . n 
A 1 59  THR 59  58  58  THR THR A . n 
A 1 60  ALA 60  59  59  ALA ALA A . n 
A 1 61  ASP 61  60  60  ASP ASP A . n 
A 1 62  LYS 62  61  61  LYS LYS A . n 
A 1 63  ASN 63  62  62  ASN ASN A . n 
A 1 64  MET 64  63  63  MET MET A . n 
A 1 65  ALA 65  64  64  ALA ALA A . n 
A 1 66  VAL 66  65  65  VAL VAL A . n 
A 1 67  ILE 67  66  66  ILE ILE A . n 
A 1 68  TRP 68  67  67  TRP TRP A . n 
A 1 69  GLU 69  68  68  GLU GLU A . n 
A 1 70  GLU 70  69  69  GLU GLU A . n 
A 1 71  ASN 71  70  70  ASN ASN A . n 
A 1 72  THR 72  71  71  THR THR A . n 
A 1 73  LEU 73  72  72  LEU LEU A . n 
A 1 74  TYR 74  73  73  TYR TYR A . n 
A 1 75  ASP 75  74  74  ASP ASP A . n 
A 1 76  TYR 76  75  75  TYR TYR A . n 
A 1 77  LEU 77  76  76  LEU LEU A . n 
A 1 78  LEU 78  77  77  LEU LEU A . n 
A 1 79  ASN 79  78  78  ASN ASN A . n 
A 1 80  PRO 80  79  79  PRO PRO A . n 
A 1 81  M3L 81  80  80  M3L LYS A . n 
A 1 82  LYS 82  81  81  LYS LYS A . n 
A 1 83  TYR 83  82  82  TYR TYR A . n 
A 1 84  ILE 84  83  83  ILE ILE A . n 
A 1 85  PRO 85  84  84  PRO PRO A . n 
A 1 86  GLY 86  85  85  GLY GLY A . n 
A 1 87  THR 87  86  86  THR THR A . n 
A 1 88  LYS 88  87  87  LYS LYS A . n 
A 1 89  MET 89  88  88  MET MET A . n 
A 1 90  VAL 90  89  89  VAL VAL A . n 
A 1 91  PHE 91  90  90  PHE PHE A . n 
A 1 92  PRO 92  91  91  PRO PRO A . n 
A 1 93  GLY 93  92  92  GLY GLY A . n 
A 1 94  LEU 94  93  93  LEU LEU A . n 
A 1 95  M3L 95  94  94  M3L LYS A . n 
A 1 96  LYS 96  95  95  LYS LYS A . n 
A 1 97  PRO 97  96  96  PRO PRO A . n 
A 1 98  GLN 98  97  97  GLN GLN A . n 
A 1 99  GLU 99  98  98  GLU GLU A . n 
A 1 100 ARG 100 99  99  ARG ARG A . n 
A 1 101 ALA 101 100 100 ALA ALA A . n 
A 1 102 ASP 102 101 101 ASP ASP A . n 
A 1 103 LEU 103 102 102 LEU LEU A . n 
A 1 104 ILE 104 103 103 ILE ILE A . n 
A 1 105 SER 105 104 104 SER SER A . n 
A 1 106 TYR 106 105 105 TYR TYR A . n 
A 1 107 LEU 107 106 106 LEU LEU A . n 
A 1 108 LYS 108 107 107 LYS LYS A . n 
A 1 109 GLU 109 108 108 GLU GLU A . n 
A 1 110 ALA 110 109 109 ALA ALA A . n 
A 1 111 THR 111 110 110 THR THR A . n 
A 1 112 SER 112 111 111 SER SER A . n 
# 
loop_
_pdbx_nonpoly_scheme.asym_id 
_pdbx_nonpoly_scheme.entity_id 
_pdbx_nonpoly_scheme.mon_id 
_pdbx_nonpoly_scheme.ndb_seq_num 
_pdbx_nonpoly_scheme.pdb_seq_num 
_pdbx_nonpoly_scheme.auth_seq_num 
_pdbx_nonpoly_scheme.pdb_mon_id 
_pdbx_nonpoly_scheme.auth_mon_id 
_pdbx_nonpoly_scheme.pdb_strand_id 
_pdbx_nonpoly_scheme.pdb_ins_code 
B 2 HEC 1  112 1  HEC HEM A . 
C 3 HOH 1  113 4  HOH HOH A . 
C 3 HOH 2  114 5  HOH HOH A . 
C 3 HOH 3  115 6  HOH HOH A . 
C 3 HOH 4  116 7  HOH HOH A . 
C 3 HOH 5  117 8  HOH HOH A . 
C 3 HOH 6  118 9  HOH HOH A . 
C 3 HOH 7  119 10 HOH HOH A . 
C 3 HOH 8  120 11 HOH HOH A . 
C 3 HOH 9  121 12 HOH HOH A . 
C 3 HOH 10 122 13 HOH HOH A . 
C 3 HOH 11 123 14 HOH HOH A . 
C 3 HOH 12 124 15 HOH HOH A . 
C 3 HOH 13 125 16 HOH HOH A . 
C 3 HOH 14 126 17 HOH HOH A . 
C 3 HOH 15 127 18 HOH HOH A . 
C 3 HOH 16 128 19 HOH HOH A . 
C 3 HOH 17 129 20 HOH HOH A . 
C 3 HOH 18 130 21 HOH HOH A . 
C 3 HOH 19 131 22 HOH HOH A . 
C 3 HOH 20 132 23 HOH HOH A . 
C 3 HOH 21 133 24 HOH HOH A . 
C 3 HOH 22 134 25 HOH HOH A . 
C 3 HOH 23 135 26 HOH HOH A . 
C 3 HOH 24 136 27 HOH HOH A . 
C 3 HOH 25 137 28 HOH HOH A . 
C 3 HOH 26 138 29 HOH HOH A . 
C 3 HOH 27 139 30 HOH HOH A . 
C 3 HOH 28 140 31 HOH HOH A . 
C 3 HOH 29 141 32 HOH HOH A . 
C 3 HOH 30 142 33 HOH HOH A . 
C 3 HOH 31 143 34 HOH HOH A . 
C 3 HOH 32 144 35 HOH HOH A . 
C 3 HOH 33 145 36 HOH HOH A . 
C 3 HOH 34 146 37 HOH HOH A . 
C 3 HOH 35 147 38 HOH HOH A . 
C 3 HOH 36 148 39 HOH HOH A . 
C 3 HOH 37 149 40 HOH HOH A . 
C 3 HOH 38 150 41 HOH HOH A . 
C 3 HOH 39 151 42 HOH HOH A . 
C 3 HOH 40 152 43 HOH HOH A . 
C 3 HOH 41 153 44 HOH HOH A . 
C 3 HOH 42 154 45 HOH HOH A . 
C 3 HOH 43 155 46 HOH HOH A . 
C 3 HOH 44 156 47 HOH HOH A . 
C 3 HOH 45 157 48 HOH HOH A . 
C 3 HOH 46 158 49 HOH HOH A . 
# 
_cell.entry_id           1CCR 
_cell.length_a           43.780 
_cell.length_b           43.780 
_cell.length_c           110.050 
_cell.angle_alpha        90.00 
_cell.angle_beta         90.00 
_cell.angle_gamma        120.00 
_cell.Z_PDB              6 
_cell.pdbx_unique_axis   ? 
# 
_symmetry.entry_id                         1CCR 
_symmetry.space_group_name_H-M             'P 61' 
_symmetry.pdbx_full_space_group_name_H-M   ? 
_symmetry.cell_setting                     ? 
_symmetry.Int_Tables_number                169 
# 
_exptl.entry_id          1CCR 
_exptl.method            'X-RAY DIFFRACTION' 
_exptl.crystals_number   ? 
# 
_exptl_crystal.id                    1 
_exptl_crystal.density_meas          ? 
_exptl_crystal.density_Matthews      2.50 
_exptl_crystal.density_percent_sol   50.74 
_exptl_crystal.description           ? 
# 
_diffrn.id                     1 
_diffrn.ambient_temp           ? 
_diffrn.ambient_temp_details   ? 
_diffrn.crystal_id             1 
# 
_diffrn_radiation.diffrn_id                        1 
_diffrn_radiation.wavelength_id                    1 
_diffrn_radiation.pdbx_monochromatic_or_laue_m_l   ? 
_diffrn_radiation.monochromator                    ? 
_diffrn_radiation.pdbx_diffrn_protocol             ? 
_diffrn_radiation.pdbx_scattering_type             x-ray 
# 
_diffrn_radiation_wavelength.id           1 
_diffrn_radiation_wavelength.wavelength   . 
_diffrn_radiation_wavelength.wt           1.0 
# 
_refine.entry_id                                 1CCR 
_refine.ls_number_reflns_obs                     ? 
_refine.ls_number_reflns_all                     ? 
_refine.pdbx_ls_sigma_I                          ? 
_refine.pdbx_ls_sigma_F                          ? 
_refine.pdbx_data_cutoff_high_absF               ? 
_refine.pdbx_data_cutoff_low_absF                ? 
_refine.pdbx_data_cutoff_high_rms_absF           ? 
_refine.ls_d_res_low                             ? 
_refine.ls_d_res_high                            1.5 
_refine.ls_percent_reflns_obs                    ? 
_refine.ls_R_factor_obs                          ? 
_refine.ls_R_factor_all                          ? 
_refine.ls_R_factor_R_work                       0.1900000 
_refine.ls_R_factor_R_free                       ? 
_refine.ls_R_factor_R_free_error                 ? 
_refine.ls_R_factor_R_free_error_details         ? 
_refine.ls_percent_reflns_R_free                 ? 
_refine.ls_number_reflns_R_free                  ? 
_refine.ls_number_parameters                     ? 
_refine.ls_number_restraints                     ? 
_refine.occupancy_min                            ? 
_refine.occupancy_max                            ? 
_refine.B_iso_mean                               ? 
_refine.aniso_B[1][1]                            ? 
_refine.aniso_B[2][2]                            ? 
_refine.aniso_B[3][3]                            ? 
_refine.aniso_B[1][2]                            ? 
_refine.aniso_B[1][3]                            ? 
_refine.aniso_B[2][3]                            ? 
_refine.solvent_model_details                    ? 
_refine.solvent_model_param_ksol                 ? 
_refine.solvent_model_param_bsol                 ? 
_refine.pdbx_ls_cross_valid_method               ? 
_refine.details                                  ? 
_refine.pdbx_starting_model                      ? 
_refine.pdbx_method_to_determine_struct          ? 
_refine.pdbx_isotropic_thermal_model             ? 
_refine.pdbx_stereochemistry_target_values       ? 
_refine.pdbx_stereochem_target_val_spec_case     ? 
_refine.pdbx_R_Free_selection_details            ? 
_refine.pdbx_overall_ESU_R                       ? 
_refine.pdbx_overall_ESU_R_Free                  ? 
_refine.overall_SU_ML                            ? 
_refine.overall_SU_B                             ? 
_refine.pdbx_refine_id                           'X-RAY DIFFRACTION' 
_refine.pdbx_diffrn_id                           1 
_refine.pdbx_TLS_residual_ADP_flag               ? 
_refine.correlation_coeff_Fo_to_Fc               ? 
_refine.correlation_coeff_Fo_to_Fc_free          ? 
_refine.pdbx_solvent_vdw_probe_radii             ? 
_refine.pdbx_solvent_ion_probe_radii             ? 
_refine.pdbx_solvent_shrinkage_radii             ? 
_refine.pdbx_overall_phase_error                 ? 
_refine.overall_SU_R_Cruickshank_DPI             ? 
_refine.pdbx_overall_SU_R_free_Cruickshank_DPI   ? 
_refine.pdbx_overall_SU_R_Blow_DPI               ? 
_refine.pdbx_overall_SU_R_free_Blow_DPI          ? 
# 
_refine_hist.pdbx_refine_id                   'X-RAY DIFFRACTION' 
_refine_hist.cycle_id                         LAST 
_refine_hist.pdbx_number_atoms_protein        858 
_refine_hist.pdbx_number_atoms_nucleic_acid   0 
_refine_hist.pdbx_number_atoms_ligand         49 
_refine_hist.number_atoms_solvent             46 
_refine_hist.number_atoms_total               953 
_refine_hist.d_res_high                       1.5 
_refine_hist.d_res_low                        . 
# 
loop_
_refine_ls_restr.type 
_refine_ls_restr.dev_ideal 
_refine_ls_restr.dev_ideal_target 
_refine_ls_restr.weight 
_refine_ls_restr.number 
_refine_ls_restr.pdbx_refine_id 
_refine_ls_restr.pdbx_restraint_function 
o_bond_d                0.02 ? ? ? 'X-RAY DIFFRACTION' ? 
o_bond_d_na             ?    ? ? ? 'X-RAY DIFFRACTION' ? 
o_bond_d_prot           ?    ? ? ? 'X-RAY DIFFRACTION' ? 
o_angle_d               ?    ? ? ? 'X-RAY DIFFRACTION' ? 
o_angle_d_na            ?    ? ? ? 'X-RAY DIFFRACTION' ? 
o_angle_d_prot          ?    ? ? ? 'X-RAY DIFFRACTION' ? 
o_angle_deg             ?    ? ? ? 'X-RAY DIFFRACTION' ? 
o_angle_deg_na          ?    ? ? ? 'X-RAY DIFFRACTION' ? 
o_angle_deg_prot        ?    ? ? ? 'X-RAY DIFFRACTION' ? 
o_dihedral_angle_d      ?    ? ? ? 'X-RAY DIFFRACTION' ? 
o_dihedral_angle_d_na   ?    ? ? ? 'X-RAY DIFFRACTION' ? 
o_dihedral_angle_d_prot ?    ? ? ? 'X-RAY DIFFRACTION' ? 
o_improper_angle_d      ?    ? ? ? 'X-RAY DIFFRACTION' ? 
o_improper_angle_d_na   ?    ? ? ? 'X-RAY DIFFRACTION' ? 
o_improper_angle_d_prot ?    ? ? ? 'X-RAY DIFFRACTION' ? 
o_mcbond_it             ?    ? ? ? 'X-RAY DIFFRACTION' ? 
o_mcangle_it            ?    ? ? ? 'X-RAY DIFFRACTION' ? 
o_scbond_it             ?    ? ? ? 'X-RAY DIFFRACTION' ? 
o_scangle_it            ?    ? ? ? 'X-RAY DIFFRACTION' ? 
# 
_struct.entry_id                  1CCR 
_struct.title                     'STRUCTURE OF RICE FERRICYTOCHROME C AT 2.0 ANGSTROMS RESOLUTION' 
_struct.pdbx_model_details        ? 
_struct.pdbx_CASP_flag            ? 
_struct.pdbx_model_type_details   ? 
# 
_struct_keywords.entry_id        1CCR 
_struct_keywords.pdbx_keywords   'ELECTRON TRANSPORT(CYTOCHROME)' 
_struct_keywords.text            'ELECTRON TRANSPORT(CYTOCHROME)' 
# 
loop_
_struct_asym.id 
_struct_asym.pdbx_blank_PDB_chainid_flag 
_struct_asym.pdbx_modified 
_struct_asym.entity_id 
_struct_asym.details 
A N N 1 ? 
B N N 2 ? 
C N N 3 ? 
# 
_struct_ref.id                         1 
_struct_ref.db_name                    UNP 
_struct_ref.db_code                    CYC_ORYSA 
_struct_ref.entity_id                  1 
_struct_ref.pdbx_db_accession          P00055 
_struct_ref.pdbx_align_begin           1 
_struct_ref.pdbx_seq_one_letter_code   
;ASFSEAPPGNPKAGEKIFKTKCAQCHTVDKGAGHKQGPNLNGLFGRQSGTTPGYSYSTANKNMAVIWEENTLYDYLLNPK
KYIPGTKMVFPGLKKPQERADLISYLKEATS
;
_struct_ref.pdbx_db_isoform            ? 
# 
_struct_ref_seq.align_id                      1 
_struct_ref_seq.ref_id                        1 
_struct_ref_seq.pdbx_PDB_id_code              1CCR 
_struct_ref_seq.pdbx_strand_id                A 
_struct_ref_seq.seq_align_beg                 2 
_struct_ref_seq.pdbx_seq_align_beg_ins_code   ? 
_struct_ref_seq.seq_align_end                 112 
_struct_ref_seq.pdbx_seq_align_end_ins_code   ? 
_struct_ref_seq.pdbx_db_accession             P00055 
_struct_ref_seq.db_align_beg                  1 
_struct_ref_seq.pdbx_db_align_beg_ins_code    ? 
_struct_ref_seq.db_align_end                  111 
_struct_ref_seq.pdbx_db_align_end_ins_code    ? 
_struct_ref_seq.pdbx_auth_seq_align_beg       1 
_struct_ref_seq.pdbx_auth_seq_align_end       111 
# 
_struct_ref_seq_dif.align_id                     1 
_struct_ref_seq_dif.pdbx_pdb_id_code             1CCR 
_struct_ref_seq_dif.mon_id                       ASP 
_struct_ref_seq_dif.pdbx_pdb_strand_id           A 
_struct_ref_seq_dif.seq_num                      61 
_struct_ref_seq_dif.pdbx_pdb_ins_code            ? 
_struct_ref_seq_dif.pdbx_seq_db_name             UNP 
_struct_ref_seq_dif.pdbx_seq_db_accession_code   P00055 
_struct_ref_seq_dif.db_mon_id                    ASN 
_struct_ref_seq_dif.pdbx_seq_db_seq_num          60 
_struct_ref_seq_dif.details                      conflict 
_struct_ref_seq_dif.pdbx_auth_seq_num            60 
_struct_ref_seq_dif.pdbx_ordinal                 1 
# 
_pdbx_struct_assembly.id                   1 
_pdbx_struct_assembly.details              author_defined_assembly 
_pdbx_struct_assembly.method_details       ? 
_pdbx_struct_assembly.oligomeric_details   monomeric 
_pdbx_struct_assembly.oligomeric_count     1 
# 
_pdbx_struct_assembly_gen.assembly_id       1 
_pdbx_struct_assembly_gen.oper_expression   1 
_pdbx_struct_assembly_gen.asym_id_list      A,B,C 
# 
_pdbx_struct_oper_list.id                   1 
_pdbx_struct_oper_list.type                 'identity operation' 
_pdbx_struct_oper_list.name                 1_555 
_pdbx_struct_oper_list.symmetry_operation   x,y,z 
_pdbx_struct_oper_list.matrix[1][1]         1.0000000000 
_pdbx_struct_oper_list.matrix[1][2]         0.0000000000 
_pdbx_struct_oper_list.matrix[1][3]         0.0000000000 
_pdbx_struct_oper_list.vector[1]            0.0000000000 
_pdbx_struct_oper_list.matrix[2][1]         0.0000000000 
_pdbx_struct_oper_list.matrix[2][2]         1.0000000000 
_pdbx_struct_oper_list.matrix[2][3]         0.0000000000 
_pdbx_struct_oper_list.vector[2]            0.0000000000 
_pdbx_struct_oper_list.matrix[3][1]         0.0000000000 
_pdbx_struct_oper_list.matrix[3][2]         0.0000000000 
_pdbx_struct_oper_list.matrix[3][3]         1.0000000000 
_pdbx_struct_oper_list.vector[3]            0.0000000000 
# 
_struct_biol.id   1 
# 
loop_
_struct_conf.conf_type_id 
_struct_conf.id 
_struct_conf.pdbx_PDB_helix_id 
_struct_conf.beg_label_comp_id 
_struct_conf.beg_label_asym_id 
_struct_conf.beg_label_seq_id 
_struct_conf.pdbx_beg_PDB_ins_code 
_struct_conf.end_label_comp_id 
_struct_conf.end_label_asym_id 
_struct_conf.end_label_seq_id 
_struct_conf.pdbx_end_PDB_ins_code 
_struct_conf.beg_auth_comp_id 
_struct_conf.beg_auth_asym_id 
_struct_conf.beg_auth_seq_id 
_struct_conf.end_auth_comp_id 
_struct_conf.end_auth_asym_id 
_struct_conf.end_auth_seq_id 
_struct_conf.pdbx_PDB_helix_class 
_struct_conf.details 
_struct_conf.pdbx_PDB_helix_length 
HELX_P HELX_P1 H1 ASN A 11 ? CYS A 23  ? ASN A 10 CYS A 22  1 ? 13 
HELX_P HELX_P2 H2 SER A 58 ? MET A 64  ? SER A 57 MET A 63  1 ? 7  
HELX_P HELX_P3 H3 GLU A 69 ? ASN A 79  ? GLU A 68 ASN A 78  1 ? 11 
HELX_P HELX_P4 H4 ASN A 79 ? ILE A 84  ? ASN A 78 ILE A 83  1 ? 6  
HELX_P HELX_P5 H5 LYS A 96 ? SER A 112 ? LYS A 95 SER A 111 1 ? 17 
# 
_struct_conf_type.id          HELX_P 
_struct_conf_type.criteria    ? 
_struct_conf_type.reference   ? 
# 
loop_
_struct_conn.id 
_struct_conn.conn_type_id 
_struct_conn.pdbx_leaving_atom_flag 
_struct_conn.pdbx_PDB_id 
_struct_conn.ptnr1_label_asym_id 
_struct_conn.ptnr1_label_comp_id 
_struct_conn.ptnr1_label_seq_id 
_struct_conn.ptnr1_label_atom_id 
_struct_conn.pdbx_ptnr1_label_alt_id 
_struct_conn.pdbx_ptnr1_PDB_ins_code 
_struct_conn.pdbx_ptnr1_standard_comp_id 
_struct_conn.ptnr1_symmetry 
_struct_conn.ptnr2_label_asym_id 
_struct_conn.ptnr2_label_comp_id 
_struct_conn.ptnr2_label_seq_id 
_struct_conn.ptnr2_label_atom_id 
_struct_conn.pdbx_ptnr2_label_alt_id 
_struct_conn.pdbx_ptnr2_PDB_ins_code 
_struct_conn.ptnr1_auth_asym_id 
_struct_conn.ptnr1_auth_comp_id 
_struct_conn.ptnr1_auth_seq_id 
_struct_conn.ptnr2_auth_asym_id 
_struct_conn.ptnr2_auth_comp_id 
_struct_conn.ptnr2_auth_seq_id 
_struct_conn.ptnr2_symmetry 
_struct_conn.pdbx_ptnr3_label_atom_id 
_struct_conn.pdbx_ptnr3_label_seq_id 
_struct_conn.pdbx_ptnr3_label_comp_id 
_struct_conn.pdbx_ptnr3_label_asym_id 
_struct_conn.pdbx_ptnr3_label_alt_id 
_struct_conn.pdbx_ptnr3_PDB_ins_code 
_struct_conn.details 
_struct_conn.pdbx_dist_value 
_struct_conn.pdbx_value_order 
_struct_conn.pdbx_role 
covale1 covale both ? A ACE 1  C   ? ? ? 1_555 A ALA 2  N   ? ? A ACE 0  A ALA 1   1_555 ? ? ? ? ? ? ? 1.335 ? ? 
covale2 covale none ? A CYS 23 SG  ? ? ? 1_555 B HEC .  CAB ? ? A CYS 22 A HEC 112 1_555 ? ? ? ? ? ? ? 1.914 ? ? 
covale3 covale none ? A CYS 26 SG  ? ? ? 1_555 B HEC .  CAC ? ? A CYS 25 A HEC 112 1_555 ? ? ? ? ? ? ? 1.965 ? ? 
covale4 covale both ? A PRO 80 C   ? ? ? 1_555 A M3L 81 N   ? ? A PRO 79 A M3L 80  1_555 ? ? ? ? ? ? ? 1.295 ? ? 
covale5 covale both ? A M3L 81 C   ? ? ? 1_555 A LYS 82 N   ? ? A M3L 80 A LYS 81  1_555 ? ? ? ? ? ? ? 1.311 ? ? 
covale6 covale both ? A LEU 94 C   ? ? ? 1_555 A M3L 95 N   ? ? A LEU 93 A M3L 94  1_555 ? ? ? ? ? ? ? 1.300 ? ? 
covale7 covale both ? A M3L 95 C   ? ? ? 1_555 A LYS 96 N   ? ? A M3L 94 A LYS 95  1_555 ? ? ? ? ? ? ? 1.311 ? ? 
metalc1 metalc ?    ? A HIS 27 NE2 ? ? ? 1_555 B HEC .  FE  ? ? A HIS 26 A HEC 112 1_555 ? ? ? ? ? ? ? 2.037 ? ? 
metalc2 metalc ?    ? A MET 89 SD  ? ? ? 1_555 B HEC .  FE  ? ? A MET 88 A HEC 112 1_555 ? ? ? ? ? ? ? 2.351 ? ? 
# 
loop_
_struct_conn_type.id 
_struct_conn_type.criteria 
_struct_conn_type.reference 
covale ? ? 
metalc ? ? 
# 
loop_
_pdbx_struct_conn_angle.id 
_pdbx_struct_conn_angle.ptnr1_label_atom_id 
_pdbx_struct_conn_angle.ptnr1_label_alt_id 
_pdbx_struct_conn_angle.ptnr1_label_asym_id 
_pdbx_struct_conn_angle.ptnr1_label_comp_id 
_pdbx_struct_conn_angle.ptnr1_label_seq_id 
_pdbx_struct_conn_angle.ptnr1_auth_atom_id 
_pdbx_struct_conn_angle.ptnr1_auth_asym_id 
_pdbx_struct_conn_angle.ptnr1_auth_comp_id 
_pdbx_struct_conn_angle.ptnr1_auth_seq_id 
_pdbx_struct_conn_angle.ptnr1_PDB_ins_code 
_pdbx_struct_conn_angle.ptnr1_symmetry 
_pdbx_struct_conn_angle.ptnr2_label_atom_id 
_pdbx_struct_conn_angle.ptnr2_label_alt_id 
_pdbx_struct_conn_angle.ptnr2_label_asym_id 
_pdbx_struct_conn_angle.ptnr2_label_comp_id 
_pdbx_struct_conn_angle.ptnr2_label_seq_id 
_pdbx_struct_conn_angle.ptnr2_auth_atom_id 
_pdbx_struct_conn_angle.ptnr2_auth_asym_id 
_pdbx_struct_conn_angle.ptnr2_auth_comp_id 
_pdbx_struct_conn_angle.ptnr2_auth_seq_id 
_pdbx_struct_conn_angle.ptnr2_PDB_ins_code 
_pdbx_struct_conn_angle.ptnr2_symmetry 
_pdbx_struct_conn_angle.ptnr3_label_atom_id 
_pdbx_struct_conn_angle.ptnr3_label_alt_id 
_pdbx_struct_conn_angle.ptnr3_label_asym_id 
_pdbx_struct_conn_angle.ptnr3_label_comp_id 
_pdbx_struct_conn_angle.ptnr3_label_seq_id 
_pdbx_struct_conn_angle.ptnr3_auth_atom_id 
_pdbx_struct_conn_angle.ptnr3_auth_asym_id 
_pdbx_struct_conn_angle.ptnr3_auth_comp_id 
_pdbx_struct_conn_angle.ptnr3_auth_seq_id 
_pdbx_struct_conn_angle.ptnr3_PDB_ins_code 
_pdbx_struct_conn_angle.ptnr3_symmetry 
_pdbx_struct_conn_angle.value 
_pdbx_struct_conn_angle.value_esd 
1  NE2 ? A HIS 27 ? A HIS 26  ? 1_555 FE ? B HEC . ? A HEC 112 ? 1_555 NA ? B HEC .  ? A HEC 112 ? 1_555 91.3  ? 
2  NE2 ? A HIS 27 ? A HIS 26  ? 1_555 FE ? B HEC . ? A HEC 112 ? 1_555 NB ? B HEC .  ? A HEC 112 ? 1_555 86.1  ? 
3  NA  ? B HEC .  ? A HEC 112 ? 1_555 FE ? B HEC . ? A HEC 112 ? 1_555 NB ? B HEC .  ? A HEC 112 ? 1_555 91.3  ? 
4  NE2 ? A HIS 27 ? A HIS 26  ? 1_555 FE ? B HEC . ? A HEC 112 ? 1_555 NC ? B HEC .  ? A HEC 112 ? 1_555 85.7  ? 
5  NA  ? B HEC .  ? A HEC 112 ? 1_555 FE ? B HEC . ? A HEC 112 ? 1_555 NC ? B HEC .  ? A HEC 112 ? 1_555 176.7 ? 
6  NB  ? B HEC .  ? A HEC 112 ? 1_555 FE ? B HEC . ? A HEC 112 ? 1_555 NC ? B HEC .  ? A HEC 112 ? 1_555 89.9  ? 
7  NE2 ? A HIS 27 ? A HIS 26  ? 1_555 FE ? B HEC . ? A HEC 112 ? 1_555 ND ? B HEC .  ? A HEC 112 ? 1_555 90.2  ? 
8  NA  ? B HEC .  ? A HEC 112 ? 1_555 FE ? B HEC . ? A HEC 112 ? 1_555 ND ? B HEC .  ? A HEC 112 ? 1_555 90.5  ? 
9  NB  ? B HEC .  ? A HEC 112 ? 1_555 FE ? B HEC . ? A HEC 112 ? 1_555 ND ? B HEC .  ? A HEC 112 ? 1_555 175.9 ? 
10 NC  ? B HEC .  ? A HEC 112 ? 1_555 FE ? B HEC . ? A HEC 112 ? 1_555 ND ? B HEC .  ? A HEC 112 ? 1_555 88.1  ? 
11 NE2 ? A HIS 27 ? A HIS 26  ? 1_555 FE ? B HEC . ? A HEC 112 ? 1_555 SD ? A MET 89 ? A MET 88  ? 1_555 178.3 ? 
12 NA  ? B HEC .  ? A HEC 112 ? 1_555 FE ? B HEC . ? A HEC 112 ? 1_555 SD ? A MET 89 ? A MET 88  ? 1_555 88.7  ? 
13 NB  ? B HEC .  ? A HEC 112 ? 1_555 FE ? B HEC . ? A HEC 112 ? 1_555 SD ? A MET 89 ? A MET 88  ? 1_555 95.6  ? 
14 NC  ? B HEC .  ? A HEC 112 ? 1_555 FE ? B HEC . ? A HEC 112 ? 1_555 SD ? A MET 89 ? A MET 88  ? 1_555 94.3  ? 
15 ND  ? B HEC .  ? A HEC 112 ? 1_555 FE ? B HEC . ? A HEC 112 ? 1_555 SD ? A MET 89 ? A MET 88  ? 1_555 88.1  ? 
# 
loop_
_pdbx_modification_feature.ordinal 
_pdbx_modification_feature.label_comp_id 
_pdbx_modification_feature.label_asym_id 
_pdbx_modification_feature.label_seq_id 
_pdbx_modification_feature.label_alt_id 
_pdbx_modification_feature.modified_residue_label_comp_id 
_pdbx_modification_feature.modified_residue_label_asym_id 
_pdbx_modification_feature.modified_residue_label_seq_id 
_pdbx_modification_feature.modified_residue_label_alt_id 
_pdbx_modification_feature.auth_comp_id 
_pdbx_modification_feature.auth_asym_id 
_pdbx_modification_feature.auth_seq_id 
_pdbx_modification_feature.PDB_ins_code 
_pdbx_modification_feature.symmetry 
_pdbx_modification_feature.modified_residue_auth_comp_id 
_pdbx_modification_feature.modified_residue_auth_asym_id 
_pdbx_modification_feature.modified_residue_auth_seq_id 
_pdbx_modification_feature.modified_residue_PDB_ins_code 
_pdbx_modification_feature.modified_residue_symmetry 
_pdbx_modification_feature.comp_id_linking_atom 
_pdbx_modification_feature.modified_residue_id_linking_atom 
_pdbx_modification_feature.modified_residue_id 
_pdbx_modification_feature.ref_pcm_id 
_pdbx_modification_feature.ref_comp_id 
_pdbx_modification_feature.type 
_pdbx_modification_feature.category 
1 M3L A 81 ? .   . .  . M3L A 80  ? 1_555 .   . .  . .     .   .  LYS 1 M3L Methylation 'Named protein modification' 
2 M3L A 95 ? .   . .  . M3L A 94  ? 1_555 .   . .  . .     .   .  LYS 1 M3L Methylation 'Named protein modification' 
3 ACE A 1  ? ALA A 2  ? ACE A 0   ? 1_555 ALA A 1  ? 1_555 .   .  ALA 1 ACE None        'Terminal acetylation'       
4 HEC B .  ? CYS A 23 ? HEC A 112 ? 1_555 CYS A 22 ? 1_555 CAB SG CYS 2 HEC None        Heme/heme-like               
5 HEC B .  ? CYS A 26 ? HEC A 112 ? 1_555 CYS A 25 ? 1_555 CAC SG CYS 3 HEC None        Heme/heme-like               
# 
_struct_site.id                   AC1 
_struct_site.pdbx_evidence_code   Software 
_struct_site.pdbx_auth_asym_id    A 
_struct_site.pdbx_auth_comp_id    HEC 
_struct_site.pdbx_auth_seq_id     112 
_struct_site.pdbx_auth_ins_code   ? 
_struct_site.pdbx_num_residues    23 
_struct_site.details              'BINDING SITE FOR RESIDUE HEC A 112' 
# 
loop_
_struct_site_gen.id 
_struct_site_gen.site_id 
_struct_site_gen.pdbx_num_res 
_struct_site_gen.label_comp_id 
_struct_site_gen.label_asym_id 
_struct_site_gen.label_seq_id 
_struct_site_gen.pdbx_auth_ins_code 
_struct_site_gen.auth_comp_id 
_struct_site_gen.auth_asym_id 
_struct_site_gen.auth_seq_id 
_struct_site_gen.label_atom_id 
_struct_site_gen.label_alt_id 
_struct_site_gen.symmetry 
_struct_site_gen.details 
1  AC1 23 LYS A 22  ? LYS A 21  . ? 1_555 ? 
2  AC1 23 CYS A 23  ? CYS A 22  . ? 1_555 ? 
3  AC1 23 CYS A 26  ? CYS A 25  . ? 1_555 ? 
4  AC1 23 HIS A 27  ? HIS A 26  . ? 1_555 ? 
5  AC1 23 GLN A 37  ? GLN A 36  . ? 1_555 ? 
6  AC1 23 GLY A 38  ? GLY A 37  . ? 1_555 ? 
7  AC1 23 PRO A 39  ? PRO A 38  . ? 1_555 ? 
8  AC1 23 SER A 49  ? SER A 48  . ? 1_555 ? 
9  AC1 23 GLY A 50  ? GLY A 49  . ? 1_555 ? 
10 AC1 23 TYR A 55  ? TYR A 54  . ? 1_555 ? 
11 AC1 23 TYR A 57  ? TYR A 56  . ? 1_555 ? 
12 AC1 23 SER A 58  ? SER A 57  . ? 1_555 ? 
13 AC1 23 ASP A 61  ? ASP A 60  . ? 1_555 ? 
14 AC1 23 TRP A 68  ? TRP A 67  . ? 1_555 ? 
15 AC1 23 TYR A 76  ? TYR A 75  . ? 1_555 ? 
16 AC1 23 THR A 87  ? THR A 86  . ? 1_555 ? 
17 AC1 23 LYS A 88  ? LYS A 87  . ? 1_555 ? 
18 AC1 23 MET A 89  ? MET A 88  . ? 1_555 ? 
19 AC1 23 VAL A 90  ? VAL A 89  . ? 1_555 ? 
20 AC1 23 PHE A 91  ? PHE A 90  . ? 1_555 ? 
21 AC1 23 LEU A 103 ? LEU A 102 . ? 1_555 ? 
22 AC1 23 HOH C .   ? HOH A 123 . ? 1_555 ? 
23 AC1 23 HOH C .   ? HOH A 135 . ? 1_555 ? 
# 
_pdbx_entry_details.entry_id                   1CCR 
_pdbx_entry_details.compound_details           ? 
_pdbx_entry_details.source_details             ? 
_pdbx_entry_details.nonpolymer_details         ? 
_pdbx_entry_details.sequence_details           ? 
_pdbx_entry_details.has_ligand_of_interest     ? 
_pdbx_entry_details.has_protein_modification   Y 
# 
loop_
_pdbx_validate_symm_contact.id 
_pdbx_validate_symm_contact.PDB_model_num 
_pdbx_validate_symm_contact.auth_atom_id_1 
_pdbx_validate_symm_contact.auth_asym_id_1 
_pdbx_validate_symm_contact.auth_comp_id_1 
_pdbx_validate_symm_contact.auth_seq_id_1 
_pdbx_validate_symm_contact.PDB_ins_code_1 
_pdbx_validate_symm_contact.label_alt_id_1 
_pdbx_validate_symm_contact.site_symmetry_1 
_pdbx_validate_symm_contact.auth_atom_id_2 
_pdbx_validate_symm_contact.auth_asym_id_2 
_pdbx_validate_symm_contact.auth_comp_id_2 
_pdbx_validate_symm_contact.auth_seq_id_2 
_pdbx_validate_symm_contact.PDB_ins_code_2 
_pdbx_validate_symm_contact.label_alt_id_2 
_pdbx_validate_symm_contact.site_symmetry_2 
_pdbx_validate_symm_contact.dist 
1 1 CE A MET 63  ? ? 1_555 O A HOH 118 ? ? 6_555 1.23 
2 1 O  A HOH 128 ? ? 1_555 O A HOH 133 ? ? 6_665 2.04 
# 
_pdbx_validate_rmsd_bond.id                        1 
_pdbx_validate_rmsd_bond.PDB_model_num             1 
_pdbx_validate_rmsd_bond.auth_atom_id_1            CD 
_pdbx_validate_rmsd_bond.auth_asym_id_1            A 
_pdbx_validate_rmsd_bond.auth_comp_id_1            ARG 
_pdbx_validate_rmsd_bond.auth_seq_id_1             99 
_pdbx_validate_rmsd_bond.PDB_ins_code_1            ? 
_pdbx_validate_rmsd_bond.label_alt_id_1            ? 
_pdbx_validate_rmsd_bond.auth_atom_id_2            NE 
_pdbx_validate_rmsd_bond.auth_asym_id_2            A 
_pdbx_validate_rmsd_bond.auth_comp_id_2            ARG 
_pdbx_validate_rmsd_bond.auth_seq_id_2             99 
_pdbx_validate_rmsd_bond.PDB_ins_code_2            ? 
_pdbx_validate_rmsd_bond.label_alt_id_2            ? 
_pdbx_validate_rmsd_bond.bond_value                1.302 
_pdbx_validate_rmsd_bond.bond_target_value         1.460 
_pdbx_validate_rmsd_bond.bond_deviation            -0.158 
_pdbx_validate_rmsd_bond.bond_standard_deviation   0.017 
_pdbx_validate_rmsd_bond.linker_flag               N 
# 
loop_
_pdbx_validate_rmsd_angle.id 
_pdbx_validate_rmsd_angle.PDB_model_num 
_pdbx_validate_rmsd_angle.auth_atom_id_1 
_pdbx_validate_rmsd_angle.auth_asym_id_1 
_pdbx_validate_rmsd_angle.auth_comp_id_1 
_pdbx_validate_rmsd_angle.auth_seq_id_1 
_pdbx_validate_rmsd_angle.PDB_ins_code_1 
_pdbx_validate_rmsd_angle.label_alt_id_1 
_pdbx_validate_rmsd_angle.auth_atom_id_2 
_pdbx_validate_rmsd_angle.auth_asym_id_2 
_pdbx_validate_rmsd_angle.auth_comp_id_2 
_pdbx_validate_rmsd_angle.auth_seq_id_2 
_pdbx_validate_rmsd_angle.PDB_ins_code_2 
_pdbx_validate_rmsd_angle.label_alt_id_2 
_pdbx_validate_rmsd_angle.auth_atom_id_3 
_pdbx_validate_rmsd_angle.auth_asym_id_3 
_pdbx_validate_rmsd_angle.auth_comp_id_3 
_pdbx_validate_rmsd_angle.auth_seq_id_3 
_pdbx_validate_rmsd_angle.PDB_ins_code_3 
_pdbx_validate_rmsd_angle.label_alt_id_3 
_pdbx_validate_rmsd_angle.angle_value 
_pdbx_validate_rmsd_angle.angle_target_value 
_pdbx_validate_rmsd_angle.angle_deviation 
_pdbx_validate_rmsd_angle.angle_standard_deviation 
_pdbx_validate_rmsd_angle.linker_flag 
1  1 CA  A GLU 5   ? ? CB A GLU 5   ? ? CG  A GLU 5   ? ? 129.14 113.40 15.74  2.20 N 
2  1 CA  A LYS 12  ? ? CB A LYS 12  ? ? CG  A LYS 12  ? ? 129.08 113.40 15.68  2.20 N 
3  1 NH1 A ARG 46  ? ? CZ A ARG 46  ? ? NH2 A ARG 46  ? ? 108.27 119.40 -11.13 1.10 N 
4  1 NE  A ARG 46  ? ? CZ A ARG 46  ? ? NH1 A ARG 46  ? ? 127.24 120.30 6.94   0.50 N 
5  1 NE  A ARG 46  ? ? CZ A ARG 46  ? ? NH2 A ARG 46  ? ? 123.35 120.30 3.05   0.50 N 
6  1 CG  A GLU 68  ? ? CD A GLU 68  ? ? OE1 A GLU 68  ? ? 130.40 118.30 12.10  2.00 N 
7  1 CG  A ARG 99  ? ? CD A ARG 99  ? ? NE  A ARG 99  ? ? 134.73 111.80 22.93  2.10 N 
8  1 CD  A ARG 99  ? ? NE A ARG 99  ? ? CZ  A ARG 99  ? ? 156.97 123.60 33.37  1.40 N 
9  1 NE  A ARG 99  ? ? CZ A ARG 99  ? ? NH1 A ARG 99  ? ? 125.20 120.30 4.90   0.50 N 
10 1 NE  A ARG 99  ? ? CZ A ARG 99  ? ? NH2 A ARG 99  ? ? 111.63 120.30 -8.67  0.50 N 
11 1 CA  A GLU 108 ? ? CB A GLU 108 ? ? CG  A GLU 108 ? ? 127.10 113.40 13.70  2.20 N 
12 1 CB  A GLU 108 ? ? CG A GLU 108 ? ? CD  A GLU 108 ? ? 130.97 114.20 16.77  2.70 N 
# 
loop_
_pdbx_validate_torsion.id 
_pdbx_validate_torsion.PDB_model_num 
_pdbx_validate_torsion.auth_comp_id 
_pdbx_validate_torsion.auth_asym_id 
_pdbx_validate_torsion.auth_seq_id 
_pdbx_validate_torsion.PDB_ins_code 
_pdbx_validate_torsion.label_alt_id 
_pdbx_validate_torsion.phi 
_pdbx_validate_torsion.psi 
1 1 LYS A 35 ? ? -131.68 -143.07 
2 1 ASN A 78 ? ? -166.77 86.27   
# 
_pdbx_validate_planes.id              1 
_pdbx_validate_planes.PDB_model_num   1 
_pdbx_validate_planes.auth_comp_id    ARG 
_pdbx_validate_planes.auth_asym_id    A 
_pdbx_validate_planes.auth_seq_id     46 
_pdbx_validate_planes.PDB_ins_code    ? 
_pdbx_validate_planes.label_alt_id    ? 
_pdbx_validate_planes.rmsd            0.149 
_pdbx_validate_planes.type            'SIDE CHAIN' 
# 
loop_
_pdbx_struct_mod_residue.id 
_pdbx_struct_mod_residue.label_asym_id 
_pdbx_struct_mod_residue.label_comp_id 
_pdbx_struct_mod_residue.label_seq_id 
_pdbx_struct_mod_residue.auth_asym_id 
_pdbx_struct_mod_residue.auth_comp_id 
_pdbx_struct_mod_residue.auth_seq_id 
_pdbx_struct_mod_residue.PDB_ins_code 
_pdbx_struct_mod_residue.parent_comp_id 
_pdbx_struct_mod_residue.details 
1 A M3L 81 A M3L 80 ? LYS N-TRIMETHYLLYSINE 
2 A M3L 95 A M3L 94 ? LYS N-TRIMETHYLLYSINE 
# 
loop_
_chem_comp_atom.comp_id 
_chem_comp_atom.atom_id 
_chem_comp_atom.type_symbol 
_chem_comp_atom.pdbx_aromatic_flag 
_chem_comp_atom.pdbx_stereo_config 
_chem_comp_atom.pdbx_ordinal 
ACE C    C  N N 1   
ACE O    O  N N 2   
ACE CH3  C  N N 3   
ACE H    H  N N 4   
ACE H1   H  N N 5   
ACE H2   H  N N 6   
ACE H3   H  N N 7   
ALA N    N  N N 8   
ALA CA   C  N S 9   
ALA C    C  N N 10  
ALA O    O  N N 11  
ALA CB   C  N N 12  
ALA OXT  O  N N 13  
ALA H    H  N N 14  
ALA H2   H  N N 15  
ALA HA   H  N N 16  
ALA HB1  H  N N 17  
ALA HB2  H  N N 18  
ALA HB3  H  N N 19  
ALA HXT  H  N N 20  
ARG N    N  N N 21  
ARG CA   C  N S 22  
ARG C    C  N N 23  
ARG O    O  N N 24  
ARG CB   C  N N 25  
ARG CG   C  N N 26  
ARG CD   C  N N 27  
ARG NE   N  N N 28  
ARG CZ   C  N N 29  
ARG NH1  N  N N 30  
ARG NH2  N  N N 31  
ARG OXT  O  N N 32  
ARG H    H  N N 33  
ARG H2   H  N N 34  
ARG HA   H  N N 35  
ARG HB2  H  N N 36  
ARG HB3  H  N N 37  
ARG HG2  H  N N 38  
ARG HG3  H  N N 39  
ARG HD2  H  N N 40  
ARG HD3  H  N N 41  
ARG HE   H  N N 42  
ARG HH11 H  N N 43  
ARG HH12 H  N N 44  
ARG HH21 H  N N 45  
ARG HH22 H  N N 46  
ARG HXT  H  N N 47  
ASN N    N  N N 48  
ASN CA   C  N S 49  
ASN C    C  N N 50  
ASN O    O  N N 51  
ASN CB   C  N N 52  
ASN CG   C  N N 53  
ASN OD1  O  N N 54  
ASN ND2  N  N N 55  
ASN OXT  O  N N 56  
ASN H    H  N N 57  
ASN H2   H  N N 58  
ASN HA   H  N N 59  
ASN HB2  H  N N 60  
ASN HB3  H  N N 61  
ASN HD21 H  N N 62  
ASN HD22 H  N N 63  
ASN HXT  H  N N 64  
ASP N    N  N N 65  
ASP CA   C  N S 66  
ASP C    C  N N 67  
ASP O    O  N N 68  
ASP CB   C  N N 69  
ASP CG   C  N N 70  
ASP OD1  O  N N 71  
ASP OD2  O  N N 72  
ASP OXT  O  N N 73  
ASP H    H  N N 74  
ASP H2   H  N N 75  
ASP HA   H  N N 76  
ASP HB2  H  N N 77  
ASP HB3  H  N N 78  
ASP HD2  H  N N 79  
ASP HXT  H  N N 80  
CYS N    N  N N 81  
CYS CA   C  N R 82  
CYS C    C  N N 83  
CYS O    O  N N 84  
CYS CB   C  N N 85  
CYS SG   S  N N 86  
CYS OXT  O  N N 87  
CYS H    H  N N 88  
CYS H2   H  N N 89  
CYS HA   H  N N 90  
CYS HB2  H  N N 91  
CYS HB3  H  N N 92  
CYS HG   H  N N 93  
CYS HXT  H  N N 94  
GLN N    N  N N 95  
GLN CA   C  N S 96  
GLN C    C  N N 97  
GLN O    O  N N 98  
GLN CB   C  N N 99  
GLN CG   C  N N 100 
GLN CD   C  N N 101 
GLN OE1  O  N N 102 
GLN NE2  N  N N 103 
GLN OXT  O  N N 104 
GLN H    H  N N 105 
GLN H2   H  N N 106 
GLN HA   H  N N 107 
GLN HB2  H  N N 108 
GLN HB3  H  N N 109 
GLN HG2  H  N N 110 
GLN HG3  H  N N 111 
GLN HE21 H  N N 112 
GLN HE22 H  N N 113 
GLN HXT  H  N N 114 
GLU N    N  N N 115 
GLU CA   C  N S 116 
GLU C    C  N N 117 
GLU O    O  N N 118 
GLU CB   C  N N 119 
GLU CG   C  N N 120 
GLU CD   C  N N 121 
GLU OE1  O  N N 122 
GLU OE2  O  N N 123 
GLU OXT  O  N N 124 
GLU H    H  N N 125 
GLU H2   H  N N 126 
GLU HA   H  N N 127 
GLU HB2  H  N N 128 
GLU HB3  H  N N 129 
GLU HG2  H  N N 130 
GLU HG3  H  N N 131 
GLU HE2  H  N N 132 
GLU HXT  H  N N 133 
GLY N    N  N N 134 
GLY CA   C  N N 135 
GLY C    C  N N 136 
GLY O    O  N N 137 
GLY OXT  O  N N 138 
GLY H    H  N N 139 
GLY H2   H  N N 140 
GLY HA2  H  N N 141 
GLY HA3  H  N N 142 
GLY HXT  H  N N 143 
HEC FE   FE N N 144 
HEC CHA  C  N N 145 
HEC CHB  C  N N 146 
HEC CHC  C  N N 147 
HEC CHD  C  N N 148 
HEC NA   N  Y N 149 
HEC C1A  C  Y N 150 
HEC C2A  C  Y N 151 
HEC C3A  C  Y N 152 
HEC C4A  C  Y N 153 
HEC CMA  C  N N 154 
HEC CAA  C  N N 155 
HEC CBA  C  N N 156 
HEC CGA  C  N N 157 
HEC O1A  O  N N 158 
HEC O2A  O  N N 159 
HEC NB   N  Y N 160 
HEC C1B  C  Y N 161 
HEC C2B  C  Y N 162 
HEC C3B  C  Y N 163 
HEC C4B  C  Y N 164 
HEC CMB  C  N N 165 
HEC CAB  C  N N 166 
HEC CBB  C  N N 167 
HEC NC   N  Y N 168 
HEC C1C  C  Y N 169 
HEC C2C  C  Y N 170 
HEC C3C  C  Y N 171 
HEC C4C  C  Y N 172 
HEC CMC  C  N N 173 
HEC CAC  C  N N 174 
HEC CBC  C  N N 175 
HEC ND   N  Y N 176 
HEC C1D  C  Y N 177 
HEC C2D  C  Y N 178 
HEC C3D  C  Y N 179 
HEC C4D  C  Y N 180 
HEC CMD  C  N N 181 
HEC CAD  C  N N 182 
HEC CBD  C  N N 183 
HEC CGD  C  N N 184 
HEC O1D  O  N N 185 
HEC O2D  O  N N 186 
HEC HHA  H  N N 187 
HEC HHB  H  N N 188 
HEC HHC  H  N N 189 
HEC HHD  H  N N 190 
HEC HMA1 H  N N 191 
HEC HMA2 H  N N 192 
HEC HMA3 H  N N 193 
HEC HAA1 H  N N 194 
HEC HAA2 H  N N 195 
HEC HBA1 H  N N 196 
HEC HBA2 H  N N 197 
HEC H2A  H  N N 198 
HEC HMB1 H  N N 199 
HEC HMB2 H  N N 200 
HEC HMB3 H  N N 201 
HEC HAB  H  N N 202 
HEC HBB1 H  N N 203 
HEC HBB2 H  N N 204 
HEC HBB3 H  N N 205 
HEC HMC1 H  N N 206 
HEC HMC2 H  N N 207 
HEC HMC3 H  N N 208 
HEC HAC  H  N N 209 
HEC HBC1 H  N N 210 
HEC HBC2 H  N N 211 
HEC HBC3 H  N N 212 
HEC HMD1 H  N N 213 
HEC HMD2 H  N N 214 
HEC HMD3 H  N N 215 
HEC HAD1 H  N N 216 
HEC HAD2 H  N N 217 
HEC HBD1 H  N N 218 
HEC HBD2 H  N N 219 
HEC H2D  H  N N 220 
HIS N    N  N N 221 
HIS CA   C  N S 222 
HIS C    C  N N 223 
HIS O    O  N N 224 
HIS CB   C  N N 225 
HIS CG   C  Y N 226 
HIS ND1  N  Y N 227 
HIS CD2  C  Y N 228 
HIS CE1  C  Y N 229 
HIS NE2  N  Y N 230 
HIS OXT  O  N N 231 
HIS H    H  N N 232 
HIS H2   H  N N 233 
HIS HA   H  N N 234 
HIS HB2  H  N N 235 
HIS HB3  H  N N 236 
HIS HD1  H  N N 237 
HIS HD2  H  N N 238 
HIS HE1  H  N N 239 
HIS HE2  H  N N 240 
HIS HXT  H  N N 241 
HOH O    O  N N 242 
HOH H1   H  N N 243 
HOH H2   H  N N 244 
ILE N    N  N N 245 
ILE CA   C  N S 246 
ILE C    C  N N 247 
ILE O    O  N N 248 
ILE CB   C  N S 249 
ILE CG1  C  N N 250 
ILE CG2  C  N N 251 
ILE CD1  C  N N 252 
ILE OXT  O  N N 253 
ILE H    H  N N 254 
ILE H2   H  N N 255 
ILE HA   H  N N 256 
ILE HB   H  N N 257 
ILE HG12 H  N N 258 
ILE HG13 H  N N 259 
ILE HG21 H  N N 260 
ILE HG22 H  N N 261 
ILE HG23 H  N N 262 
ILE HD11 H  N N 263 
ILE HD12 H  N N 264 
ILE HD13 H  N N 265 
ILE HXT  H  N N 266 
LEU N    N  N N 267 
LEU CA   C  N S 268 
LEU C    C  N N 269 
LEU O    O  N N 270 
LEU CB   C  N N 271 
LEU CG   C  N N 272 
LEU CD1  C  N N 273 
LEU CD2  C  N N 274 
LEU OXT  O  N N 275 
LEU H    H  N N 276 
LEU H2   H  N N 277 
LEU HA   H  N N 278 
LEU HB2  H  N N 279 
LEU HB3  H  N N 280 
LEU HG   H  N N 281 
LEU HD11 H  N N 282 
LEU HD12 H  N N 283 
LEU HD13 H  N N 284 
LEU HD21 H  N N 285 
LEU HD22 H  N N 286 
LEU HD23 H  N N 287 
LEU HXT  H  N N 288 
LYS N    N  N N 289 
LYS CA   C  N S 290 
LYS C    C  N N 291 
LYS O    O  N N 292 
LYS CB   C  N N 293 
LYS CG   C  N N 294 
LYS CD   C  N N 295 
LYS CE   C  N N 296 
LYS NZ   N  N N 297 
LYS OXT  O  N N 298 
LYS H    H  N N 299 
LYS H2   H  N N 300 
LYS HA   H  N N 301 
LYS HB2  H  N N 302 
LYS HB3  H  N N 303 
LYS HG2  H  N N 304 
LYS HG3  H  N N 305 
LYS HD2  H  N N 306 
LYS HD3  H  N N 307 
LYS HE2  H  N N 308 
LYS HE3  H  N N 309 
LYS HZ1  H  N N 310 
LYS HZ2  H  N N 311 
LYS HZ3  H  N N 312 
LYS HXT  H  N N 313 
M3L N    N  N N 314 
M3L CA   C  N S 315 
M3L CB   C  N N 316 
M3L CG   C  N N 317 
M3L CD   C  N N 318 
M3L CE   C  N N 319 
M3L NZ   N  N N 320 
M3L C    C  N N 321 
M3L O    O  N N 322 
M3L OXT  O  N N 323 
M3L CM1  C  N N 324 
M3L CM2  C  N N 325 
M3L CM3  C  N N 326 
M3L H    H  N N 327 
M3L H2   H  N N 328 
M3L HA   H  N N 329 
M3L HB2  H  N N 330 
M3L HB3  H  N N 331 
M3L HG2  H  N N 332 
M3L HG3  H  N N 333 
M3L HD2  H  N N 334 
M3L HD3  H  N N 335 
M3L HE2  H  N N 336 
M3L HE3  H  N N 337 
M3L HXT  H  N N 338 
M3L HM11 H  N N 339 
M3L HM12 H  N N 340 
M3L HM13 H  N N 341 
M3L HM21 H  N N 342 
M3L HM22 H  N N 343 
M3L HM23 H  N N 344 
M3L HM31 H  N N 345 
M3L HM32 H  N N 346 
M3L HM33 H  N N 347 
MET N    N  N N 348 
MET CA   C  N S 349 
MET C    C  N N 350 
MET O    O  N N 351 
MET CB   C  N N 352 
MET CG   C  N N 353 
MET SD   S  N N 354 
MET CE   C  N N 355 
MET OXT  O  N N 356 
MET H    H  N N 357 
MET H2   H  N N 358 
MET HA   H  N N 359 
MET HB2  H  N N 360 
MET HB3  H  N N 361 
MET HG2  H  N N 362 
MET HG3  H  N N 363 
MET HE1  H  N N 364 
MET HE2  H  N N 365 
MET HE3  H  N N 366 
MET HXT  H  N N 367 
PHE N    N  N N 368 
PHE CA   C  N S 369 
PHE C    C  N N 370 
PHE O    O  N N 371 
PHE CB   C  N N 372 
PHE CG   C  Y N 373 
PHE CD1  C  Y N 374 
PHE CD2  C  Y N 375 
PHE CE1  C  Y N 376 
PHE CE2  C  Y N 377 
PHE CZ   C  Y N 378 
PHE OXT  O  N N 379 
PHE H    H  N N 380 
PHE H2   H  N N 381 
PHE HA   H  N N 382 
PHE HB2  H  N N 383 
PHE HB3  H  N N 384 
PHE HD1  H  N N 385 
PHE HD2  H  N N 386 
PHE HE1  H  N N 387 
PHE HE2  H  N N 388 
PHE HZ   H  N N 389 
PHE HXT  H  N N 390 
PRO N    N  N N 391 
PRO CA   C  N S 392 
PRO C    C  N N 393 
PRO O    O  N N 394 
PRO CB   C  N N 395 
PRO CG   C  N N 396 
PRO CD   C  N N 397 
PRO OXT  O  N N 398 
PRO H    H  N N 399 
PRO HA   H  N N 400 
PRO HB2  H  N N 401 
PRO HB3  H  N N 402 
PRO HG2  H  N N 403 
PRO HG3  H  N N 404 
PRO HD2  H  N N 405 
PRO HD3  H  N N 406 
PRO HXT  H  N N 407 
SER N    N  N N 408 
SER CA   C  N S 409 
SER C    C  N N 410 
SER O    O  N N 411 
SER CB   C  N N 412 
SER OG   O  N N 413 
SER OXT  O  N N 414 
SER H    H  N N 415 
SER H2   H  N N 416 
SER HA   H  N N 417 
SER HB2  H  N N 418 
SER HB3  H  N N 419 
SER HG   H  N N 420 
SER HXT  H  N N 421 
THR N    N  N N 422 
THR CA   C  N S 423 
THR C    C  N N 424 
THR O    O  N N 425 
THR CB   C  N R 426 
THR OG1  O  N N 427 
THR CG2  C  N N 428 
THR OXT  O  N N 429 
THR H    H  N N 430 
THR H2   H  N N 431 
THR HA   H  N N 432 
THR HB   H  N N 433 
THR HG1  H  N N 434 
THR HG21 H  N N 435 
THR HG22 H  N N 436 
THR HG23 H  N N 437 
THR HXT  H  N N 438 
TRP N    N  N N 439 
TRP CA   C  N S 440 
TRP C    C  N N 441 
TRP O    O  N N 442 
TRP CB   C  N N 443 
TRP CG   C  Y N 444 
TRP CD1  C  Y N 445 
TRP CD2  C  Y N 446 
TRP NE1  N  Y N 447 
TRP CE2  C  Y N 448 
TRP CE3  C  Y N 449 
TRP CZ2  C  Y N 450 
TRP CZ3  C  Y N 451 
TRP CH2  C  Y N 452 
TRP OXT  O  N N 453 
TRP H    H  N N 454 
TRP H2   H  N N 455 
TRP HA   H  N N 456 
TRP HB2  H  N N 457 
TRP HB3  H  N N 458 
TRP HD1  H  N N 459 
TRP HE1  H  N N 460 
TRP HE3  H  N N 461 
TRP HZ2  H  N N 462 
TRP HZ3  H  N N 463 
TRP HH2  H  N N 464 
TRP HXT  H  N N 465 
TYR N    N  N N 466 
TYR CA   C  N S 467 
TYR C    C  N N 468 
TYR O    O  N N 469 
TYR CB   C  N N 470 
TYR CG   C  Y N 471 
TYR CD1  C  Y N 472 
TYR CD2  C  Y N 473 
TYR CE1  C  Y N 474 
TYR CE2  C  Y N 475 
TYR CZ   C  Y N 476 
TYR OH   O  N N 477 
TYR OXT  O  N N 478 
TYR H    H  N N 479 
TYR H2   H  N N 480 
TYR HA   H  N N 481 
TYR HB2  H  N N 482 
TYR HB3  H  N N 483 
TYR HD1  H  N N 484 
TYR HD2  H  N N 485 
TYR HE1  H  N N 486 
TYR HE2  H  N N 487 
TYR HH   H  N N 488 
TYR HXT  H  N N 489 
VAL N    N  N N 490 
VAL CA   C  N S 491 
VAL C    C  N N 492 
VAL O    O  N N 493 
VAL CB   C  N N 494 
VAL CG1  C  N N 495 
VAL CG2  C  N N 496 
VAL OXT  O  N N 497 
VAL H    H  N N 498 
VAL H2   H  N N 499 
VAL HA   H  N N 500 
VAL HB   H  N N 501 
VAL HG11 H  N N 502 
VAL HG12 H  N N 503 
VAL HG13 H  N N 504 
VAL HG21 H  N N 505 
VAL HG22 H  N N 506 
VAL HG23 H  N N 507 
VAL HXT  H  N N 508 
# 
loop_
_chem_comp_bond.comp_id 
_chem_comp_bond.atom_id_1 
_chem_comp_bond.atom_id_2 
_chem_comp_bond.value_order 
_chem_comp_bond.pdbx_aromatic_flag 
_chem_comp_bond.pdbx_stereo_config 
_chem_comp_bond.pdbx_ordinal 
ACE C   O    doub N N 1   
ACE C   CH3  sing N N 2   
ACE C   H    sing N N 3   
ACE CH3 H1   sing N N 4   
ACE CH3 H2   sing N N 5   
ACE CH3 H3   sing N N 6   
ALA N   CA   sing N N 7   
ALA N   H    sing N N 8   
ALA N   H2   sing N N 9   
ALA CA  C    sing N N 10  
ALA CA  CB   sing N N 11  
ALA CA  HA   sing N N 12  
ALA C   O    doub N N 13  
ALA C   OXT  sing N N 14  
ALA CB  HB1  sing N N 15  
ALA CB  HB2  sing N N 16  
ALA CB  HB3  sing N N 17  
ALA OXT HXT  sing N N 18  
ARG N   CA   sing N N 19  
ARG N   H    sing N N 20  
ARG N   H2   sing N N 21  
ARG CA  C    sing N N 22  
ARG CA  CB   sing N N 23  
ARG CA  HA   sing N N 24  
ARG C   O    doub N N 25  
ARG C   OXT  sing N N 26  
ARG CB  CG   sing N N 27  
ARG CB  HB2  sing N N 28  
ARG CB  HB3  sing N N 29  
ARG CG  CD   sing N N 30  
ARG CG  HG2  sing N N 31  
ARG CG  HG3  sing N N 32  
ARG CD  NE   sing N N 33  
ARG CD  HD2  sing N N 34  
ARG CD  HD3  sing N N 35  
ARG NE  CZ   sing N N 36  
ARG NE  HE   sing N N 37  
ARG CZ  NH1  sing N N 38  
ARG CZ  NH2  doub N N 39  
ARG NH1 HH11 sing N N 40  
ARG NH1 HH12 sing N N 41  
ARG NH2 HH21 sing N N 42  
ARG NH2 HH22 sing N N 43  
ARG OXT HXT  sing N N 44  
ASN N   CA   sing N N 45  
ASN N   H    sing N N 46  
ASN N   H2   sing N N 47  
ASN CA  C    sing N N 48  
ASN CA  CB   sing N N 49  
ASN CA  HA   sing N N 50  
ASN C   O    doub N N 51  
ASN C   OXT  sing N N 52  
ASN CB  CG   sing N N 53  
ASN CB  HB2  sing N N 54  
ASN CB  HB3  sing N N 55  
ASN CG  OD1  doub N N 56  
ASN CG  ND2  sing N N 57  
ASN ND2 HD21 sing N N 58  
ASN ND2 HD22 sing N N 59  
ASN OXT HXT  sing N N 60  
ASP N   CA   sing N N 61  
ASP N   H    sing N N 62  
ASP N   H2   sing N N 63  
ASP CA  C    sing N N 64  
ASP CA  CB   sing N N 65  
ASP CA  HA   sing N N 66  
ASP C   O    doub N N 67  
ASP C   OXT  sing N N 68  
ASP CB  CG   sing N N 69  
ASP CB  HB2  sing N N 70  
ASP CB  HB3  sing N N 71  
ASP CG  OD1  doub N N 72  
ASP CG  OD2  sing N N 73  
ASP OD2 HD2  sing N N 74  
ASP OXT HXT  sing N N 75  
CYS N   CA   sing N N 76  
CYS N   H    sing N N 77  
CYS N   H2   sing N N 78  
CYS CA  C    sing N N 79  
CYS CA  CB   sing N N 80  
CYS CA  HA   sing N N 81  
CYS C   O    doub N N 82  
CYS C   OXT  sing N N 83  
CYS CB  SG   sing N N 84  
CYS CB  HB2  sing N N 85  
CYS CB  HB3  sing N N 86  
CYS SG  HG   sing N N 87  
CYS OXT HXT  sing N N 88  
GLN N   CA   sing N N 89  
GLN N   H    sing N N 90  
GLN N   H2   sing N N 91  
GLN CA  C    sing N N 92  
GLN CA  CB   sing N N 93  
GLN CA  HA   sing N N 94  
GLN C   O    doub N N 95  
GLN C   OXT  sing N N 96  
GLN CB  CG   sing N N 97  
GLN CB  HB2  sing N N 98  
GLN CB  HB3  sing N N 99  
GLN CG  CD   sing N N 100 
GLN CG  HG2  sing N N 101 
GLN CG  HG3  sing N N 102 
GLN CD  OE1  doub N N 103 
GLN CD  NE2  sing N N 104 
GLN NE2 HE21 sing N N 105 
GLN NE2 HE22 sing N N 106 
GLN OXT HXT  sing N N 107 
GLU N   CA   sing N N 108 
GLU N   H    sing N N 109 
GLU N   H2   sing N N 110 
GLU CA  C    sing N N 111 
GLU CA  CB   sing N N 112 
GLU CA  HA   sing N N 113 
GLU C   O    doub N N 114 
GLU C   OXT  sing N N 115 
GLU CB  CG   sing N N 116 
GLU CB  HB2  sing N N 117 
GLU CB  HB3  sing N N 118 
GLU CG  CD   sing N N 119 
GLU CG  HG2  sing N N 120 
GLU CG  HG3  sing N N 121 
GLU CD  OE1  doub N N 122 
GLU CD  OE2  sing N N 123 
GLU OE2 HE2  sing N N 124 
GLU OXT HXT  sing N N 125 
GLY N   CA   sing N N 126 
GLY N   H    sing N N 127 
GLY N   H2   sing N N 128 
GLY CA  C    sing N N 129 
GLY CA  HA2  sing N N 130 
GLY CA  HA3  sing N N 131 
GLY C   O    doub N N 132 
GLY C   OXT  sing N N 133 
GLY OXT HXT  sing N N 134 
HEC FE  NA   sing N N 135 
HEC FE  NB   sing N N 136 
HEC FE  NC   sing N N 137 
HEC FE  ND   sing N N 138 
HEC CHA C1A  doub N N 139 
HEC CHA C4D  sing N N 140 
HEC CHA HHA  sing N N 141 
HEC CHB C4A  doub N N 142 
HEC CHB C1B  sing N N 143 
HEC CHB HHB  sing N N 144 
HEC CHC C4B  doub N N 145 
HEC CHC C1C  sing N N 146 
HEC CHC HHC  sing N N 147 
HEC CHD C4C  doub N N 148 
HEC CHD C1D  sing N N 149 
HEC CHD HHD  sing N N 150 
HEC NA  C1A  sing Y N 151 
HEC NA  C4A  sing Y N 152 
HEC C1A C2A  sing Y N 153 
HEC C2A C3A  doub Y N 154 
HEC C2A CAA  sing N N 155 
HEC C3A C4A  sing Y N 156 
HEC C3A CMA  sing N N 157 
HEC CMA HMA1 sing N N 158 
HEC CMA HMA2 sing N N 159 
HEC CMA HMA3 sing N N 160 
HEC CAA CBA  sing N N 161 
HEC CAA HAA1 sing N N 162 
HEC CAA HAA2 sing N N 163 
HEC CBA CGA  sing N N 164 
HEC CBA HBA1 sing N N 165 
HEC CBA HBA2 sing N N 166 
HEC CGA O1A  doub N N 167 
HEC CGA O2A  sing N N 168 
HEC O2A H2A  sing N N 169 
HEC NB  C1B  sing Y N 170 
HEC NB  C4B  sing Y N 171 
HEC C1B C2B  doub Y N 172 
HEC C2B C3B  sing Y N 173 
HEC C2B CMB  sing N N 174 
HEC C3B C4B  sing Y N 175 
HEC C3B CAB  doub N E 176 
HEC CMB HMB1 sing N N 177 
HEC CMB HMB2 sing N N 178 
HEC CMB HMB3 sing N N 179 
HEC CAB CBB  sing N N 180 
HEC CAB HAB  sing N N 181 
HEC CBB HBB1 sing N N 182 
HEC CBB HBB2 sing N N 183 
HEC CBB HBB3 sing N N 184 
HEC NC  C1C  sing Y N 185 
HEC NC  C4C  sing Y N 186 
HEC C1C C2C  doub Y N 187 
HEC C2C C3C  sing Y N 188 
HEC C2C CMC  sing N N 189 
HEC C3C C4C  sing Y N 190 
HEC C3C CAC  doub N E 191 
HEC CMC HMC1 sing N N 192 
HEC CMC HMC2 sing N N 193 
HEC CMC HMC3 sing N N 194 
HEC CAC CBC  sing N N 195 
HEC CAC HAC  sing N N 196 
HEC CBC HBC1 sing N N 197 
HEC CBC HBC2 sing N N 198 
HEC CBC HBC3 sing N N 199 
HEC ND  C1D  sing Y N 200 
HEC ND  C4D  sing Y N 201 
HEC C1D C2D  doub Y N 202 
HEC C2D C3D  sing Y N 203 
HEC C2D CMD  sing N N 204 
HEC C3D C4D  doub Y N 205 
HEC C3D CAD  sing N N 206 
HEC CMD HMD1 sing N N 207 
HEC CMD HMD2 sing N N 208 
HEC CMD HMD3 sing N N 209 
HEC CAD CBD  sing N N 210 
HEC CAD HAD1 sing N N 211 
HEC CAD HAD2 sing N N 212 
HEC CBD CGD  sing N N 213 
HEC CBD HBD1 sing N N 214 
HEC CBD HBD2 sing N N 215 
HEC CGD O1D  doub N N 216 
HEC CGD O2D  sing N N 217 
HEC O2D H2D  sing N N 218 
HIS N   CA   sing N N 219 
HIS N   H    sing N N 220 
HIS N   H2   sing N N 221 
HIS CA  C    sing N N 222 
HIS CA  CB   sing N N 223 
HIS CA  HA   sing N N 224 
HIS C   O    doub N N 225 
HIS C   OXT  sing N N 226 
HIS CB  CG   sing N N 227 
HIS CB  HB2  sing N N 228 
HIS CB  HB3  sing N N 229 
HIS CG  ND1  sing Y N 230 
HIS CG  CD2  doub Y N 231 
HIS ND1 CE1  doub Y N 232 
HIS ND1 HD1  sing N N 233 
HIS CD2 NE2  sing Y N 234 
HIS CD2 HD2  sing N N 235 
HIS CE1 NE2  sing Y N 236 
HIS CE1 HE1  sing N N 237 
HIS NE2 HE2  sing N N 238 
HIS OXT HXT  sing N N 239 
HOH O   H1   sing N N 240 
HOH O   H2   sing N N 241 
ILE N   CA   sing N N 242 
ILE N   H    sing N N 243 
ILE N   H2   sing N N 244 
ILE CA  C    sing N N 245 
ILE CA  CB   sing N N 246 
ILE CA  HA   sing N N 247 
ILE C   O    doub N N 248 
ILE C   OXT  sing N N 249 
ILE CB  CG1  sing N N 250 
ILE CB  CG2  sing N N 251 
ILE CB  HB   sing N N 252 
ILE CG1 CD1  sing N N 253 
ILE CG1 HG12 sing N N 254 
ILE CG1 HG13 sing N N 255 
ILE CG2 HG21 sing N N 256 
ILE CG2 HG22 sing N N 257 
ILE CG2 HG23 sing N N 258 
ILE CD1 HD11 sing N N 259 
ILE CD1 HD12 sing N N 260 
ILE CD1 HD13 sing N N 261 
ILE OXT HXT  sing N N 262 
LEU N   CA   sing N N 263 
LEU N   H    sing N N 264 
LEU N   H2   sing N N 265 
LEU CA  C    sing N N 266 
LEU CA  CB   sing N N 267 
LEU CA  HA   sing N N 268 
LEU C   O    doub N N 269 
LEU C   OXT  sing N N 270 
LEU CB  CG   sing N N 271 
LEU CB  HB2  sing N N 272 
LEU CB  HB3  sing N N 273 
LEU CG  CD1  sing N N 274 
LEU CG  CD2  sing N N 275 
LEU CG  HG   sing N N 276 
LEU CD1 HD11 sing N N 277 
LEU CD1 HD12 sing N N 278 
LEU CD1 HD13 sing N N 279 
LEU CD2 HD21 sing N N 280 
LEU CD2 HD22 sing N N 281 
LEU CD2 HD23 sing N N 282 
LEU OXT HXT  sing N N 283 
LYS N   CA   sing N N 284 
LYS N   H    sing N N 285 
LYS N   H2   sing N N 286 
LYS CA  C    sing N N 287 
LYS CA  CB   sing N N 288 
LYS CA  HA   sing N N 289 
LYS C   O    doub N N 290 
LYS C   OXT  sing N N 291 
LYS CB  CG   sing N N 292 
LYS CB  HB2  sing N N 293 
LYS CB  HB3  sing N N 294 
LYS CG  CD   sing N N 295 
LYS CG  HG2  sing N N 296 
LYS CG  HG3  sing N N 297 
LYS CD  CE   sing N N 298 
LYS CD  HD2  sing N N 299 
LYS CD  HD3  sing N N 300 
LYS CE  NZ   sing N N 301 
LYS CE  HE2  sing N N 302 
LYS CE  HE3  sing N N 303 
LYS NZ  HZ1  sing N N 304 
LYS NZ  HZ2  sing N N 305 
LYS NZ  HZ3  sing N N 306 
LYS OXT HXT  sing N N 307 
M3L N   CA   sing N N 308 
M3L N   H    sing N N 309 
M3L N   H2   sing N N 310 
M3L CA  CB   sing N N 311 
M3L CA  C    sing N N 312 
M3L CA  HA   sing N N 313 
M3L CB  CG   sing N N 314 
M3L CB  HB2  sing N N 315 
M3L CB  HB3  sing N N 316 
M3L CG  CD   sing N N 317 
M3L CG  HG2  sing N N 318 
M3L CG  HG3  sing N N 319 
M3L CD  CE   sing N N 320 
M3L CD  HD2  sing N N 321 
M3L CD  HD3  sing N N 322 
M3L CE  NZ   sing N N 323 
M3L CE  HE2  sing N N 324 
M3L CE  HE3  sing N N 325 
M3L NZ  CM1  sing N N 326 
M3L NZ  CM2  sing N N 327 
M3L NZ  CM3  sing N N 328 
M3L C   O    doub N N 329 
M3L C   OXT  sing N N 330 
M3L OXT HXT  sing N N 331 
M3L CM1 HM11 sing N N 332 
M3L CM1 HM12 sing N N 333 
M3L CM1 HM13 sing N N 334 
M3L CM2 HM21 sing N N 335 
M3L CM2 HM22 sing N N 336 
M3L CM2 HM23 sing N N 337 
M3L CM3 HM31 sing N N 338 
M3L CM3 HM32 sing N N 339 
M3L CM3 HM33 sing N N 340 
MET N   CA   sing N N 341 
MET N   H    sing N N 342 
MET N   H2   sing N N 343 
MET CA  C    sing N N 344 
MET CA  CB   sing N N 345 
MET CA  HA   sing N N 346 
MET C   O    doub N N 347 
MET C   OXT  sing N N 348 
MET CB  CG   sing N N 349 
MET CB  HB2  sing N N 350 
MET CB  HB3  sing N N 351 
MET CG  SD   sing N N 352 
MET CG  HG2  sing N N 353 
MET CG  HG3  sing N N 354 
MET SD  CE   sing N N 355 
MET CE  HE1  sing N N 356 
MET CE  HE2  sing N N 357 
MET CE  HE3  sing N N 358 
MET OXT HXT  sing N N 359 
PHE N   CA   sing N N 360 
PHE N   H    sing N N 361 
PHE N   H2   sing N N 362 
PHE CA  C    sing N N 363 
PHE CA  CB   sing N N 364 
PHE CA  HA   sing N N 365 
PHE C   O    doub N N 366 
PHE C   OXT  sing N N 367 
PHE CB  CG   sing N N 368 
PHE CB  HB2  sing N N 369 
PHE CB  HB3  sing N N 370 
PHE CG  CD1  doub Y N 371 
PHE CG  CD2  sing Y N 372 
PHE CD1 CE1  sing Y N 373 
PHE CD1 HD1  sing N N 374 
PHE CD2 CE2  doub Y N 375 
PHE CD2 HD2  sing N N 376 
PHE CE1 CZ   doub Y N 377 
PHE CE1 HE1  sing N N 378 
PHE CE2 CZ   sing Y N 379 
PHE CE2 HE2  sing N N 380 
PHE CZ  HZ   sing N N 381 
PHE OXT HXT  sing N N 382 
PRO N   CA   sing N N 383 
PRO N   CD   sing N N 384 
PRO N   H    sing N N 385 
PRO CA  C    sing N N 386 
PRO CA  CB   sing N N 387 
PRO CA  HA   sing N N 388 
PRO C   O    doub N N 389 
PRO C   OXT  sing N N 390 
PRO CB  CG   sing N N 391 
PRO CB  HB2  sing N N 392 
PRO CB  HB3  sing N N 393 
PRO CG  CD   sing N N 394 
PRO CG  HG2  sing N N 395 
PRO CG  HG3  sing N N 396 
PRO CD  HD2  sing N N 397 
PRO CD  HD3  sing N N 398 
PRO OXT HXT  sing N N 399 
SER N   CA   sing N N 400 
SER N   H    sing N N 401 
SER N   H2   sing N N 402 
SER CA  C    sing N N 403 
SER CA  CB   sing N N 404 
SER CA  HA   sing N N 405 
SER C   O    doub N N 406 
SER C   OXT  sing N N 407 
SER CB  OG   sing N N 408 
SER CB  HB2  sing N N 409 
SER CB  HB3  sing N N 410 
SER OG  HG   sing N N 411 
SER OXT HXT  sing N N 412 
THR N   CA   sing N N 413 
THR N   H    sing N N 414 
THR N   H2   sing N N 415 
THR CA  C    sing N N 416 
THR CA  CB   sing N N 417 
THR CA  HA   sing N N 418 
THR C   O    doub N N 419 
THR C   OXT  sing N N 420 
THR CB  OG1  sing N N 421 
THR CB  CG2  sing N N 422 
THR CB  HB   sing N N 423 
THR OG1 HG1  sing N N 424 
THR CG2 HG21 sing N N 425 
THR CG2 HG22 sing N N 426 
THR CG2 HG23 sing N N 427 
THR OXT HXT  sing N N 428 
TRP N   CA   sing N N 429 
TRP N   H    sing N N 430 
TRP N   H2   sing N N 431 
TRP CA  C    sing N N 432 
TRP CA  CB   sing N N 433 
TRP CA  HA   sing N N 434 
TRP C   O    doub N N 435 
TRP C   OXT  sing N N 436 
TRP CB  CG   sing N N 437 
TRP CB  HB2  sing N N 438 
TRP CB  HB3  sing N N 439 
TRP CG  CD1  doub Y N 440 
TRP CG  CD2  sing Y N 441 
TRP CD1 NE1  sing Y N 442 
TRP CD1 HD1  sing N N 443 
TRP CD2 CE2  doub Y N 444 
TRP CD2 CE3  sing Y N 445 
TRP NE1 CE2  sing Y N 446 
TRP NE1 HE1  sing N N 447 
TRP CE2 CZ2  sing Y N 448 
TRP CE3 CZ3  doub Y N 449 
TRP CE3 HE3  sing N N 450 
TRP CZ2 CH2  doub Y N 451 
TRP CZ2 HZ2  sing N N 452 
TRP CZ3 CH2  sing Y N 453 
TRP CZ3 HZ3  sing N N 454 
TRP CH2 HH2  sing N N 455 
TRP OXT HXT  sing N N 456 
TYR N   CA   sing N N 457 
TYR N   H    sing N N 458 
TYR N   H2   sing N N 459 
TYR CA  C    sing N N 460 
TYR CA  CB   sing N N 461 
TYR CA  HA   sing N N 462 
TYR C   O    doub N N 463 
TYR C   OXT  sing N N 464 
TYR CB  CG   sing N N 465 
TYR CB  HB2  sing N N 466 
TYR CB  HB3  sing N N 467 
TYR CG  CD1  doub Y N 468 
TYR CG  CD2  sing Y N 469 
TYR CD1 CE1  sing Y N 470 
TYR CD1 HD1  sing N N 471 
TYR CD2 CE2  doub Y N 472 
TYR CD2 HD2  sing N N 473 
TYR CE1 CZ   doub Y N 474 
TYR CE1 HE1  sing N N 475 
TYR CE2 CZ   sing Y N 476 
TYR CE2 HE2  sing N N 477 
TYR CZ  OH   sing N N 478 
TYR OH  HH   sing N N 479 
TYR OXT HXT  sing N N 480 
VAL N   CA   sing N N 481 
VAL N   H    sing N N 482 
VAL N   H2   sing N N 483 
VAL CA  C    sing N N 484 
VAL CA  CB   sing N N 485 
VAL CA  HA   sing N N 486 
VAL C   O    doub N N 487 
VAL C   OXT  sing N N 488 
VAL CB  CG1  sing N N 489 
VAL CB  CG2  sing N N 490 
VAL CB  HB   sing N N 491 
VAL CG1 HG11 sing N N 492 
VAL CG1 HG12 sing N N 493 
VAL CG1 HG13 sing N N 494 
VAL CG2 HG21 sing N N 495 
VAL CG2 HG22 sing N N 496 
VAL CG2 HG23 sing N N 497 
VAL OXT HXT  sing N N 498 
# 
_atom_sites.entry_id                    1CCR 
_atom_sites.fract_transf_matrix[1][1]   0.00507275 
_atom_sites.fract_transf_matrix[1][2]   0.01298853 
_atom_sites.fract_transf_matrix[1][3]   -0.02238749 
_atom_sites.fract_transf_matrix[2][1]   -0.01109776 
_atom_sites.fract_transf_matrix[2][2]   -0.00784597 
_atom_sites.fract_transf_matrix[2][3]   -0.02260357 
_atom_sites.fract_transf_matrix[3][1]   -0.00707794 
_atom_sites.fract_transf_matrix[3][2]   0.00547715 
_atom_sites.fract_transf_matrix[3][3]   0.00157390 
_atom_sites.fract_transf_vector[1]      0.241665 
_atom_sites.fract_transf_vector[2]      0.546538 
_atom_sites.fract_transf_vector[3]      0.238884 
# 
loop_
_atom_sites_footnote.id 
_atom_sites_footnote.text 
1 'RESIDUE LYS 80 AND TML 2 FORM EPSILON-N-TRIMETHYLLYSINE. SEE REMARK 4 ABOVE.' 
2 'RESIDUE LYS 94 AND TML 3 FORM EPSILON-N-TRIMETHYLLYSINE. SEE REMARK 4 ABOVE.' 
# 
loop_
_atom_type.symbol 
C  
FE 
N  
O  
S  
# 
loop_
_atom_site.group_PDB 
_atom_site.id 
_atom_site.type_symbol 
_atom_site.label_atom_id 
_atom_site.label_alt_id 
_atom_site.label_comp_id 
_atom_site.label_asym_id 
_atom_site.label_entity_id 
_atom_site.label_seq_id 
_atom_site.pdbx_PDB_ins_code 
_atom_site.Cartn_x 
_atom_site.Cartn_y 
_atom_site.Cartn_z 
_atom_site.occupancy 
_atom_site.B_iso_or_equiv 
_atom_site.pdbx_formal_charge 
_atom_site.auth_seq_id 
_atom_site.auth_comp_id 
_atom_site.auth_asym_id 
_atom_site.auth_atom_id 
_atom_site.pdbx_PDB_model_num 
HETATM 1   C  C   . ACE A 1 1   ? -16.078 6.269   0.066   1.00 14.18 ? 0   ACE A C   1 
HETATM 2   O  O   . ACE A 1 1   ? -14.847 6.376   0.205   1.00 13.96 ? 0   ACE A O   1 
HETATM 3   C  CH3 . ACE A 1 1   ? -16.721 6.112   -1.280  1.00 14.31 ? 0   ACE A CH3 1 
ATOM   4   N  N   . ALA A 1 2   ? -16.888 6.306   1.126   1.00 13.99 ? 1   ALA A N   1 
ATOM   5   C  CA  . ALA A 1 2   ? -16.359 6.628   2.449   1.00 14.03 ? 1   ALA A CA  1 
ATOM   6   C  C   . ALA A 1 2   ? -15.551 5.427   2.978   1.00 14.06 ? 1   ALA A C   1 
ATOM   7   O  O   . ALA A 1 2   ? -14.687 5.581   3.874   1.00 14.65 ? 1   ALA A O   1 
ATOM   8   C  CB  . ALA A 1 2   ? -17.473 6.937   3.418   1.00 13.89 ? 1   ALA A CB  1 
ATOM   9   N  N   . SER A 1 3   ? -15.912 4.297   2.456   1.00 13.27 ? 2   SER A N   1 
ATOM   10  C  CA  . SER A 1 3   ? -15.267 3.034   2.772   1.00 13.03 ? 2   SER A CA  1 
ATOM   11  C  C   . SER A 1 3   ? -15.113 2.173   1.520   1.00 12.51 ? 2   SER A C   1 
ATOM   12  O  O   . SER A 1 3   ? -15.743 2.376   0.470   1.00 11.73 ? 2   SER A O   1 
ATOM   13  C  CB  . SER A 1 3   ? -16.059 2.293   3.851   1.00 13.52 ? 2   SER A CB  1 
ATOM   14  O  OG  . SER A 1 3   ? -17.289 1.855   3.354   1.00 14.10 ? 2   SER A OG  1 
ATOM   15  N  N   . PHE A 1 4   ? -14.260 1.151   1.659   1.00 12.19 ? 3   PHE A N   1 
ATOM   16  C  CA  . PHE A 1 4   ? -13.960 0.270   0.533   1.00 12.14 ? 3   PHE A CA  1 
ATOM   17  C  C   . PHE A 1 4   ? -15.265 -0.268  -0.093  1.00 13.01 ? 3   PHE A C   1 
ATOM   18  O  O   . PHE A 1 4   ? -15.398 -0.464  -1.280  1.00 12.40 ? 3   PHE A O   1 
ATOM   19  C  CB  . PHE A 1 4   ? -12.981 -0.869  0.855   1.00 11.56 ? 3   PHE A CB  1 
ATOM   20  C  CG  . PHE A 1 4   ? -12.594 -1.640  -0.363  1.00 10.65 ? 3   PHE A CG  1 
ATOM   21  C  CD1 . PHE A 1 4   ? -13.080 -2.934  -0.565  1.00 10.41 ? 3   PHE A CD1 1 
ATOM   22  C  CD2 . PHE A 1 4   ? -11.780 -1.047  -1.334  1.00 10.52 ? 3   PHE A CD2 1 
ATOM   23  C  CE1 . PHE A 1 4   ? -12.751 -3.638  -1.708  1.00 9.97  ? 3   PHE A CE1 1 
ATOM   24  C  CE2 . PHE A 1 4   ? -11.459 -1.741  -2.512  1.00 10.16 ? 3   PHE A CE2 1 
ATOM   25  C  CZ  . PHE A 1 4   ? -11.946 -3.044  -2.685  1.00 10.37 ? 3   PHE A CZ  1 
ATOM   26  N  N   . SER A 1 5   ? -16.166 -0.543  0.816   1.00 13.98 ? 4   SER A N   1 
ATOM   27  C  CA  . SER A 1 5   ? -17.467 -1.075  0.526   1.00 15.40 ? 4   SER A CA  1 
ATOM   28  C  C   . SER A 1 5   ? -18.264 -0.285  -0.504  1.00 15.17 ? 4   SER A C   1 
ATOM   29  O  O   . SER A 1 5   ? -19.036 -0.918  -1.222  1.00 15.50 ? 4   SER A O   1 
ATOM   30  C  CB  . SER A 1 5   ? -18.280 -0.946  1.887   1.00 16.09 ? 4   SER A CB  1 
ATOM   31  O  OG  . SER A 1 5   ? -18.832 -2.209  2.057   1.00 17.91 ? 4   SER A OG  1 
ATOM   32  N  N   . GLU A 1 6   ? -18.111 0.994   -0.465  1.00 15.40 ? 5   GLU A N   1 
ATOM   33  C  CA  . GLU A 1 6   ? -18.829 1.956   -1.300  1.00 15.50 ? 5   GLU A CA  1 
ATOM   34  C  C   . GLU A 1 6   ? -18.014 2.474   -2.484  1.00 14.18 ? 5   GLU A C   1 
ATOM   35  O  O   . GLU A 1 6   ? -18.527 3.260   -3.278  1.00 13.68 ? 5   GLU A O   1 
ATOM   36  C  CB  . GLU A 1 6   ? -19.149 3.213   -0.497  1.00 17.61 ? 5   GLU A CB  1 
ATOM   37  C  CG  . GLU A 1 6   ? -20.046 3.372   0.691   1.00 20.43 ? 5   GLU A CG  1 
ATOM   38  C  CD  . GLU A 1 6   ? -20.481 4.801   0.958   1.00 22.36 ? 5   GLU A CD  1 
ATOM   39  O  OE1 . GLU A 1 6   ? -19.812 5.844   0.872   1.00 23.44 ? 5   GLU A OE1 1 
ATOM   40  O  OE2 . GLU A 1 6   ? -21.714 4.876   1.261   1.00 23.48 ? 5   GLU A OE2 1 
ATOM   41  N  N   . ALA A 1 7   ? -16.759 2.061   -2.556  1.00 12.56 ? 6   ALA A N   1 
ATOM   42  C  CA  . ALA A 1 7   ? -15.836 2.543   -3.587  1.00 11.31 ? 6   ALA A CA  1 
ATOM   43  C  C   . ALA A 1 7   ? -16.148 2.030   -4.978  1.00 10.42 ? 6   ALA A C   1 
ATOM   44  O  O   . ALA A 1 7   ? -16.757 0.958   -5.117  1.00 10.84 ? 6   ALA A O   1 
ATOM   45  C  CB  . ALA A 1 7   ? -14.402 2.182   -3.111  1.00 11.37 ? 6   ALA A CB  1 
ATOM   46  N  N   . PRO A 1 8   ? -15.704 2.747   -6.006  1.00 9.88  ? 7   PRO A N   1 
ATOM   47  C  CA  . PRO A 1 8   ? -15.901 2.323   -7.403  1.00 9.68  ? 7   PRO A CA  1 
ATOM   48  C  C   . PRO A 1 8   ? -15.191 1.003   -7.689  1.00 9.73  ? 7   PRO A C   1 
ATOM   49  O  O   . PRO A 1 8   ? -14.207 0.636   -6.999  1.00 9.20  ? 7   PRO A O   1 
ATOM   50  C  CB  . PRO A 1 8   ? -15.245 3.449   -8.198  1.00 9.53  ? 7   PRO A CB  1 
ATOM   51  C  CG  . PRO A 1 8   ? -15.262 4.635   -7.286  1.00 9.35  ? 7   PRO A CG  1 
ATOM   52  C  CD  . PRO A 1 8   ? -15.006 4.033   -5.918  1.00 10.10 ? 7   PRO A CD  1 
ATOM   53  N  N   . PRO A 1 9   ? -15.675 0.280   -8.687  1.00 9.49  ? 8   PRO A N   1 
ATOM   54  C  CA  . PRO A 1 9   ? -14.973 -0.976  -9.107  1.00 9.68  ? 8   PRO A CA  1 
ATOM   55  C  C   . PRO A 1 9   ? -13.569 -0.588  -9.585  1.00 9.78  ? 8   PRO A C   1 
ATOM   56  O  O   . PRO A 1 9   ? -13.334 0.510   -10.088 1.00 10.27 ? 8   PRO A O   1 
ATOM   57  C  CB  . PRO A 1 9   ? -15.796 -1.518  -10.234 1.00 9.63  ? 8   PRO A CB  1 
ATOM   58  C  CG  . PRO A 1 9   ? -16.640 -0.372  -10.710 1.00 10.11 ? 8   PRO A CG  1 
ATOM   59  C  CD  . PRO A 1 9   ? -16.794 0.602   -9.553  1.00 9.57  ? 8   PRO A CD  1 
ATOM   60  N  N   . GLY A 1 10  ? -12.625 -1.516  -9.426  1.00 10.20 ? 9   GLY A N   1 
ATOM   61  C  CA  . GLY A 1 10  ? -11.224 -1.275  -9.747  1.00 10.42 ? 9   GLY A CA  1 
ATOM   62  C  C   . GLY A 1 10  ? -10.794 -1.856  -11.076 1.00 10.82 ? 9   GLY A C   1 
ATOM   63  O  O   . GLY A 1 10  ? -11.284 -2.896  -11.499 1.00 12.03 ? 9   GLY A O   1 
ATOM   64  N  N   . ASN A 1 11  ? -9.914  -1.153  -11.750 1.00 10.84 ? 10  ASN A N   1 
ATOM   65  C  CA  . ASN A 1 11  ? -9.357  -1.537  -13.044 1.00 11.17 ? 10  ASN A CA  1 
ATOM   66  C  C   . ASN A 1 11  ? -7.818  -1.592  -12.836 1.00 10.94 ? 10  ASN A C   1 
ATOM   67  O  O   . ASN A 1 11  ? -7.200  -0.556  -12.723 1.00 10.86 ? 10  ASN A O   1 
ATOM   68  C  CB  . ASN A 1 11  ? -9.739  -0.481  -14.096 1.00 11.59 ? 10  ASN A CB  1 
ATOM   69  C  CG  . ASN A 1 11  ? -9.189  -0.817  -15.456 1.00 12.46 ? 10  ASN A CG  1 
ATOM   70  O  OD1 . ASN A 1 11  ? -8.165  -1.518  -15.588 1.00 13.40 ? 10  ASN A OD1 1 
ATOM   71  N  ND2 . ASN A 1 11  ? -9.801  -0.352  -16.534 1.00 12.04 ? 10  ASN A ND2 1 
ATOM   72  N  N   . PRO A 1 12  ? -7.293  -2.825  -12.868 1.00 11.05 ? 11  PRO A N   1 
ATOM   73  C  CA  . PRO A 1 12  ? -5.863  -2.997  -12.668 1.00 11.29 ? 11  PRO A CA  1 
ATOM   74  C  C   . PRO A 1 12  ? -4.991  -2.322  -13.681 1.00 11.34 ? 11  PRO A C   1 
ATOM   75  O  O   . PRO A 1 12  ? -3.841  -2.020  -13.238 1.00 11.19 ? 11  PRO A O   1 
ATOM   76  C  CB  . PRO A 1 12  ? -5.651  -4.491  -12.538 1.00 10.83 ? 11  PRO A CB  1 
ATOM   77  C  CG  . PRO A 1 12  ? -6.882  -5.132  -13.059 1.00 11.42 ? 11  PRO A CG  1 
ATOM   78  C  CD  . PRO A 1 12  ? -8.000  -4.081  -13.022 1.00 11.09 ? 11  PRO A CD  1 
ATOM   79  N  N   . LYS A 1 13  ? -5.392  -2.082  -14.909 1.00 11.95 ? 12  LYS A N   1 
ATOM   80  C  CA  . LYS A 1 13  ? -4.558  -1.366  -15.889 1.00 12.54 ? 12  LYS A CA  1 
ATOM   81  C  C   . LYS A 1 13  ? -4.391  0.090   -15.419 1.00 11.91 ? 12  LYS A C   1 
ATOM   82  O  O   . LYS A 1 13  ? -3.293  0.664   -15.403 1.00 12.05 ? 12  LYS A O   1 
ATOM   83  C  CB  . LYS A 1 13  ? -5.020  -1.248  -17.291 1.00 14.53 ? 12  LYS A CB  1 
ATOM   84  C  CG  . LYS A 1 13  ? -5.475  -2.289  -18.196 1.00 16.80 ? 12  LYS A CG  1 
ATOM   85  C  CD  . LYS A 1 13  ? -6.113  -1.587  -19.450 1.00 18.66 ? 12  LYS A CD  1 
ATOM   86  C  CE  . LYS A 1 13  ? -6.799  -2.707  -20.275 1.00 19.65 ? 12  LYS A CE  1 
ATOM   87  N  NZ  . LYS A 1 13  ? -6.712  -2.305  -21.727 1.00 20.82 ? 12  LYS A NZ  1 
ATOM   88  N  N   . ALA A 1 14  ? -5.525  0.681   -15.079 1.00 10.99 ? 13  ALA A N   1 
ATOM   89  C  CA  . ALA A 1 14  ? -5.520  2.044   -14.526 1.00 10.65 ? 13  ALA A CA  1 
ATOM   90  C  C   . ALA A 1 14  ? -4.657  2.086   -13.262 1.00 10.79 ? 13  ALA A C   1 
ATOM   91  O  O   . ALA A 1 14  ? -3.897  3.030   -13.045 1.00 10.96 ? 13  ALA A O   1 
ATOM   92  C  CB  . ALA A 1 14  ? -6.935  2.463   -14.208 1.00 10.88 ? 13  ALA A CB  1 
ATOM   93  N  N   . GLY A 1 15  ? -4.762  1.073   -12.434 1.00 10.53 ? 14  GLY A N   1 
ATOM   94  C  CA  . GLY A 1 15  ? -4.020  0.958   -11.152 1.00 10.83 ? 14  GLY A CA  1 
ATOM   95  C  C   . GLY A 1 15  ? -2.512  0.862   -11.334 1.00 10.72 ? 14  GLY A C   1 
ATOM   96  O  O   . GLY A 1 15  ? -1.735  1.420   -10.564 1.00 10.80 ? 14  GLY A O   1 
ATOM   97  N  N   . GLU A 1 16  ? -2.093  0.201   -12.375 1.00 11.63 ? 15  GLU A N   1 
ATOM   98  C  CA  . GLU A 1 16  ? -0.711  0.091   -12.792 1.00 12.72 ? 15  GLU A CA  1 
ATOM   99  C  C   . GLU A 1 16  ? -0.102  1.444   -13.099 1.00 12.21 ? 15  GLU A C   1 
ATOM   100 O  O   . GLU A 1 16  ? 1.063   1.672   -12.711 1.00 11.18 ? 15  GLU A O   1 
ATOM   101 C  CB  . GLU A 1 16  ? -0.576  -0.790  -14.052 1.00 14.22 ? 15  GLU A CB  1 
ATOM   102 C  CG  . GLU A 1 16  ? 0.893   -1.125  -14.392 1.00 16.77 ? 15  GLU A CG  1 
ATOM   103 C  CD  . GLU A 1 16  ? 1.077   -2.144  -15.480 1.00 18.44 ? 15  GLU A CD  1 
ATOM   104 O  OE1 . GLU A 1 16  ? 0.194   -2.537  -16.226 1.00 19.23 ? 15  GLU A OE1 1 
ATOM   105 O  OE2 . GLU A 1 16  ? 2.288   -2.553  -15.565 1.00 19.46 ? 15  GLU A OE2 1 
ATOM   106 N  N   . LYS A 1 17  ? -0.800  2.301   -13.810 1.00 12.15 ? 16  LYS A N   1 
ATOM   107 C  CA  . LYS A 1 17  ? -0.352  3.650   -14.127 1.00 12.72 ? 16  LYS A CA  1 
ATOM   108 C  C   . LYS A 1 17  ? -0.056  4.418   -12.841 1.00 11.89 ? 16  LYS A C   1 
ATOM   109 O  O   . LYS A 1 17  ? 0.906   5.115   -12.643 1.00 11.76 ? 16  LYS A O   1 
ATOM   110 C  CB  . LYS A 1 17  ? -1.453  4.441   -14.885 1.00 14.34 ? 16  LYS A CB  1 
ATOM   111 C  CG  . LYS A 1 17  ? -1.448  4.104   -16.366 1.00 16.76 ? 16  LYS A CG  1 
ATOM   112 C  CD  . LYS A 1 17  ? -2.514  4.910   -17.148 1.00 18.29 ? 16  LYS A CD  1 
ATOM   113 C  CE  . LYS A 1 17  ? -3.926  4.524   -16.717 1.00 19.32 ? 16  LYS A CE  1 
ATOM   114 N  NZ  . LYS A 1 17  ? -4.907  5.271   -17.557 1.00 20.58 ? 16  LYS A NZ  1 
ATOM   115 N  N   . ILE A 1 18  ? -1.037  4.287   -11.916 1.00 11.41 ? 17  ILE A N   1 
ATOM   116 C  CA  . ILE A 1 18  ? -0.950  4.929   -10.625 1.00 10.88 ? 17  ILE A CA  1 
ATOM   117 C  C   . ILE A 1 18  ? 0.299   4.458   -9.826  1.00 10.38 ? 17  ILE A C   1 
ATOM   118 O  O   . ILE A 1 18  ? 1.018   5.283   -9.297  1.00 10.48 ? 17  ILE A O   1 
ATOM   119 C  CB  . ILE A 1 18  ? -2.247  4.793   -9.779  1.00 10.52 ? 17  ILE A CB  1 
ATOM   120 C  CG1 . ILE A 1 18  ? -3.420  5.422   -10.608 1.00 10.88 ? 17  ILE A CG1 1 
ATOM   121 C  CG2 . ILE A 1 18  ? -2.122  5.447   -8.392  1.00 10.06 ? 17  ILE A CG2 1 
ATOM   122 C  CD1 . ILE A 1 18  ? -4.805  5.163   -9.966  1.00 11.13 ? 17  ILE A CD1 1 
ATOM   123 N  N   . PHE A 1 19  ? 0.435   3.141   -9.757  1.00 9.95  ? 18  PHE A N   1 
ATOM   124 C  CA  . PHE A 1 19  ? 1.568   2.540   -9.051  1.00 10.12 ? 18  PHE A CA  1 
ATOM   125 C  C   . PHE A 1 19  ? 2.901   3.061   -9.595  1.00 10.18 ? 18  PHE A C   1 
ATOM   126 O  O   . PHE A 1 19  ? 3.743   3.494   -8.809  1.00 10.34 ? 18  PHE A O   1 
ATOM   127 C  CB  . PHE A 1 19  ? 1.522   1.012   -9.112  1.00 10.27 ? 18  PHE A CB  1 
ATOM   128 C  CG  . PHE A 1 19  ? 2.641   0.416   -8.269  1.00 10.42 ? 18  PHE A CG  1 
ATOM   129 C  CD1 . PHE A 1 19  ? 2.474   0.311   -6.900  1.00 10.54 ? 18  PHE A CD1 1 
ATOM   130 C  CD2 . PHE A 1 19  ? 3.855   0.095   -8.872  1.00 10.32 ? 18  PHE A CD2 1 
ATOM   131 C  CE1 . PHE A 1 19  ? 3.516   -0.202  -6.117  1.00 11.06 ? 18  PHE A CE1 1 
ATOM   132 C  CE2 . PHE A 1 19  ? 4.902   -0.380  -8.091  1.00 10.60 ? 18  PHE A CE2 1 
ATOM   133 C  CZ  . PHE A 1 19  ? 4.728   -0.523  -6.716  1.00 10.57 ? 18  PHE A CZ  1 
ATOM   134 N  N   . LYS A 1 20  ? 3.055   2.999   -10.892 1.00 11.05 ? 19  LYS A N   1 
ATOM   135 C  CA  . LYS A 1 20  ? 4.266   3.430   -11.589 1.00 12.08 ? 19  LYS A CA  1 
ATOM   136 C  C   . LYS A 1 20  ? 4.666   4.860   -11.239 1.00 11.94 ? 19  LYS A C   1 
ATOM   137 O  O   . LYS A 1 20  ? 5.818   5.167   -10.912 1.00 12.10 ? 19  LYS A O   1 
ATOM   138 C  CB  . LYS A 1 20  ? 4.100   3.320   -13.105 1.00 13.39 ? 19  LYS A CB  1 
ATOM   139 C  CG  . LYS A 1 20  ? 4.445   1.926   -13.650 1.00 15.42 ? 19  LYS A CG  1 
ATOM   140 C  CD  . LYS A 1 20  ? 4.251   1.914   -15.202 1.00 16.75 ? 19  LYS A CD  1 
ATOM   141 C  CE  . LYS A 1 20  ? 2.844   1.506   -15.549 1.00 18.31 ? 19  LYS A CE  1 
ATOM   142 N  NZ  . LYS A 1 20  ? 2.570   1.471   -17.029 1.00 19.42 ? 19  LYS A NZ  1 
ATOM   143 N  N   . THR A 1 21  ? 3.664   5.729   -11.308 1.00 12.03 ? 20  THR A N   1 
ATOM   144 C  CA  . THR A 1 21  ? 3.933   7.152   -11.081 1.00 12.63 ? 20  THR A CA  1 
ATOM   145 C  C   . THR A 1 21  ? 4.012   7.578   -9.660  1.00 11.82 ? 20  THR A C   1 
ATOM   146 O  O   . THR A 1 21  ? 4.810   8.495   -9.355  1.00 12.44 ? 20  THR A O   1 
ATOM   147 C  CB  . THR A 1 21  ? 2.970   7.987   -12.017 1.00 13.74 ? 20  THR A CB  1 
ATOM   148 O  OG1 . THR A 1 21  ? 1.703   8.014   -11.331 1.00 14.87 ? 20  THR A OG1 1 
ATOM   149 C  CG2 . THR A 1 21  ? 2.837   7.316   -13.405 1.00 13.99 ? 20  THR A CG2 1 
ATOM   150 N  N   . LYS A 1 22  ? 3.314   6.955   -8.739  1.00 11.18 ? 21  LYS A N   1 
ATOM   151 C  CA  . LYS A 1 22  ? 3.291   7.361   -7.359  1.00 11.01 ? 21  LYS A CA  1 
ATOM   152 C  C   . LYS A 1 22  ? 3.896   6.453   -6.322  1.00 9.78  ? 21  LYS A C   1 
ATOM   153 O  O   . LYS A 1 22  ? 4.120   6.966   -5.202  1.00 9.78  ? 21  LYS A O   1 
ATOM   154 C  CB  . LYS A 1 22  ? 1.819   7.725   -6.940  1.00 12.48 ? 21  LYS A CB  1 
ATOM   155 C  CG  . LYS A 1 22  ? 1.251   8.755   -7.922  1.00 14.49 ? 21  LYS A CG  1 
ATOM   156 C  CD  . LYS A 1 22  ? 0.270   9.737   -7.367  1.00 16.36 ? 21  LYS A CD  1 
ATOM   157 C  CE  . LYS A 1 22  ? -0.431  10.489  -8.511  1.00 17.57 ? 21  LYS A CE  1 
ATOM   158 N  NZ  . LYS A 1 22  ? -1.934  10.219  -8.416  1.00 19.12 ? 21  LYS A NZ  1 
ATOM   159 N  N   . CYS A 1 23  ? 4.194   5.190   -6.652  1.00 8.65  ? 22  CYS A N   1 
ATOM   160 C  CA  . CYS A 1 23  ? 4.735   4.289   -5.661  1.00 7.99  ? 22  CYS A CA  1 
ATOM   161 C  C   . CYS A 1 23  ? 6.051   3.561   -6.008  1.00 7.91  ? 22  CYS A C   1 
ATOM   162 O  O   . CYS A 1 23  ? 6.775   3.182   -5.070  1.00 7.53  ? 22  CYS A O   1 
ATOM   163 C  CB  . CYS A 1 23  ? 3.734   3.127   -5.405  1.00 7.29  ? 22  CYS A CB  1 
ATOM   164 S  SG  . CYS A 1 23  ? 1.981   3.632   -5.281  1.00 6.72  ? 22  CYS A SG  1 
ATOM   165 N  N   . ALA A 1 24  ? 6.227   3.329   -7.308  1.00 8.11  ? 23  ALA A N   1 
ATOM   166 C  CA  . ALA A 1 24  ? 7.395   2.536   -7.769  1.00 7.91  ? 23  ALA A CA  1 
ATOM   167 C  C   . ALA A 1 24  ? 8.723   3.054   -7.297  1.00 7.70  ? 23  ALA A C   1 
ATOM   168 O  O   . ALA A 1 24  ? 9.651   2.226   -7.086  1.00 7.80  ? 23  ALA A O   1 
ATOM   169 C  CB  . ALA A 1 24  ? 7.366   2.386   -9.269  1.00 8.32  ? 23  ALA A CB  1 
ATOM   170 N  N   . GLN A 1 25  ? 8.872   4.362   -7.122  1.00 7.67  ? 24  GLN A N   1 
ATOM   171 C  CA  . GLN A 1 25  ? 10.120  4.976   -6.659  1.00 7.30  ? 24  GLN A CA  1 
ATOM   172 C  C   . GLN A 1 25  ? 10.664  4.322   -5.394  1.00 7.40  ? 24  GLN A C   1 
ATOM   173 O  O   . GLN A 1 25  ? 11.890  4.194   -5.187  1.00 7.45  ? 24  GLN A O   1 
ATOM   174 C  CB  . GLN A 1 25  ? 9.888   6.458   -6.356  1.00 7.42  ? 24  GLN A CB  1 
ATOM   175 C  CG  . GLN A 1 25  ? 11.021  7.186   -5.713  1.00 8.50  ? 24  GLN A CG  1 
ATOM   176 C  CD  . GLN A 1 25  ? 10.688  8.563   -5.185  1.00 8.97  ? 24  GLN A CD  1 
ATOM   177 O  OE1 . GLN A 1 25  ? 9.612   9.087   -5.467  1.00 9.02  ? 24  GLN A OE1 1 
ATOM   178 N  NE2 . GLN A 1 25  ? 11.628  9.167   -4.507  1.00 9.59  ? 24  GLN A NE2 1 
ATOM   179 N  N   . CYS A 1 26  ? 9.744   3.951   -4.524  1.00 6.37  ? 25  CYS A N   1 
ATOM   180 C  CA  . CYS A 1 26  ? 10.058  3.429   -3.209  1.00 5.66  ? 25  CYS A CA  1 
ATOM   181 C  C   . CYS A 1 26  ? 9.656   2.004   -2.913  1.00 5.28  ? 25  CYS A C   1 
ATOM   182 O  O   . CYS A 1 26  ? 10.008  1.581   -1.819  1.00 5.15  ? 25  CYS A O   1 
ATOM   183 C  CB  . CYS A 1 26  ? 9.311   4.285   -2.192  1.00 5.90  ? 25  CYS A CB  1 
ATOM   184 S  SG  . CYS A 1 26  ? 9.754   6.030   -2.302  1.00 7.02  ? 25  CYS A SG  1 
ATOM   185 N  N   . HIS A 1 27  ? 8.895   1.392   -3.824  1.00 5.54  ? 26  HIS A N   1 
ATOM   186 C  CA  . HIS A 1 27  ? 8.494   0.019   -3.591  1.00 6.09  ? 26  HIS A CA  1 
ATOM   187 C  C   . HIS A 1 27  ? 8.663   -0.903  -4.806  1.00 6.91  ? 26  HIS A C   1 
ATOM   188 O  O   . HIS A 1 27  ? 8.311   -0.527  -5.902  1.00 7.37  ? 26  HIS A O   1 
ATOM   189 C  CB  . HIS A 1 27  ? 6.938   -0.065  -3.299  1.00 5.85  ? 26  HIS A CB  1 
ATOM   190 C  CG  . HIS A 1 27  ? 6.638   0.639   -1.987  1.00 5.36  ? 26  HIS A CG  1 
ATOM   191 N  ND1 . HIS A 1 27  ? 6.964   0.088   -0.778  1.00 5.56  ? 26  HIS A ND1 1 
ATOM   192 C  CD2 . HIS A 1 27  ? 6.050   1.830   -1.751  1.00 5.72  ? 26  HIS A CD2 1 
ATOM   193 C  CE1 . HIS A 1 27  ? 6.553   0.950   0.166   1.00 5.82  ? 26  HIS A CE1 1 
ATOM   194 N  NE2 . HIS A 1 27  ? 5.974   1.998   -0.375  1.00 5.37  ? 26  HIS A NE2 1 
ATOM   195 N  N   . THR A 1 28  ? 9.086   -2.111  -4.483  1.00 7.56  ? 27  THR A N   1 
ATOM   196 C  CA  . THR A 1 28  ? 9.133   -3.253  -5.364  1.00 7.87  ? 27  THR A CA  1 
ATOM   197 C  C   . THR A 1 28  ? 7.857   -4.075  -5.055  1.00 8.35  ? 27  THR A C   1 
ATOM   198 O  O   . THR A 1 28  ? 7.186   -3.839  -4.042  1.00 8.10  ? 27  THR A O   1 
ATOM   199 C  CB  . THR A 1 28  ? 10.411  -4.159  -5.184  1.00 7.83  ? 27  THR A CB  1 
ATOM   200 O  OG1 . THR A 1 28  ? 10.558  -4.365  -3.756  1.00 8.50  ? 27  THR A OG1 1 
ATOM   201 C  CG2 . THR A 1 28  ? 11.673  -3.542  -5.771  1.00 7.21  ? 27  THR A CG2 1 
ATOM   202 N  N   . VAL A 1 29  ? 7.583   -5.051  -5.892  1.00 8.68  ? 28  VAL A N   1 
ATOM   203 C  CA  . VAL A 1 29  ? 6.406   -5.894  -5.745  1.00 9.37  ? 28  VAL A CA  1 
ATOM   204 C  C   . VAL A 1 29  ? 6.737   -7.376  -6.034  1.00 10.36 ? 28  VAL A C   1 
ATOM   205 O  O   . VAL A 1 29  ? 5.919   -8.227  -5.677  1.00 9.68  ? 28  VAL A O   1 
ATOM   206 C  CB  . VAL A 1 29  ? 5.215   -5.441  -6.619  1.00 8.91  ? 28  VAL A CB  1 
ATOM   207 C  CG1 . VAL A 1 29  ? 4.637   -4.083  -6.307  1.00 8.58  ? 28  VAL A CG1 1 
ATOM   208 C  CG2 . VAL A 1 29  ? 5.545   -5.534  -8.101  1.00 9.20  ? 28  VAL A CG2 1 
ATOM   209 N  N   . ASP A 1 30  ? 7.859   -7.541  -6.713  1.00 12.03 ? 29  ASP A N   1 
ATOM   210 C  CA  . ASP A 1 30  ? 8.284   -8.899  -7.089  1.00 13.31 ? 29  ASP A CA  1 
ATOM   211 C  C   . ASP A 1 30  ? 9.095   -9.556  -5.982  1.00 13.40 ? 29  ASP A C   1 
ATOM   212 O  O   . ASP A 1 30  ? 9.973   -8.977  -5.377  1.00 13.12 ? 29  ASP A O   1 
ATOM   213 C  CB  . ASP A 1 30  ? 9.071   -8.864  -8.397  1.00 14.60 ? 29  ASP A CB  1 
ATOM   214 C  CG  . ASP A 1 30  ? 8.224   -8.425  -9.570  1.00 16.06 ? 29  ASP A CG  1 
ATOM   215 O  OD1 . ASP A 1 30  ? 7.101   -8.919  -9.720  1.00 16.33 ? 29  ASP A OD1 1 
ATOM   216 O  OD2 . ASP A 1 30  ? 8.695   -7.551  -10.326 1.00 17.33 ? 29  ASP A OD2 1 
ATOM   217 N  N   . LYS A 1 31  ? 8.820   -10.846 -5.848  1.00 14.01 ? 30  LYS A N   1 
ATOM   218 C  CA  . LYS A 1 31  ? 9.569   -11.719 -4.963  1.00 14.47 ? 30  LYS A CA  1 
ATOM   219 C  C   . LYS A 1 31  ? 11.024  -11.709 -5.499  1.00 14.11 ? 30  LYS A C   1 
ATOM   220 O  O   . LYS A 1 31  ? 11.245  -11.813 -6.707  1.00 14.08 ? 30  LYS A O   1 
ATOM   221 C  CB  . LYS A 1 31  ? 9.016   -13.135 -5.035  1.00 16.00 ? 30  LYS A CB  1 
ATOM   222 C  CG  . LYS A 1 31  ? 9.164   -13.825 -3.676  1.00 17.76 ? 30  LYS A CG  1 
ATOM   223 C  CD  . LYS A 1 31  ? 8.730   -15.260 -3.691  1.00 19.36 ? 30  LYS A CD  1 
ATOM   224 C  CE  . LYS A 1 31  ? 7.441   -15.494 -2.923  1.00 20.05 ? 30  LYS A CE  1 
ATOM   225 N  NZ  . LYS A 1 31  ? 6.305   -14.981 -3.724  1.00 21.47 ? 30  LYS A NZ  1 
ATOM   226 N  N   . GLY A 1 32  ? 11.958  -11.543 -4.580  1.00 13.55 ? 31  GLY A N   1 
ATOM   227 C  CA  . GLY A 1 32  ? 13.390  -11.532 -4.877  1.00 12.49 ? 31  GLY A CA  1 
ATOM   228 C  C   . GLY A 1 32  ? 13.953  -10.196 -5.257  1.00 11.82 ? 31  GLY A C   1 
ATOM   229 O  O   . GLY A 1 32  ? 15.184  -10.073 -5.381  1.00 11.85 ? 31  GLY A O   1 
ATOM   230 N  N   . ALA A 1 33  ? 13.123  -9.171  -5.404  1.00 10.66 ? 32  ALA A N   1 
ATOM   231 C  CA  . ALA A 1 33  ? 13.533  -7.843  -5.828  1.00 9.87  ? 32  ALA A CA  1 
ATOM   232 C  C   . ALA A 1 33  ? 14.205  -6.950  -4.798  1.00 9.34  ? 32  ALA A C   1 
ATOM   233 O  O   . ALA A 1 33  ? 14.760  -5.919  -5.224  1.00 8.36  ? 32  ALA A O   1 
ATOM   234 C  CB  . ALA A 1 33  ? 12.357  -7.080  -6.459  1.00 9.96  ? 32  ALA A CB  1 
ATOM   235 N  N   . GLY A 1 34  ? 14.162  -7.309  -3.533  1.00 8.81  ? 33  GLY A N   1 
ATOM   236 C  CA  . GLY A 1 34  ? 14.794  -6.494  -2.486  1.00 9.13  ? 33  GLY A CA  1 
ATOM   237 C  C   . GLY A 1 34  ? 13.915  -5.247  -2.178  1.00 8.97  ? 33  GLY A C   1 
ATOM   238 O  O   . GLY A 1 34  ? 12.777  -5.113  -2.687  1.00 9.86  ? 33  GLY A O   1 
ATOM   239 N  N   . HIS A 1 35  ? 14.494  -4.373  -1.411  1.00 8.42  ? 34  HIS A N   1 
ATOM   240 C  CA  . HIS A 1 35  ? 13.826  -3.145  -0.936  1.00 8.50  ? 34  HIS A CA  1 
ATOM   241 C  C   . HIS A 1 35  ? 14.330  -1.929  -1.671  1.00 8.37  ? 34  HIS A C   1 
ATOM   242 O  O   . HIS A 1 35  ? 15.303  -1.979  -2.427  1.00 8.56  ? 34  HIS A O   1 
ATOM   243 C  CB  . HIS A 1 35  ? 13.993  -2.981  0.597   1.00 8.41  ? 34  HIS A CB  1 
ATOM   244 C  CG  . HIS A 1 35  ? 13.531  -4.231  1.294   1.00 8.28  ? 34  HIS A CG  1 
ATOM   245 N  ND1 . HIS A 1 35  ? 12.277  -4.764  1.141   1.00 8.36  ? 34  HIS A ND1 1 
ATOM   246 C  CD2 . HIS A 1 35  ? 14.184  -5.039  2.143   1.00 8.69  ? 34  HIS A CD2 1 
ATOM   247 C  CE1 . HIS A 1 35  ? 12.177  -5.871  1.856   1.00 8.68  ? 34  HIS A CE1 1 
ATOM   248 N  NE2 . HIS A 1 35  ? 13.308  -6.067  2.509   1.00 8.73  ? 34  HIS A NE2 1 
ATOM   249 N  N   . LYS A 1 36  ? 13.615  -0.844  -1.420  1.00 8.30  ? 35  LYS A N   1 
ATOM   250 C  CA  . LYS A 1 36  ? 13.953  0.495   -1.980  1.00 8.25  ? 35  LYS A CA  1 
ATOM   251 C  C   . LYS A 1 36  ? 13.877  1.393   -0.741  1.00 8.28  ? 35  LYS A C   1 
ATOM   252 O  O   . LYS A 1 36  ? 14.205  0.932   0.359   1.00 7.99  ? 35  LYS A O   1 
ATOM   253 C  CB  . LYS A 1 36  ? 13.020  0.894   -3.081  1.00 8.79  ? 35  LYS A CB  1 
ATOM   254 C  CG  . LYS A 1 36  ? 13.191  0.133   -4.405  1.00 9.91  ? 35  LYS A CG  1 
ATOM   255 C  CD  . LYS A 1 36  ? 12.805  1.056   -5.593  1.00 10.95 ? 35  LYS A CD  1 
ATOM   256 C  CE  . LYS A 1 36  ? 12.376  0.185   -6.753  1.00 11.61 ? 35  LYS A CE  1 
ATOM   257 N  NZ  . LYS A 1 36  ? 11.767  0.995   -7.821  1.00 12.26 ? 35  LYS A NZ  1 
ATOM   258 N  N   . GLN A 1 37  ? 13.395  2.605   -0.897  1.00 8.25  ? 36  GLN A N   1 
ATOM   259 C  CA  . GLN A 1 37  ? 13.192  3.511   0.248   1.00 9.01  ? 36  GLN A CA  1 
ATOM   260 C  C   . GLN A 1 37  ? 12.218  2.801   1.215   1.00 8.01  ? 36  GLN A C   1 
ATOM   261 O  O   . GLN A 1 37  ? 12.346  2.818   2.435   1.00 7.86  ? 36  GLN A O   1 
ATOM   262 C  CB  . GLN A 1 37  ? 12.658  4.861   -0.256  1.00 10.51 ? 36  GLN A CB  1 
ATOM   263 C  CG  . GLN A 1 37  ? 12.864  5.972   0.732   1.00 13.25 ? 36  GLN A CG  1 
ATOM   264 C  CD  . GLN A 1 37  ? 12.517  7.338   0.201   1.00 15.15 ? 36  GLN A CD  1 
ATOM   265 O  OE1 . GLN A 1 37  ? 12.700  7.799   -0.945  1.00 16.20 ? 36  GLN A OE1 1 
ATOM   266 N  NE2 . GLN A 1 37  ? 11.880  8.110   1.117   1.00 16.30 ? 36  GLN A NE2 1 
ATOM   267 N  N   . GLY A 1 38  ? 11.210  2.171   0.639   1.00 6.87  ? 37  GLY A N   1 
ATOM   268 C  CA  . GLY A 1 38  ? 10.140  1.423   1.242   1.00 6.32  ? 37  GLY A CA  1 
ATOM   269 C  C   . GLY A 1 38  ? 10.328  -0.060  1.006   1.00 5.84  ? 37  GLY A C   1 
ATOM   270 O  O   . GLY A 1 38  ? 11.138  -0.496  0.149   1.00 5.91  ? 37  GLY A O   1 
ATOM   271 N  N   . PRO A 1 39  ? 9.600   -0.855  1.781   1.00 5.99  ? 38  PRO A N   1 
ATOM   272 C  CA  . PRO A 1 39  ? 9.702   -2.317  1.688   1.00 6.22  ? 38  PRO A CA  1 
ATOM   273 C  C   . PRO A 1 39  ? 9.094   -2.861  0.407   1.00 6.23  ? 38  PRO A C   1 
ATOM   274 O  O   . PRO A 1 39  ? 8.175   -2.321  -0.221  1.00 6.92  ? 38  PRO A O   1 
ATOM   275 C  CB  . PRO A 1 39  ? 8.872   -2.857  2.868   1.00 6.04  ? 38  PRO A CB  1 
ATOM   276 C  CG  . PRO A 1 39  ? 7.856   -1.716  3.097   1.00 6.33  ? 38  PRO A CG  1 
ATOM   277 C  CD  . PRO A 1 39  ? 8.712   -0.453  2.878   1.00 5.93  ? 38  PRO A CD  1 
ATOM   278 N  N   . ASN A 1 40  ? 9.581   -4.038  0.029   1.00 6.60  ? 39  ASN A N   1 
ATOM   279 C  CA  . ASN A 1 40  ? 8.994   -4.802  -1.089  1.00 7.24  ? 39  ASN A CA  1 
ATOM   280 C  C   . ASN A 1 40  ? 7.556   -5.147  -0.605  1.00 6.87  ? 39  ASN A C   1 
ATOM   281 O  O   . ASN A 1 40  ? 7.400   -5.584  0.545   1.00 7.13  ? 39  ASN A O   1 
ATOM   282 C  CB  . ASN A 1 40  ? 9.890   -6.036  -1.281  1.00 7.77  ? 39  ASN A CB  1 
ATOM   283 C  CG  . ASN A 1 40  ? 9.515   -6.929  -2.426  1.00 8.55  ? 39  ASN A CG  1 
ATOM   284 O  OD1 . ASN A 1 40  ? 8.382   -6.943  -2.904  1.00 8.97  ? 39  ASN A OD1 1 
ATOM   285 N  ND2 . ASN A 1 40  ? 10.508  -7.704  -2.915  1.00 9.74  ? 39  ASN A ND2 1 
ATOM   286 N  N   . LEU A 1 41  ? 6.606   -4.932  -1.444  1.00 6.45  ? 40  LEU A N   1 
ATOM   287 C  CA  . LEU A 1 41  ? 5.201   -5.234  -1.171  1.00 6.92  ? 40  LEU A CA  1 
ATOM   288 C  C   . LEU A 1 41  ? 4.761   -6.615  -1.555  1.00 7.41  ? 40  LEU A C   1 
ATOM   289 O  O   . LEU A 1 41  ? 3.554   -6.968  -1.462  1.00 7.18  ? 40  LEU A O   1 
ATOM   290 C  CB  . LEU A 1 41  ? 4.350   -4.126  -1.830  1.00 6.62  ? 40  LEU A CB  1 
ATOM   291 C  CG  . LEU A 1 41  ? 4.688   -2.683  -1.445  1.00 6.59  ? 40  LEU A CG  1 
ATOM   292 C  CD1 . LEU A 1 41  ? 3.743   -1.770  -2.265  1.00 6.74  ? 40  LEU A CD1 1 
ATOM   293 C  CD2 . LEU A 1 41  ? 4.560   -2.436  0.027   1.00 6.37  ? 40  LEU A CD2 1 
ATOM   294 N  N   . ASN A 1 42  ? 5.697   -7.462  -2.031  1.00 7.81  ? 41  ASN A N   1 
ATOM   295 C  CA  . ASN A 1 42  ? 5.284   -8.823  -2.400  1.00 8.04  ? 41  ASN A CA  1 
ATOM   296 C  C   . ASN A 1 42  ? 4.589   -9.498  -1.187  1.00 7.37  ? 41  ASN A C   1 
ATOM   297 O  O   . ASN A 1 42  ? 5.027   -9.452  -0.040  1.00 7.72  ? 41  ASN A O   1 
ATOM   298 C  CB  . ASN A 1 42  ? 6.493   -9.650  -2.891  1.00 8.44  ? 41  ASN A CB  1 
ATOM   299 C  CG  . ASN A 1 42  ? 5.915   -11.008 -3.408  1.00 9.28  ? 41  ASN A CG  1 
ATOM   300 O  OD1 . ASN A 1 42  ? 5.382   -11.049 -4.517  1.00 10.52 ? 41  ASN A OD1 1 
ATOM   301 N  ND2 . ASN A 1 42  ? 6.044   -11.989 -2.582  1.00 9.66  ? 41  ASN A ND2 1 
ATOM   302 N  N   . GLY A 1 43  ? 3.495   -10.166 -1.524  1.00 6.90  ? 42  GLY A N   1 
ATOM   303 C  CA  . GLY A 1 43  ? 2.653   -10.903 -0.638  1.00 6.84  ? 42  GLY A CA  1 
ATOM   304 C  C   . GLY A 1 43  ? 1.925   -10.085 0.425   1.00 7.15  ? 42  GLY A C   1 
ATOM   305 O  O   . GLY A 1 43  ? 1.535   -10.575 1.542   1.00 6.50  ? 42  GLY A O   1 
ATOM   306 N  N   . LEU A 1 44  ? 1.767   -8.790  0.138   1.00 7.07  ? 43  LEU A N   1 
ATOM   307 C  CA  . LEU A 1 44  ? 1.124   -7.862  1.054   1.00 7.24  ? 43  LEU A CA  1 
ATOM   308 C  C   . LEU A 1 44  ? -0.232  -8.292  1.569   1.00 6.96  ? 43  LEU A C   1 
ATOM   309 O  O   . LEU A 1 44  ? -0.529  -8.071  2.774   1.00 6.94  ? 43  LEU A O   1 
ATOM   310 C  CB  . LEU A 1 44  ? 0.978   -6.512  0.276   1.00 7.95  ? 43  LEU A CB  1 
ATOM   311 C  CG  . LEU A 1 44  ? 0.393   -5.352  1.110   1.00 8.39  ? 43  LEU A CG  1 
ATOM   312 C  CD1 . LEU A 1 44  ? 1.264   -4.936  2.214   1.00 8.25  ? 43  LEU A CD1 1 
ATOM   313 C  CD2 . LEU A 1 44  ? 0.105   -4.205  0.128   1.00 8.98  ? 43  LEU A CD2 1 
ATOM   314 N  N   . PHE A 1 45  ? -1.108  -8.763  0.705   1.00 6.90  ? 44  PHE A N   1 
ATOM   315 C  CA  . PHE A 1 45  ? -2.514  -9.025  1.050   1.00 7.37  ? 44  PHE A CA  1 
ATOM   316 C  C   . PHE A 1 45  ? -2.683  -10.091 2.103   1.00 7.63  ? 44  PHE A C   1 
ATOM   317 O  O   . PHE A 1 45  ? -2.338  -11.274 1.922   1.00 8.07  ? 44  PHE A O   1 
ATOM   318 C  CB  . PHE A 1 45  ? -3.448  -9.150  -0.132  1.00 8.05  ? 44  PHE A CB  1 
ATOM   319 C  CG  . PHE A 1 45  ? -3.690  -7.859  -0.870  1.00 9.06  ? 44  PHE A CG  1 
ATOM   320 C  CD1 . PHE A 1 45  ? -2.666  -7.246  -1.591  1.00 10.05 ? 44  PHE A CD1 1 
ATOM   321 C  CD2 . PHE A 1 45  ? -4.920  -7.206  -0.770  1.00 9.90  ? 44  PHE A CD2 1 
ATOM   322 C  CE1 . PHE A 1 45  ? -2.823  -6.045  -2.245  1.00 9.97  ? 44  PHE A CE1 1 
ATOM   323 C  CE2 . PHE A 1 45  ? -5.124  -6.009  -1.478  1.00 10.41 ? 44  PHE A CE2 1 
ATOM   324 C  CZ  . PHE A 1 45  ? -4.061  -5.409  -2.168  1.00 10.81 ? 44  PHE A CZ  1 
ATOM   325 N  N   . GLY A 1 46  ? -3.210  -9.641  3.248   1.00 7.22  ? 45  GLY A N   1 
ATOM   326 C  CA  . GLY A 1 46  ? -3.442  -10.492 4.401   1.00 7.24  ? 45  GLY A CA  1 
ATOM   327 C  C   . GLY A 1 46  ? -2.318  -10.473 5.427   1.00 7.38  ? 45  GLY A C   1 
ATOM   328 O  O   . GLY A 1 46  ? -2.495  -11.069 6.517   1.00 7.74  ? 45  GLY A O   1 
ATOM   329 N  N   . ARG A 1 47  ? -1.196  -9.839  5.128   1.00 7.29  ? 46  ARG A N   1 
ATOM   330 C  CA  . ARG A 1 47  ? -0.096  -9.819  6.077   1.00 8.09  ? 46  ARG A CA  1 
ATOM   331 C  C   . ARG A 1 47  ? -0.200  -8.670  7.089   1.00 7.48  ? 46  ARG A C   1 
ATOM   332 O  O   . ARG A 1 47  ? -0.801  -7.646  6.845   1.00 7.44  ? 46  ARG A O   1 
ATOM   333 C  CB  . ARG A 1 47  ? 1.255   -9.829  5.371   1.00 9.34  ? 46  ARG A CB  1 
ATOM   334 C  CG  . ARG A 1 47  ? 1.641   -11.192 4.790   1.00 11.29 ? 46  ARG A CG  1 
ATOM   335 C  CD  . ARG A 1 47  ? 3.058   -11.174 4.330   1.00 12.79 ? 46  ARG A CD  1 
ATOM   336 N  NE  . ARG A 1 47  ? 4.059   -10.602 5.210   1.00 14.96 ? 46  ARG A NE  1 
ATOM   337 C  CZ  . ARG A 1 47  ? 4.473   -9.280  5.033   1.00 16.53 ? 46  ARG A CZ  1 
ATOM   338 N  NH1 . ARG A 1 47  ? 3.847   -8.327  4.355   1.00 18.00 ? 46  ARG A NH1 1 
ATOM   339 N  NH2 . ARG A 1 47  ? 5.704   -8.855  5.313   1.00 17.18 ? 46  ARG A NH2 1 
ATOM   340 N  N   . GLN A 1 48  ? 0.440   -8.986  8.219   1.00 6.84  ? 47  GLN A N   1 
ATOM   341 C  CA  . GLN A 1 48  ? 0.533   -7.950  9.288   1.00 6.30  ? 47  GLN A CA  1 
ATOM   342 C  C   . GLN A 1 48  ? 1.559   -6.905  8.857   1.00 6.25  ? 47  GLN A C   1 
ATOM   343 O  O   . GLN A 1 48  ? 2.633   -7.226  8.349   1.00 5.69  ? 47  GLN A O   1 
ATOM   344 C  CB  . GLN A 1 48  ? 0.931   -8.583  10.609  1.00 6.48  ? 47  GLN A CB  1 
ATOM   345 C  CG  . GLN A 1 48  ? 1.127   -7.613  11.778  1.00 7.28  ? 47  GLN A CG  1 
ATOM   346 C  CD  . GLN A 1 48  ? 1.723   -8.283  12.979  1.00 7.65  ? 47  GLN A CD  1 
ATOM   347 O  OE1 . GLN A 1 48  ? 1.349   -9.433  13.331  1.00 8.13  ? 47  GLN A OE1 1 
ATOM   348 N  NE2 . GLN A 1 48  ? 2.628   -7.649  13.705  1.00 8.39  ? 47  GLN A NE2 1 
ATOM   349 N  N   . SER A 1 49  ? 1.220   -5.635  9.146   1.00 5.83  ? 48  SER A N   1 
ATOM   350 C  CA  . SER A 1 49  ? 2.121   -4.511  8.857   1.00 6.17  ? 48  SER A CA  1 
ATOM   351 C  C   . SER A 1 49  ? 3.434   -4.674  9.622   1.00 6.52  ? 48  SER A C   1 
ATOM   352 O  O   . SER A 1 49  ? 3.428   -5.253  10.719  1.00 6.77  ? 48  SER A O   1 
ATOM   353 C  CB  . SER A 1 49  ? 1.422   -3.202  9.272   1.00 6.02  ? 48  SER A CB  1 
ATOM   354 O  OG  . SER A 1 49  ? 1.417   -2.976  10.653  1.00 6.29  ? 48  SER A OG  1 
ATOM   355 N  N   . GLY A 1 50  ? 4.527   -4.155  9.064   1.00 6.62  ? 49  GLY A N   1 
ATOM   356 C  CA  . GLY A 1 50  ? 5.826   -4.120  9.673   1.00 6.51  ? 49  GLY A CA  1 
ATOM   357 C  C   . GLY A 1 50  ? 6.492   -5.464  9.881   1.00 6.78  ? 49  GLY A C   1 
ATOM   358 O  O   . GLY A 1 50  ? 7.302   -5.586  10.820  1.00 7.45  ? 49  GLY A O   1 
ATOM   359 N  N   . THR A 1 51  ? 6.232   -6.394  8.977   1.00 6.89  ? 50  THR A N   1 
ATOM   360 C  CA  . THR A 1 51  ? 6.820   -7.746  9.120   1.00 8.26  ? 50  THR A CA  1 
ATOM   361 C  C   . THR A 1 51  ? 7.673   -8.269  7.981   1.00 8.63  ? 50  THR A C   1 
ATOM   362 O  O   . THR A 1 51  ? 8.107   -9.474  8.139   1.00 8.98  ? 50  THR A O   1 
ATOM   363 C  CB  . THR A 1 51  ? 5.718   -8.803  9.504   1.00 7.96  ? 50  THR A CB  1 
ATOM   364 O  OG1 . THR A 1 51  ? 4.829   -8.993  8.383   1.00 8.37  ? 50  THR A OG1 1 
ATOM   365 C  CG2 . THR A 1 51  ? 4.962   -8.471  10.794  1.00 8.47  ? 50  THR A CG2 1 
ATOM   366 N  N   . THR A 1 52  ? 7.883   -7.526  6.924   1.00 9.09  ? 51  THR A N   1 
ATOM   367 C  CA  . THR A 1 52  ? 8.735   -8.041  5.826   1.00 9.96  ? 51  THR A CA  1 
ATOM   368 C  C   . THR A 1 52  ? 10.194  -8.117  6.328   1.00 9.63  ? 51  THR A C   1 
ATOM   369 O  O   . THR A 1 52  ? 10.727  -7.178  6.911   1.00 9.05  ? 51  THR A O   1 
ATOM   370 C  CB  . THR A 1 52  ? 8.722   -7.082  4.575   1.00 10.52 ? 51  THR A CB  1 
ATOM   371 O  OG1 . THR A 1 52  ? 7.318   -6.951  4.254   1.00 11.79 ? 51  THR A OG1 1 
ATOM   372 C  CG2 . THR A 1 52  ? 9.597   -7.522  3.432   1.00 11.11 ? 51  THR A CG2 1 
ATOM   373 N  N   . PRO A 1 53  ? 10.794  -9.302  6.001   1.00 9.96  ? 52  PRO A N   1 
ATOM   374 C  CA  . PRO A 1 53  ? 12.184  -9.511  6.440   1.00 9.97  ? 52  PRO A CA  1 
ATOM   375 C  C   . PRO A 1 53  ? 13.148  -8.548  5.762   1.00 9.96  ? 52  PRO A C   1 
ATOM   376 O  O   . PRO A 1 53  ? 12.979  -8.242  4.565   1.00 9.93  ? 52  PRO A O   1 
ATOM   377 C  CB  . PRO A 1 53  ? 12.492  -10.960 5.973   1.00 10.30 ? 52  PRO A CB  1 
ATOM   378 C  CG  . PRO A 1 53  ? 11.377  -11.402 5.099   1.00 10.25 ? 52  PRO A CG  1 
ATOM   379 C  CD  . PRO A 1 53  ? 10.201  -10.471 5.389   1.00 9.59  ? 52  PRO A CD  1 
ATOM   380 N  N   . GLY A 1 54  ? 14.109  -8.060  6.514   1.00 10.14 ? 53  GLY A N   1 
ATOM   381 C  CA  . GLY A 1 54  ? 15.174  -7.217  6.065   1.00 10.54 ? 53  GLY A CA  1 
ATOM   382 C  C   . GLY A 1 54  ? 15.005  -5.754  5.907   1.00 10.56 ? 53  GLY A C   1 
ATOM   383 O  O   . GLY A 1 54  ? 15.959  -5.055  5.528   1.00 11.41 ? 53  GLY A O   1 
ATOM   384 N  N   . TYR A 1 55  ? 13.813  -5.281  6.239   1.00 10.52 ? 54  TYR A N   1 
ATOM   385 C  CA  . TYR A 1 55  ? 13.476  -3.853  6.184   1.00 10.21 ? 54  TYR A CA  1 
ATOM   386 C  C   . TYR A 1 55  ? 13.333  -3.297  7.578   1.00 10.54 ? 54  TYR A C   1 
ATOM   387 O  O   . TYR A 1 55  ? 12.672  -3.948  8.402   1.00 11.15 ? 54  TYR A O   1 
ATOM   388 C  CB  . TYR A 1 55  ? 12.166  -3.676  5.337   1.00 9.55  ? 54  TYR A CB  1 
ATOM   389 C  CG  . TYR A 1 55  ? 11.951  -2.171  5.123   1.00 8.62  ? 54  TYR A CG  1 
ATOM   390 C  CD1 . TYR A 1 55  ? 11.113  -1.472  6.033   1.00 8.42  ? 54  TYR A CD1 1 
ATOM   391 C  CD2 . TYR A 1 55  ? 12.542  -1.518  4.075   1.00 8.46  ? 54  TYR A CD2 1 
ATOM   392 C  CE1 . TYR A 1 55  ? 10.972  -0.114  5.960   1.00 8.32  ? 54  TYR A CE1 1 
ATOM   393 C  CE2 . TYR A 1 55  ? 12.330  -0.135  3.929   1.00 8.81  ? 54  TYR A CE2 1 
ATOM   394 C  CZ  . TYR A 1 55  ? 11.582  0.554   4.871   1.00 8.77  ? 54  TYR A CZ  1 
ATOM   395 O  OH  . TYR A 1 55  ? 11.411  1.875   4.717   1.00 9.33  ? 54  TYR A OH  1 
ATOM   396 N  N   . SER A 1 56  ? 13.879  -2.125  7.824   1.00 10.91 ? 55  SER A N   1 
ATOM   397 C  CA  . SER A 1 56  ? 13.792  -1.451  9.105   1.00 11.57 ? 55  SER A CA  1 
ATOM   398 C  C   . SER A 1 56  ? 12.576  -0.524  9.122   1.00 10.81 ? 55  SER A C   1 
ATOM   399 O  O   . SER A 1 56  ? 12.622  0.571   8.566   1.00 11.14 ? 55  SER A O   1 
ATOM   400 C  CB  . SER A 1 56  ? 15.021  -0.605  9.468   1.00 12.67 ? 55  SER A CB  1 
ATOM   401 O  OG  . SER A 1 56  ? 16.105  -1.501  9.538   1.00 15.09 ? 55  SER A OG  1 
ATOM   402 N  N   . TYR A 1 57  ? 11.555  -1.005  9.788   1.00 10.15 ? 56  TYR A N   1 
ATOM   403 C  CA  . TYR A 1 57  ? 10.317  -0.217  9.936   1.00 9.52  ? 56  TYR A CA  1 
ATOM   404 C  C   . TYR A 1 57  ? 10.384  0.761   11.097  1.00 9.85  ? 56  TYR A C   1 
ATOM   405 O  O   . TYR A 1 57  ? 11.204  0.671   12.019  1.00 10.14 ? 56  TYR A O   1 
ATOM   406 C  CB  . TYR A 1 57  ? 9.154   -1.151  10.157  1.00 8.86  ? 56  TYR A CB  1 
ATOM   407 C  CG  . TYR A 1 57  ? 8.735   -2.001  9.005   1.00 8.07  ? 56  TYR A CG  1 
ATOM   408 C  CD1 . TYR A 1 57  ? 7.821   -1.489  8.052   1.00 7.73  ? 56  TYR A CD1 1 
ATOM   409 C  CD2 . TYR A 1 57  ? 9.211   -3.305  8.848   1.00 8.06  ? 56  TYR A CD2 1 
ATOM   410 C  CE1 . TYR A 1 57  ? 7.399   -2.297  6.980   1.00 7.34  ? 56  TYR A CE1 1 
ATOM   411 C  CE2 . TYR A 1 57  ? 8.772   -4.107  7.830   1.00 7.14  ? 56  TYR A CE2 1 
ATOM   412 C  CZ  . TYR A 1 57  ? 7.846   -3.601  6.899   1.00 7.58  ? 56  TYR A CZ  1 
ATOM   413 O  OH  . TYR A 1 57  ? 7.488   -4.428  5.902   1.00 7.66  ? 56  TYR A OH  1 
ATOM   414 N  N   . SER A 1 58  ? 9.479   1.736   10.965  1.00 9.72  ? 57  SER A N   1 
ATOM   415 C  CA  . SER A 1 58  ? 9.308   2.733   12.044  1.00 10.00 ? 57  SER A CA  1 
ATOM   416 C  C   . SER A 1 58  ? 8.612   1.915   13.162  1.00 10.43 ? 57  SER A C   1 
ATOM   417 O  O   . SER A 1 58  ? 8.059   0.825   12.903  1.00 10.34 ? 57  SER A O   1 
ATOM   418 C  CB  . SER A 1 58  ? 8.487   3.908   11.609  1.00 9.57  ? 57  SER A CB  1 
ATOM   419 O  OG  . SER A 1 58  ? 7.112   3.575   11.506  1.00 9.15  ? 57  SER A OG  1 
ATOM   420 N  N   . THR A 1 59  ? 8.713   2.430   14.373  1.00 10.99 ? 58  THR A N   1 
ATOM   421 C  CA  . THR A 1 59  ? 8.072   1.717   15.500  1.00 12.13 ? 58  THR A CA  1 
ATOM   422 C  C   . THR A 1 59  ? 6.568   1.727   15.298  1.00 11.81 ? 58  THR A C   1 
ATOM   423 O  O   . THR A 1 59  ? 5.962   0.662   15.542  1.00 12.56 ? 58  THR A O   1 
ATOM   424 C  CB  . THR A 1 59  ? 8.542   2.217   16.890  1.00 13.06 ? 58  THR A CB  1 
ATOM   425 O  OG1 . THR A 1 59  ? 8.103   3.568   17.051  1.00 14.74 ? 58  THR A OG1 1 
ATOM   426 C  CG2 . THR A 1 59  ? 10.095  2.166   17.006  1.00 13.64 ? 58  THR A CG2 1 
ATOM   427 N  N   . ALA A 1 60  ? 6.017   2.805   14.819  1.00 11.72 ? 59  ALA A N   1 
ATOM   428 C  CA  . ALA A 1 60  ? 4.587   2.941   14.547  1.00 11.23 ? 59  ALA A CA  1 
ATOM   429 C  C   . ALA A 1 60  ? 4.074   1.862   13.601  1.00 11.56 ? 59  ALA A C   1 
ATOM   430 O  O   . ALA A 1 60  ? 3.041   1.183   13.795  1.00 11.15 ? 59  ALA A O   1 
ATOM   431 C  CB  . ALA A 1 60  ? 4.324   4.338   14.006  1.00 11.48 ? 59  ALA A CB  1 
ATOM   432 N  N   . ASP A 1 61  ? 4.774   1.735   12.473  1.00 12.41 ? 60  ASP A N   1 
ATOM   433 C  CA  . ASP A 1 61  ? 4.374   0.734   11.425  1.00 12.94 ? 60  ASP A CA  1 
ATOM   434 C  C   . ASP A 1 61  ? 4.437   -0.665  12.021  1.00 13.37 ? 60  ASP A C   1 
ATOM   435 O  O   . ASP A 1 61  ? 3.664   -1.538  11.533  1.00 13.56 ? 60  ASP A O   1 
ATOM   436 C  CB  . ASP A 1 61  ? 5.179   0.968   10.164  1.00 12.90 ? 60  ASP A CB  1 
ATOM   437 C  CG  . ASP A 1 61  ? 4.594   0.504   8.875   1.00 13.70 ? 60  ASP A CG  1 
ATOM   438 O  OD1 . ASP A 1 61  ? 4.152   -0.623  8.703   1.00 14.53 ? 60  ASP A OD1 1 
ATOM   439 O  OD2 . ASP A 1 61  ? 4.655   1.258   7.867   1.00 14.13 ? 60  ASP A OD2 1 
ATOM   440 N  N   . LYS A 1 62  ? 5.303   -0.894  13.014  1.00 13.14 ? 61  LYS A N   1 
ATOM   441 C  CA  . LYS A 1 62  ? 5.369   -2.240  13.622  1.00 13.48 ? 61  LYS A CA  1 
ATOM   442 C  C   . LYS A 1 62  ? 4.245   -2.375  14.656  1.00 13.35 ? 61  LYS A C   1 
ATOM   443 O  O   . LYS A 1 62  ? 3.463   -3.343  14.600  1.00 12.98 ? 61  LYS A O   1 
ATOM   444 C  CB  . LYS A 1 62  ? 6.684   -2.575  14.256  1.00 13.96 ? 61  LYS A CB  1 
ATOM   445 C  CG  . LYS A 1 62  ? 7.891   -2.765  13.338  1.00 15.16 ? 61  LYS A CG  1 
ATOM   446 C  CD  . LYS A 1 62  ? 9.154   -2.871  14.202  1.00 15.98 ? 61  LYS A CD  1 
ATOM   447 C  CE  . LYS A 1 62  ? 9.841   -1.571  14.487  1.00 16.96 ? 61  LYS A CE  1 
ATOM   448 N  NZ  . LYS A 1 62  ? 11.193  -1.530  13.845  1.00 18.34 ? 61  LYS A NZ  1 
ATOM   449 N  N   . ASN A 1 63  ? 4.165   -1.415  15.539  1.00 13.58 ? 62  ASN A N   1 
ATOM   450 C  CA  . ASN A 1 63  ? 3.180   -1.379  16.633  1.00 13.91 ? 62  ASN A CA  1 
ATOM   451 C  C   . ASN A 1 63  ? 1.749   -1.441  16.152  1.00 13.25 ? 62  ASN A C   1 
ATOM   452 O  O   . ASN A 1 63  ? 0.932   -2.090  16.858  1.00 13.40 ? 62  ASN A O   1 
ATOM   453 C  CB  . ASN A 1 63  ? 3.351   -0.072  17.446  1.00 15.00 ? 62  ASN A CB  1 
ATOM   454 C  CG  . ASN A 1 63  ? 4.526   -0.139  18.403  1.00 16.00 ? 62  ASN A CG  1 
ATOM   455 O  OD1 . ASN A 1 63  ? 5.128   -1.191  18.511  1.00 16.82 ? 62  ASN A OD1 1 
ATOM   456 N  ND2 . ASN A 1 63  ? 4.772   0.983   19.061  1.00 16.52 ? 62  ASN A ND2 1 
ATOM   457 N  N   . MET A 1 64  ? 1.407   -0.742  15.082  1.00 12.43 ? 63  MET A N   1 
ATOM   458 C  CA  . MET A 1 64  ? 0.011   -0.756  14.594  1.00 12.02 ? 63  MET A CA  1 
ATOM   459 C  C   . MET A 1 64  ? -0.452  -2.150  14.268  1.00 11.34 ? 63  MET A C   1 
ATOM   460 O  O   . MET A 1 64  ? -1.610  -2.482  14.581  1.00 11.02 ? 63  MET A O   1 
ATOM   461 C  CB  . MET A 1 64  ? -0.254  0.224   13.493  1.00 12.76 ? 63  MET A CB  1 
ATOM   462 C  CG  . MET A 1 64  ? -0.369  1.662   13.912  1.00 13.85 ? 63  MET A CG  1 
ATOM   463 S  SD  . MET A 1 64  ? -1.958  1.885   14.774  1.00 16.05 ? 63  MET A SD  1 
ATOM   464 C  CE  . MET A 1 64  ? -3.061  2.032   13.361  1.00 14.79 ? 63  MET A CE  1 
ATOM   465 N  N   . ALA A 1 65  ? 0.410   -2.993  13.722  1.00 10.49 ? 64  ALA A N   1 
ATOM   466 C  CA  . ALA A 1 65  ? 0.146   -4.383  13.363  1.00 9.92  ? 64  ALA A CA  1 
ATOM   467 C  C   . ALA A 1 65  ? -1.172  -4.542  12.608  1.00 9.60  ? 64  ALA A C   1 
ATOM   468 O  O   . ALA A 1 65  ? -2.014  -5.421  12.918  1.00 9.83  ? 64  ALA A O   1 
ATOM   469 C  CB  . ALA A 1 65  ? 0.159   -5.272  14.599  1.00 9.62  ? 64  ALA A CB  1 
ATOM   470 N  N   . VAL A 1 66  ? -1.341  -3.714  11.608  1.00 8.87  ? 65  VAL A N   1 
ATOM   471 C  CA  . VAL A 1 66  ? -2.508  -3.707  10.734  1.00 9.01  ? 65  VAL A CA  1 
ATOM   472 C  C   . VAL A 1 66  ? -2.443  -4.901  9.760   1.00 8.64  ? 65  VAL A C   1 
ATOM   473 O  O   . VAL A 1 66  ? -1.373  -5.108  9.163   1.00 8.80  ? 65  VAL A O   1 
ATOM   474 C  CB  . VAL A 1 66  ? -2.509  -2.363  9.947   1.00 8.93  ? 65  VAL A CB  1 
ATOM   475 C  CG1 . VAL A 1 66  ? -3.761  -2.287  9.068   1.00 9.67  ? 65  VAL A CG1 1 
ATOM   476 C  CG2 . VAL A 1 66  ? -2.449  -1.163  10.885  1.00 9.44  ? 65  VAL A CG2 1 
ATOM   477 N  N   . ILE A 1 67  ? -3.549  -5.646  9.652   1.00 8.04  ? 66  ILE A N   1 
ATOM   478 C  CA  . ILE A 1 67  ? -3.553  -6.732  8.621   1.00 8.00  ? 66  ILE A CA  1 
ATOM   479 C  C   . ILE A 1 67  ? -3.942  -6.006  7.308   1.00 7.92  ? 66  ILE A C   1 
ATOM   480 O  O   . ILE A 1 67  ? -5.074  -5.424  7.220   1.00 7.65  ? 66  ILE A O   1 
ATOM   481 C  CB  . ILE A 1 67  ? -4.597  -7.830  8.955   1.00 8.22  ? 66  ILE A CB  1 
ATOM   482 C  CG1 . ILE A 1 67  ? -4.183  -8.564  10.252  1.00 8.51  ? 66  ILE A CG1 1 
ATOM   483 C  CG2 . ILE A 1 67  ? -4.858  -8.798  7.769   1.00 7.54  ? 66  ILE A CG2 1 
ATOM   484 C  CD1 . ILE A 1 67  ? -2.835  -9.335  10.160  1.00 8.54  ? 66  ILE A CD1 1 
ATOM   485 N  N   . TRP A 1 68  ? -3.078  -5.988  6.370   1.00 7.50  ? 67  TRP A N   1 
ATOM   486 C  CA  . TRP A 1 68  ? -3.334  -5.313  5.081   1.00 8.11  ? 67  TRP A CA  1 
ATOM   487 C  C   . TRP A 1 68  ? -4.304  -6.141  4.231   1.00 9.24  ? 67  TRP A C   1 
ATOM   488 O  O   . TRP A 1 68  ? -4.128  -7.354  4.041   1.00 9.95  ? 67  TRP A O   1 
ATOM   489 C  CB  . TRP A 1 68  ? -2.055  -5.027  4.338   1.00 7.10  ? 67  TRP A CB  1 
ATOM   490 C  CG  . TRP A 1 68  ? -1.118  -4.091  4.999   1.00 7.21  ? 67  TRP A CG  1 
ATOM   491 C  CD1 . TRP A 1 68  ? 0.178   -4.342  5.380   1.00 6.69  ? 67  TRP A CD1 1 
ATOM   492 C  CD2 . TRP A 1 68  ? -1.385  -2.739  5.344   1.00 7.25  ? 67  TRP A CD2 1 
ATOM   493 N  NE1 . TRP A 1 68  ? 0.743   -3.204  5.968   1.00 6.84  ? 67  TRP A NE1 1 
ATOM   494 C  CE2 . TRP A 1 68  ? -0.189  -2.194  5.896   1.00 7.54  ? 67  TRP A CE2 1 
ATOM   495 C  CE3 . TRP A 1 68  ? -2.529  -1.935  5.238   1.00 7.30  ? 67  TRP A CE3 1 
ATOM   496 C  CZ2 . TRP A 1 68  ? -0.099  -0.905  6.365   1.00 7.78  ? 67  TRP A CZ2 1 
ATOM   497 C  CZ3 . TRP A 1 68  ? -2.454  -0.635  5.691   1.00 7.48  ? 67  TRP A CZ3 1 
ATOM   498 C  CH2 . TRP A 1 68  ? -1.281  -0.145  6.254   1.00 8.34  ? 67  TRP A CH2 1 
ATOM   499 N  N   . GLU A 1 69  ? -5.315  -5.458  3.743   1.00 9.96  ? 68  GLU A N   1 
ATOM   500 C  CA  . GLU A 1 69  ? -6.355  -6.005  2.874   1.00 11.27 ? 68  GLU A CA  1 
ATOM   501 C  C   . GLU A 1 69  ? -7.039  -4.843  2.137   1.00 10.34 ? 68  GLU A C   1 
ATOM   502 O  O   . GLU A 1 69  ? -6.651  -3.706  2.420   1.00 9.42  ? 68  GLU A O   1 
ATOM   503 C  CB  . GLU A 1 69  ? -7.427  -6.722  3.683   1.00 13.26 ? 68  GLU A CB  1 
ATOM   504 C  CG  . GLU A 1 69  ? -7.312  -8.136  4.079   1.00 16.54 ? 68  GLU A CG  1 
ATOM   505 C  CD  . GLU A 1 69  ? -6.819  -9.234  3.214   1.00 18.23 ? 68  GLU A CD  1 
ATOM   506 O  OE1 . GLU A 1 69  ? -6.363  -9.206  2.073   1.00 19.56 ? 68  GLU A OE1 1 
ATOM   507 O  OE2 . GLU A 1 69  ? -6.875  -10.376 3.808   1.00 19.22 ? 68  GLU A OE2 1 
ATOM   508 N  N   . GLU A 1 70  ? -8.013  -5.113  1.303   1.00 9.80  ? 69  GLU A N   1 
ATOM   509 C  CA  . GLU A 1 70  ? -8.653  -4.001  0.554   1.00 10.59 ? 69  GLU A CA  1 
ATOM   510 C  C   . GLU A 1 70  ? -9.188  -2.890  1.445   1.00 9.73  ? 69  GLU A C   1 
ATOM   511 O  O   . GLU A 1 70  ? -9.001  -1.698  1.203   1.00 9.34  ? 69  GLU A O   1 
ATOM   512 C  CB  . GLU A 1 70  ? -9.791  -4.460  -0.326  1.00 12.02 ? 69  GLU A CB  1 
ATOM   513 C  CG  . GLU A 1 70  ? -9.531  -5.454  -1.439  1.00 14.12 ? 69  GLU A CG  1 
ATOM   514 C  CD  . GLU A 1 70  ? -9.620  -6.891  -1.032  1.00 16.10 ? 69  GLU A CD  1 
ATOM   515 O  OE1 . GLU A 1 70  ? -9.617  -7.319  0.113   1.00 17.01 ? 69  GLU A OE1 1 
ATOM   516 O  OE2 . GLU A 1 70  ? -9.666  -7.687  -2.027  1.00 17.47 ? 69  GLU A OE2 1 
ATOM   517 N  N   . ASN A 1 71  ? -9.805  -3.283  2.536   1.00 9.82  ? 70  ASN A N   1 
ATOM   518 C  CA  . ASN A 1 71  ? -10.375 -2.363  3.503   1.00 10.36 ? 70  ASN A CA  1 
ATOM   519 C  C   . ASN A 1 71  ? -9.421  -1.366  4.127   1.00 9.24  ? 70  ASN A C   1 
ATOM   520 O  O   . ASN A 1 71  ? -9.609  -0.145  4.130   1.00 9.22  ? 70  ASN A O   1 
ATOM   521 C  CB  . ASN A 1 71  ? -10.913 -3.236  4.669   1.00 12.91 ? 70  ASN A CB  1 
ATOM   522 C  CG  . ASN A 1 71  ? -12.340 -3.474  4.486   1.00 15.74 ? 70  ASN A CG  1 
ATOM   523 O  OD1 . ASN A 1 71  ? -12.868 -3.586  3.340   1.00 17.69 ? 70  ASN A OD1 1 
ATOM   524 N  ND2 . ASN A 1 71  ? -13.032 -3.465  5.665   1.00 17.33 ? 70  ASN A ND2 1 
ATOM   525 N  N   . THR A 1 72  ? -8.388  -1.995  4.707   1.00 7.52  ? 71  THR A N   1 
ATOM   526 C  CA  . THR A 1 72  ? -7.362  -1.233  5.411   1.00 6.64  ? 71  THR A CA  1 
ATOM   527 C  C   . THR A 1 72  ? -6.512  -0.418  4.467   1.00 6.35  ? 71  THR A C   1 
ATOM   528 O  O   . THR A 1 72  ? -6.180  0.723   4.818   1.00 6.42  ? 71  THR A O   1 
ATOM   529 C  CB  . THR A 1 72  ? -6.535  -2.118  6.416   1.00 6.57  ? 71  THR A CB  1 
ATOM   530 O  OG1 . THR A 1 72  ? -6.006  -3.217  5.665   1.00 6.73  ? 71  THR A OG1 1 
ATOM   531 C  CG2 . THR A 1 72  ? -7.387  -2.531  7.639   1.00 6.34  ? 71  THR A CG2 1 
ATOM   532 N  N   . LEU A 1 73  ? -6.232  -1.008  3.283   1.00 5.69  ? 72  LEU A N   1 
ATOM   533 C  CA  . LEU A 1 73  ? -5.418  -0.265  2.308   1.00 6.08  ? 72  LEU A CA  1 
ATOM   534 C  C   . LEU A 1 73  ? -6.171  0.989   1.824   1.00 5.99  ? 72  LEU A C   1 
ATOM   535 O  O   . LEU A 1 73  ? -5.574  2.014   1.614   1.00 6.02  ? 72  LEU A O   1 
ATOM   536 C  CB  . LEU A 1 73  ? -5.003  -1.228  1.189   1.00 6.55  ? 72  LEU A CB  1 
ATOM   537 C  CG  . LEU A 1 73  ? -3.849  -2.139  1.488   1.00 7.29  ? 72  LEU A CG  1 
ATOM   538 C  CD1 . LEU A 1 73  ? -3.626  -3.120  0.360   1.00 7.85  ? 72  LEU A CD1 1 
ATOM   539 C  CD2 . LEU A 1 73  ? -2.563  -1.299  1.694   1.00 7.60  ? 72  LEU A CD2 1 
ATOM   540 N  N   . TYR A 1 74  ? -7.455  0.795   1.597   1.00 6.18  ? 73  TYR A N   1 
ATOM   541 C  CA  . TYR A 1 74  ? -8.301  1.928   1.078   1.00 6.92  ? 73  TYR A CA  1 
ATOM   542 C  C   . TYR A 1 74  ? -8.297  3.101   2.035   1.00 7.08  ? 73  TYR A C   1 
ATOM   543 O  O   . TYR A 1 74  ? -8.114  4.253   1.629   1.00 7.65  ? 73  TYR A O   1 
ATOM   544 C  CB  . TYR A 1 74  ? -9.686  1.380   0.803   1.00 8.04  ? 73  TYR A CB  1 
ATOM   545 C  CG  . TYR A 1 74  ? -10.639 2.391   0.167   1.00 8.75  ? 73  TYR A CG  1 
ATOM   546 C  CD1 . TYR A 1 74  ? -11.573 3.038   0.953   1.00 8.83  ? 73  TYR A CD1 1 
ATOM   547 C  CD2 . TYR A 1 74  ? -10.607 2.618   -1.211  1.00 8.97  ? 73  TYR A CD2 1 
ATOM   548 C  CE1 . TYR A 1 74  ? -12.466 3.946   0.378   1.00 9.55  ? 73  TYR A CE1 1 
ATOM   549 C  CE2 . TYR A 1 74  ? -11.506 3.513   -1.800  1.00 9.25  ? 73  TYR A CE2 1 
ATOM   550 C  CZ  . TYR A 1 74  ? -12.431 4.164   -0.997  1.00 9.56  ? 73  TYR A CZ  1 
ATOM   551 O  OH  . TYR A 1 74  ? -13.325 5.009   -1.589  1.00 9.77  ? 73  TYR A OH  1 
ATOM   552 N  N   . ASP A 1 75  ? -8.420  2.832   3.328   1.00 6.98  ? 74  ASP A N   1 
ATOM   553 C  CA  . ASP A 1 75  ? -8.361  3.872   4.371   1.00 7.71  ? 74  ASP A CA  1 
ATOM   554 C  C   . ASP A 1 75  ? -6.954  4.439   4.442   1.00 7.45  ? 74  ASP A C   1 
ATOM   555 O  O   . ASP A 1 75  ? -6.767  5.638   4.483   1.00 7.56  ? 74  ASP A O   1 
ATOM   556 C  CB  . ASP A 1 75  ? -8.809  3.341   5.743   1.00 8.55  ? 74  ASP A CB  1 
ATOM   557 C  CG  . ASP A 1 75  ? -10.319 3.165   5.738   1.00 9.32  ? 74  ASP A CG  1 
ATOM   558 O  OD1 . ASP A 1 75  ? -11.029 3.506   4.759   1.00 9.85  ? 74  ASP A OD1 1 
ATOM   559 O  OD2 . ASP A 1 75  ? -10.811 2.605   6.713   1.00 9.94  ? 74  ASP A OD2 1 
ATOM   560 N  N   . TYR A 1 76  ? -6.007  3.514   4.484   1.00 7.00  ? 75  TYR A N   1 
ATOM   561 C  CA  . TYR A 1 76  ? -4.589  3.925   4.597   1.00 6.61  ? 75  TYR A CA  1 
ATOM   562 C  C   . TYR A 1 76  ? -4.161  4.889   3.545   1.00 6.08  ? 75  TYR A C   1 
ATOM   563 O  O   . TYR A 1 76  ? -3.573  5.937   3.847   1.00 6.81  ? 75  TYR A O   1 
ATOM   564 C  CB  . TYR A 1 76  ? -3.678  2.697   4.671   1.00 6.11  ? 75  TYR A CB  1 
ATOM   565 C  CG  . TYR A 1 76  ? -2.192  2.914   4.614   1.00 6.44  ? 75  TYR A CG  1 
ATOM   566 C  CD1 . TYR A 1 76  ? -1.477  2.552   3.465   1.00 6.66  ? 75  TYR A CD1 1 
ATOM   567 C  CD2 . TYR A 1 76  ? -1.472  3.427   5.696   1.00 6.36  ? 75  TYR A CD2 1 
ATOM   568 C  CE1 . TYR A 1 76  ? -0.095  2.704   3.389   1.00 7.21  ? 75  TYR A CE1 1 
ATOM   569 C  CE2 . TYR A 1 76  ? -0.091  3.582   5.650   1.00 7.25  ? 75  TYR A CE2 1 
ATOM   570 C  CZ  . TYR A 1 76  ? 0.579   3.244   4.469   1.00 7.71  ? 75  TYR A CZ  1 
ATOM   571 O  OH  . TYR A 1 76  ? 1.940   3.371   4.496   1.00 8.89  ? 75  TYR A OH  1 
ATOM   572 N  N   . LEU A 1 77  ? -4.410  4.548   2.294   1.00 6.58  ? 76  LEU A N   1 
ATOM   573 C  CA  . LEU A 1 77  ? -3.964  5.324   1.151   1.00 7.18  ? 76  LEU A CA  1 
ATOM   574 C  C   . LEU A 1 77  ? -4.498  6.737   1.051   1.00 7.24  ? 76  LEU A C   1 
ATOM   575 O  O   . LEU A 1 77  ? -3.872  7.544   0.348   1.00 7.66  ? 76  LEU A O   1 
ATOM   576 C  CB  . LEU A 1 77  ? -4.213  4.520   -0.139  1.00 7.87  ? 76  LEU A CB  1 
ATOM   577 C  CG  . LEU A 1 77  ? -3.315  3.234   -0.283  1.00 8.14  ? 76  LEU A CG  1 
ATOM   578 C  CD1 . LEU A 1 77  ? -3.892  2.393   -1.422  1.00 8.69  ? 76  LEU A CD1 1 
ATOM   579 C  CD2 . LEU A 1 77  ? -1.861  3.626   -0.525  1.00 9.10  ? 76  LEU A CD2 1 
ATOM   580 N  N   . LEU A 1 78  ? -5.642  6.990   1.679   1.00 7.77  ? 77  LEU A N   1 
ATOM   581 C  CA  . LEU A 1 78  ? -6.210  8.341   1.694   1.00 8.42  ? 77  LEU A CA  1 
ATOM   582 C  C   . LEU A 1 78  ? -5.272  9.340   2.359   1.00 8.58  ? 77  LEU A C   1 
ATOM   583 O  O   . LEU A 1 78  ? -5.090  10.491  1.868   1.00 8.50  ? 77  LEU A O   1 
ATOM   584 C  CB  . LEU A 1 78  ? -7.600  8.278   2.362   1.00 8.86  ? 77  LEU A CB  1 
ATOM   585 C  CG  . LEU A 1 78  ? -8.287  9.634   2.504   1.00 9.37  ? 77  LEU A CG  1 
ATOM   586 C  CD1 . LEU A 1 78  ? -8.323  10.351  1.152   1.00 9.65  ? 77  LEU A CD1 1 
ATOM   587 C  CD2 . LEU A 1 78  ? -9.714  9.345   2.947   1.00 9.63  ? 77  LEU A CD2 1 
ATOM   588 N  N   . ASN A 1 79  ? -4.620  8.882   3.420   1.00 8.67  ? 78  ASN A N   1 
ATOM   589 C  CA  . ASN A 1 79  ? -3.667  9.718   4.181   1.00 9.10  ? 78  ASN A CA  1 
ATOM   590 C  C   . ASN A 1 79  ? -2.857  8.834   5.111   1.00 8.96  ? 78  ASN A C   1 
ATOM   591 O  O   . ASN A 1 79  ? -3.247  8.631   6.254   1.00 8.69  ? 78  ASN A O   1 
ATOM   592 C  CB  . ASN A 1 79  ? -4.532  10.797  4.943   1.00 9.60  ? 78  ASN A CB  1 
ATOM   593 C  CG  . ASN A 1 79  ? -3.652  11.888  5.501   1.00 10.29 ? 78  ASN A CG  1 
ATOM   594 O  OD1 . ASN A 1 79  ? -2.495  11.573  5.823   1.00 10.96 ? 78  ASN A OD1 1 
ATOM   595 N  ND2 . ASN A 1 79  ? -4.105  13.102  5.702   1.00 10.68 ? 78  ASN A ND2 1 
ATOM   596 N  N   . PRO A 1 80  ? -1.759  8.270   4.601   1.00 9.03  ? 79  PRO A N   1 
ATOM   597 C  CA  . PRO A 1 80  ? -0.912  7.376   5.375   1.00 9.53  ? 79  PRO A CA  1 
ATOM   598 C  C   . PRO A 1 80  ? -0.490  7.907   6.731   1.00 10.04 ? 79  PRO A C   1 
ATOM   599 O  O   . PRO A 1 80  ? -0.532  7.101   7.690   1.00 10.09 ? 79  PRO A O   1 
ATOM   600 C  CB  . PRO A 1 80  ? 0.317   7.154   4.469   1.00 9.53  ? 79  PRO A CB  1 
ATOM   601 C  CG  . PRO A 1 80  ? -0.321  7.202   3.085   1.00 9.72  ? 79  PRO A CG  1 
ATOM   602 C  CD  . PRO A 1 80  ? -1.307  8.408   3.199   1.00 9.25  ? 79  PRO A CD  1 
HETATM 603 N  N   . M3L A 1 81  ? -0.060  9.125   6.833   1.00 11.33 ? 80  M3L A N   1 
HETATM 604 C  CA  . M3L A 1 81  ? 0.401   9.732   8.089   1.00 13.12 ? 80  M3L A CA  1 
HETATM 605 C  CB  . M3L A 1 81  ? 1.217   11.017  7.919   1.00 14.72 ? 80  M3L A CB  1 
HETATM 606 C  CG  . M3L A 1 81  ? 2.603   10.769  7.298   1.00 17.10 ? 80  M3L A CG  1 
HETATM 607 C  CD  . M3L A 1 81  ? 3.722   11.599  7.907   1.00 18.86 ? 80  M3L A CD  1 
HETATM 608 C  CE  . M3L A 1 81  ? 4.849   11.953  6.968   1.00 20.69 ? 80  M3L A CE  1 
HETATM 609 N  NZ  . M3L A 1 81  ? 5.487   13.269  7.035   1.00 21.46 ? 80  M3L A NZ  1 
HETATM 610 C  C   . M3L A 1 81  ? -0.716  9.845   9.096   1.00 13.05 ? 80  M3L A C   1 
HETATM 611 O  O   . M3L A 1 81  ? -0.455  9.726   10.318  1.00 13.77 ? 80  M3L A O   1 
HETATM 612 C  CM1 . M3L A 1 81  ? 6.237   13.496  5.695   1.00 21.57 ? 80  M3L A CM1 1 
HETATM 613 C  CM2 . M3L A 1 81  ? 4.543   14.466  7.161   1.00 21.65 ? 80  M3L A CM2 1 
HETATM 614 C  CM3 . M3L A 1 81  ? 6.561   13.342  8.092   1.00 21.85 ? 80  M3L A CM3 1 
ATOM   615 N  N   . LYS A 1 82  ? -1.945  10.001  8.665   1.00 13.10 ? 81  LYS A N   1 
ATOM   616 C  CA  . LYS A 1 82  ? -3.080  10.050  9.594   1.00 13.60 ? 81  LYS A CA  1 
ATOM   617 C  C   . LYS A 1 82  ? -3.389  8.655   10.084  1.00 12.72 ? 81  LYS A C   1 
ATOM   618 O  O   . LYS A 1 82  ? -3.802  8.441   11.235  1.00 12.45 ? 81  LYS A O   1 
ATOM   619 C  CB  . LYS A 1 82  ? -4.287  10.752  8.993   1.00 15.26 ? 81  LYS A CB  1 
ATOM   620 C  CG  . LYS A 1 82  ? -3.945  12.224  8.683   1.00 17.72 ? 81  LYS A CG  1 
ATOM   621 C  CD  . LYS A 1 82  ? -5.262  13.079  8.552   1.00 19.27 ? 81  LYS A CD  1 
ATOM   622 C  CE  . LYS A 1 82  ? -4.834  14.566  8.713   1.00 20.71 ? 81  LYS A CE  1 
ATOM   623 N  NZ  . LYS A 1 82  ? -5.394  15.400  7.602   1.00 21.90 ? 81  LYS A NZ  1 
ATOM   624 N  N   . TYR A 1 83  ? -3.195  7.626   9.235   1.00 11.18 ? 82  TYR A N   1 
ATOM   625 C  CA  . TYR A 1 83  ? -3.471  6.233   9.561   1.00 10.12 ? 82  TYR A CA  1 
ATOM   626 C  C   . TYR A 1 83  ? -2.476  5.600   10.516  1.00 9.76  ? 82  TYR A C   1 
ATOM   627 O  O   . TYR A 1 83  ? -2.844  4.851   11.469  1.00 8.95  ? 82  TYR A O   1 
ATOM   628 C  CB  . TYR A 1 83  ? -3.569  5.447   8.235   1.00 9.65  ? 82  TYR A CB  1 
ATOM   629 C  CG  . TYR A 1 83  ? -4.382  4.184   8.368   1.00 9.26  ? 82  TYR A CG  1 
ATOM   630 C  CD1 . TYR A 1 83  ? -3.782  3.001   8.734   1.00 9.22  ? 82  TYR A CD1 1 
ATOM   631 C  CD2 . TYR A 1 83  ? -5.760  4.184   8.181   1.00 9.19  ? 82  TYR A CD2 1 
ATOM   632 C  CE1 . TYR A 1 83  ? -4.500  1.816   8.841   1.00 9.31  ? 82  TYR A CE1 1 
ATOM   633 C  CE2 . TYR A 1 83  ? -6.520  3.030   8.318   1.00 8.99  ? 82  TYR A CE2 1 
ATOM   634 C  CZ  . TYR A 1 83  ? -5.872  1.826   8.678   1.00 9.28  ? 82  TYR A CZ  1 
ATOM   635 O  OH  . TYR A 1 83  ? -6.607  0.680   8.719   1.00 9.02  ? 82  TYR A OH  1 
ATOM   636 N  N   . ILE A 1 84  ? -1.214  5.854   10.326  1.00 9.60  ? 83  ILE A N   1 
ATOM   637 C  CA  . ILE A 1 84  ? -0.089  5.389   11.140  1.00 9.81  ? 83  ILE A CA  1 
ATOM   638 C  C   . ILE A 1 84  ? 0.748   6.638   11.450  1.00 9.79  ? 83  ILE A C   1 
ATOM   639 O  O   . ILE A 1 84  ? 1.724   6.909   10.773  1.00 9.31  ? 83  ILE A O   1 
ATOM   640 C  CB  . ILE A 1 84  ? 0.782   4.295   10.418  1.00 10.15 ? 83  ILE A CB  1 
ATOM   641 C  CG1 . ILE A 1 84  ? -0.124  3.184   9.860   1.00 10.18 ? 83  ILE A CG1 1 
ATOM   642 C  CG2 . ILE A 1 84  ? 1.975   3.755   11.232  1.00 9.61  ? 83  ILE A CG2 1 
ATOM   643 C  CD1 . ILE A 1 84  ? 0.530   1.992   9.164   1.00 10.58 ? 83  ILE A CD1 1 
ATOM   644 N  N   . PRO A 1 85  ? 0.320   7.361   12.487  1.00 10.27 ? 84  PRO A N   1 
ATOM   645 C  CA  . PRO A 1 85  ? 1.066   8.564   12.899  1.00 10.73 ? 84  PRO A CA  1 
ATOM   646 C  C   . PRO A 1 85  ? 2.487   8.115   13.222  1.00 10.62 ? 84  PRO A C   1 
ATOM   647 O  O   . PRO A 1 85  ? 2.567   7.092   13.922  1.00 11.74 ? 84  PRO A O   1 
ATOM   648 C  CB  . PRO A 1 85  ? 0.310   9.064   14.118  1.00 10.58 ? 84  PRO A CB  1 
ATOM   649 C  CG  . PRO A 1 85  ? -1.083  8.531   13.902  1.00 10.40 ? 84  PRO A CG  1 
ATOM   650 C  CD  . PRO A 1 85  ? -0.845  7.099   13.356  1.00 10.05 ? 84  PRO A CD  1 
ATOM   651 N  N   . GLY A 1 86  ? 3.498   8.812   12.763  1.00 10.71 ? 85  GLY A N   1 
ATOM   652 C  CA  . GLY A 1 86  ? 4.872   8.392   13.062  1.00 10.43 ? 85  GLY A CA  1 
ATOM   653 C  C   . GLY A 1 86  ? 5.485   7.506   11.990  1.00 9.70  ? 85  GLY A C   1 
ATOM   654 O  O   . GLY A 1 86  ? 6.659   7.150   12.119  1.00 10.20 ? 85  GLY A O   1 
ATOM   655 N  N   . THR A 1 87  ? 4.752   7.183   10.951  1.00 9.26  ? 86  THR A N   1 
ATOM   656 C  CA  . THR A 1 87  ? 5.325   6.394   9.835   1.00 8.87  ? 86  THR A CA  1 
ATOM   657 C  C   . THR A 1 87  ? 6.388   7.211   9.102   1.00 9.03  ? 86  THR A C   1 
ATOM   658 O  O   . THR A 1 87  ? 6.234   8.452   9.061   1.00 9.77  ? 86  THR A O   1 
ATOM   659 C  CB  . THR A 1 87  ? 4.204   5.957   8.835   1.00 7.80  ? 86  THR A CB  1 
ATOM   660 O  OG1 . THR A 1 87  ? 4.914   5.196   7.816   1.00 7.86  ? 86  THR A OG1 1 
ATOM   661 C  CG2 . THR A 1 87  ? 3.447   7.152   8.222   1.00 7.48  ? 86  THR A CG2 1 
ATOM   662 N  N   . LYS A 1 88  ? 7.357   6.564   8.452   1.00 9.17  ? 87  LYS A N   1 
ATOM   663 C  CA  . LYS A 1 88  ? 8.359   7.363   7.706   1.00 9.47  ? 87  LYS A CA  1 
ATOM   664 C  C   . LYS A 1 88  ? 8.101   7.435   6.241   1.00 9.04  ? 87  LYS A C   1 
ATOM   665 O  O   . LYS A 1 88  ? 8.908   7.951   5.425   1.00 10.00 ? 87  LYS A O   1 
ATOM   666 C  CB  . LYS A 1 88  ? 9.783   6.857   7.963   1.00 10.37 ? 87  LYS A CB  1 
ATOM   667 C  CG  . LYS A 1 88  ? 9.877   5.348   7.727   1.00 10.68 ? 87  LYS A CG  1 
ATOM   668 C  CD  . LYS A 1 88  ? 11.252  4.859   8.135   1.00 11.56 ? 87  LYS A CD  1 
ATOM   669 C  CE  . LYS A 1 88  ? 11.496  3.491   7.561   1.00 11.98 ? 87  LYS A CE  1 
ATOM   670 N  NZ  . LYS A 1 88  ? 12.913  3.118   7.913   1.00 12.93 ? 87  LYS A NZ  1 
ATOM   671 N  N   . MET A 1 89  ? 6.965   6.899   5.843   1.00 9.10  ? 88  MET A N   1 
ATOM   672 C  CA  . MET A 1 89  ? 6.546   6.932   4.410   1.00 9.01  ? 88  MET A CA  1 
ATOM   673 C  C   . MET A 1 89  ? 6.149   8.401   4.078   1.00 9.54  ? 88  MET A C   1 
ATOM   674 O  O   . MET A 1 89  ? 5.242   8.927   4.789   1.00 9.04  ? 88  MET A O   1 
ATOM   675 C  CB  . MET A 1 89  ? 5.417   5.954   4.179   1.00 8.17  ? 88  MET A CB  1 
ATOM   676 C  CG  . MET A 1 89  ? 4.927   6.068   2.738   1.00 7.55  ? 88  MET A CG  1 
ATOM   677 S  SD  . MET A 1 89  ? 3.821   4.657   2.373   1.00 7.12  ? 88  MET A SD  1 
ATOM   678 C  CE  . MET A 1 89  ? 2.485   5.497   1.503   1.00 6.99  ? 88  MET A CE  1 
ATOM   679 N  N   . VAL A 1 90  ? 6.834   8.964   3.115   1.00 10.68 ? 89  VAL A N   1 
ATOM   680 C  CA  . VAL A 1 90  ? 6.493   10.361  2.687   1.00 11.29 ? 89  VAL A CA  1 
ATOM   681 C  C   . VAL A 1 90  ? 5.610   10.219  1.431   1.00 11.28 ? 89  VAL A C   1 
ATOM   682 O  O   . VAL A 1 90  ? 6.082   9.954   0.330   1.00 11.37 ? 89  VAL A O   1 
ATOM   683 C  CB  . VAL A 1 90  ? 7.729   11.222  2.435   1.00 11.79 ? 89  VAL A CB  1 
ATOM   684 C  CG1 . VAL A 1 90  ? 7.439   12.585  1.813   1.00 12.13 ? 89  VAL A CG1 1 
ATOM   685 C  CG2 . VAL A 1 90  ? 8.554   11.405  3.701   1.00 12.22 ? 89  VAL A CG2 1 
ATOM   686 N  N   . PHE A 1 91  ? 4.324   10.426  1.677   1.00 10.91 ? 90  PHE A N   1 
ATOM   687 C  CA  . PHE A 1 91  ? 3.296   10.316  0.617   1.00 10.39 ? 90  PHE A CA  1 
ATOM   688 C  C   . PHE A 1 91  ? 2.037   11.015  1.139   1.00 10.67 ? 90  PHE A C   1 
ATOM   689 O  O   . PHE A 1 91  ? 1.498   10.580  2.171   1.00 10.84 ? 90  PHE A O   1 
ATOM   690 C  CB  . PHE A 1 91  ? 3.099   8.839   0.223   1.00 10.04 ? 90  PHE A CB  1 
ATOM   691 C  CG  . PHE A 1 91  ? 2.141   8.738   -0.939  1.00 9.44  ? 90  PHE A CG  1 
ATOM   692 C  CD1 . PHE A 1 91  ? 2.525   9.206   -2.177  1.00 9.72  ? 90  PHE A CD1 1 
ATOM   693 C  CD2 . PHE A 1 91  ? 0.835   8.303   -0.703  1.00 9.31  ? 90  PHE A CD2 1 
ATOM   694 C  CE1 . PHE A 1 91  ? 1.638   9.191   -3.256  1.00 9.64  ? 90  PHE A CE1 1 
ATOM   695 C  CE2 . PHE A 1 91  ? -0.094  8.289   -1.790  1.00 9.47  ? 90  PHE A CE2 1 
ATOM   696 C  CZ  . PHE A 1 91  ? 0.336   8.733   -3.052  1.00 9.35  ? 90  PHE A CZ  1 
ATOM   697 N  N   . PRO A 1 92  ? 1.595   12.022  0.442   1.00 10.87 ? 91  PRO A N   1 
ATOM   698 C  CA  . PRO A 1 92  ? 0.447   12.816  0.863   1.00 11.50 ? 91  PRO A CA  1 
ATOM   699 C  C   . PRO A 1 92  ? -0.848  12.050  0.993   1.00 11.58 ? 91  PRO A C   1 
ATOM   700 O  O   . PRO A 1 92  ? -1.654  12.343  1.917   1.00 11.91 ? 91  PRO A O   1 
ATOM   701 C  CB  . PRO A 1 92  ? 0.320   13.909  -0.229  1.00 11.82 ? 91  PRO A CB  1 
ATOM   702 C  CG  . PRO A 1 92  ? 1.685   13.972  -0.809  1.00 11.99 ? 91  PRO A CG  1 
ATOM   703 C  CD  . PRO A 1 92  ? 2.152   12.521  -0.820  1.00 11.13 ? 91  PRO A CD  1 
ATOM   704 N  N   . GLY A 1 93  ? -1.067  11.141  0.098   1.00 10.80 ? 92  GLY A N   1 
ATOM   705 C  CA  . GLY A 1 93  ? -2.301  10.354  0.033   1.00 11.09 ? 92  GLY A CA  1 
ATOM   706 C  C   . GLY A 1 93  ? -2.908  10.443  -1.374  1.00 11.17 ? 92  GLY A C   1 
ATOM   707 O  O   . GLY A 1 93  ? -2.460  11.249  -2.228  1.00 11.69 ? 92  GLY A O   1 
ATOM   708 N  N   . LEU A 1 94  ? -3.836  9.583   -1.630  1.00 11.03 ? 93  LEU A N   1 
ATOM   709 C  CA  . LEU A 1 94  ? -4.594  9.488   -2.882  1.00 11.80 ? 93  LEU A CA  1 
ATOM   710 C  C   . LEU A 1 94  ? -6.049  9.822   -2.509  1.00 11.84 ? 93  LEU A C   1 
ATOM   711 O  O   . LEU A 1 94  ? -6.727  9.005   -1.832  1.00 11.90 ? 93  LEU A O   1 
ATOM   712 C  CB  . LEU A 1 94  ? -4.487  8.111   -3.487  1.00 12.30 ? 93  LEU A CB  1 
ATOM   713 C  CG  . LEU A 1 94  ? -3.254  7.631   -4.181  1.00 12.72 ? 93  LEU A CG  1 
ATOM   714 C  CD1 . LEU A 1 94  ? -3.563  6.175   -4.590  1.00 12.27 ? 93  LEU A CD1 1 
ATOM   715 C  CD2 . LEU A 1 94  ? -2.965  8.488   -5.414  1.00 13.02 ? 93  LEU A CD2 1 
HETATM 716 N  N   . M3L A 1 95  ? -6.466  10.997  -2.878  1.00 11.60 ? 94  M3L A N   1 
HETATM 717 C  CA  . M3L A 1 95  ? -7.745  11.504  -2.467  1.00 11.58 ? 94  M3L A CA  1 
HETATM 718 C  CB  . M3L A 1 95  ? -7.864  13.016  -2.640  1.00 13.01 ? 94  M3L A CB  1 
HETATM 719 C  CG  . M3L A 1 95  ? -6.679  13.859  -2.173  1.00 14.97 ? 94  M3L A CG  1 
HETATM 720 C  CD  . M3L A 1 95  ? -6.495  13.892  -0.685  1.00 16.40 ? 94  M3L A CD  1 
HETATM 721 C  CE  . M3L A 1 95  ? -5.277  14.738  -0.306  1.00 18.38 ? 94  M3L A CE  1 
HETATM 722 N  NZ  . M3L A 1 95  ? -4.849  14.850  1.075   1.00 19.12 ? 94  M3L A NZ  1 
HETATM 723 C  C   . M3L A 1 95  ? -8.940  10.815  -3.059  1.00 10.68 ? 94  M3L A C   1 
HETATM 724 O  O   . M3L A 1 95  ? -9.890  10.494  -2.292  1.00 10.50 ? 94  M3L A O   1 
HETATM 725 C  CM1 . M3L A 1 95  ? -3.371  15.439  1.021   1.00 19.56 ? 94  M3L A CM1 1 
HETATM 726 C  CM2 . M3L A 1 95  ? -5.588  15.937  1.859   1.00 19.47 ? 94  M3L A CM2 1 
HETATM 727 C  CM3 . M3L A 1 95  ? -4.770  13.625  1.898   1.00 19.24 ? 94  M3L A CM3 1 
ATOM   728 N  N   . LYS A 1 96  ? -8.931  10.524  -4.337  1.00 9.84  ? 95  LYS A N   1 
ATOM   729 C  CA  . LYS A 1 96  ? -10.119 9.940   -4.981  1.00 9.82  ? 95  LYS A CA  1 
ATOM   730 C  C   . LYS A 1 96  ? -10.373 8.479   -4.699  1.00 9.12  ? 95  LYS A C   1 
ATOM   731 O  O   . LYS A 1 96  ? -9.493  7.622   -4.794  1.00 8.92  ? 95  LYS A O   1 
ATOM   732 C  CB  . LYS A 1 96  ? -10.100 10.174  -6.498  1.00 10.11 ? 95  LYS A CB  1 
ATOM   733 C  CG  . LYS A 1 96  ? -10.321 11.687  -6.812  1.00 10.89 ? 95  LYS A CG  1 
ATOM   734 C  CD  . LYS A 1 96  ? -11.826 11.928  -6.586  1.00 11.42 ? 95  LYS A CD  1 
ATOM   735 C  CE  . LYS A 1 96  ? -12.338 13.235  -7.058  1.00 12.62 ? 95  LYS A CE  1 
ATOM   736 N  NZ  . LYS A 1 96  ? -13.815 13.127  -7.257  1.00 12.69 ? 95  LYS A NZ  1 
ATOM   737 N  N   . PRO A 1 97  ? -11.640 8.185   -4.396  1.00 8.46  ? 96  PRO A N   1 
ATOM   738 C  CA  . PRO A 1 97  ? -12.082 6.817   -4.234  1.00 7.73  ? 96  PRO A CA  1 
ATOM   739 C  C   . PRO A 1 97  ? -11.669 5.970   -5.437  1.00 6.88  ? 96  PRO A C   1 
ATOM   740 O  O   . PRO A 1 97  ? -11.207 4.844   -5.229  1.00 6.93  ? 96  PRO A O   1 
ATOM   741 C  CB  . PRO A 1 97  ? -13.606 6.908   -4.096  1.00 7.97  ? 96  PRO A CB  1 
ATOM   742 C  CG  . PRO A 1 97  ? -13.791 8.296   -3.522  1.00 8.47  ? 96  PRO A CG  1 
ATOM   743 C  CD  . PRO A 1 97  ? -12.766 9.149   -4.257  1.00 8.86  ? 96  PRO A CD  1 
ATOM   744 N  N   . GLN A 1 98  ? -11.850 6.446   -6.650  1.00 6.45  ? 97  GLN A N   1 
ATOM   745 C  CA  . GLN A 1 98  ? -11.518 5.679   -7.864  1.00 6.14  ? 97  GLN A CA  1 
ATOM   746 C  C   . GLN A 1 98  ? -10.036 5.378   -7.961  1.00 6.16  ? 97  GLN A C   1 
ATOM   747 O  O   . GLN A 1 98  ? -9.687  4.229   -8.373  1.00 6.43  ? 97  GLN A O   1 
ATOM   748 C  CB  . GLN A 1 98  ? -11.989 6.427   -9.133  1.00 6.37  ? 97  GLN A CB  1 
ATOM   749 C  CG  . GLN A 1 98  ? -11.669 5.628   -10.397 1.00 6.47  ? 97  GLN A CG  1 
ATOM   750 C  CD  . GLN A 1 98  ? -12.607 4.468   -10.521 1.00 6.85  ? 97  GLN A CD  1 
ATOM   751 O  OE1 . GLN A 1 98  ? -13.744 4.546   -11.019 1.00 7.66  ? 97  GLN A OE1 1 
ATOM   752 N  NE2 . GLN A 1 98  ? -12.217 3.282   -10.051 1.00 6.53  ? 97  GLN A NE2 1 
ATOM   753 N  N   . GLU A 1 99  ? -9.176  6.329   -7.631  1.00 6.58  ? 98  GLU A N   1 
ATOM   754 C  CA  . GLU A 1 99  ? -7.729  6.144   -7.693  1.00 7.70  ? 98  GLU A CA  1 
ATOM   755 C  C   . GLU A 1 99  ? -7.291  5.042   -6.708  1.00 7.42  ? 98  GLU A C   1 
ATOM   756 O  O   . GLU A 1 99  ? -6.412  4.223   -7.020  1.00 6.57  ? 98  GLU A O   1 
ATOM   757 C  CB  . GLU A 1 99  ? -6.925  7.379   -7.370  1.00 9.81  ? 98  GLU A CB  1 
ATOM   758 C  CG  . GLU A 1 99  ? -7.211  8.676   -8.097  1.00 13.06 ? 98  GLU A CG  1 
ATOM   759 C  CD  . GLU A 1 99  ? -6.263  9.769   -7.662  1.00 14.47 ? 98  GLU A CD  1 
ATOM   760 O  OE1 . GLU A 1 99  ? -5.286  10.036  -8.314  1.00 16.37 ? 98  GLU A OE1 1 
ATOM   761 O  OE2 . GLU A 1 99  ? -6.577  10.286  -6.540  1.00 15.77 ? 98  GLU A OE2 1 
ATOM   762 N  N   . ARG A 1 100 ? -7.887  5.069   -5.521  1.00 6.84  ? 99  ARG A N   1 
ATOM   763 C  CA  . ARG A 1 100 ? -7.572  4.049   -4.521  1.00 7.90  ? 99  ARG A CA  1 
ATOM   764 C  C   . ARG A 1 100 ? -8.043  2.674   -4.973  1.00 7.89  ? 99  ARG A C   1 
ATOM   765 O  O   . ARG A 1 100 ? -7.284  1.707   -4.858  1.00 7.56  ? 99  ARG A O   1 
ATOM   766 C  CB  . ARG A 1 100 ? -8.068  4.397   -3.153  1.00 8.84  ? 99  ARG A CB  1 
ATOM   767 C  CG  . ARG A 1 100 ? -7.226  5.529   -2.542  1.00 9.52  ? 99  ARG A CG  1 
ATOM   768 C  CD  . ARG A 1 100 ? -8.123  6.554   -2.068  1.00 10.99 ? 99  ARG A CD  1 
ATOM   769 N  NE  . ARG A 1 100 ? -8.975  6.645   -1.087  1.00 11.30 ? 99  ARG A NE  1 
ATOM   770 C  CZ  . ARG A 1 100 ? -10.074 6.983   -0.490  1.00 11.56 ? 99  ARG A CZ  1 
ATOM   771 N  NH1 . ARG A 1 100 ? -10.836 8.058   -0.805  1.00 11.72 ? 99  ARG A NH1 1 
ATOM   772 N  NH2 . ARG A 1 100 ? -10.157 6.442   0.735   1.00 11.37 ? 99  ARG A NH2 1 
ATOM   773 N  N   . ALA A 1 101 ? -9.269  2.559   -5.493  1.00 6.99  ? 100 ALA A N   1 
ATOM   774 C  CA  . ALA A 1 101 ? -9.845  1.331   -5.994  1.00 6.58  ? 100 ALA A CA  1 
ATOM   775 C  C   . ALA A 1 101 ? -9.025  0.741   -7.126  1.00 6.74  ? 100 ALA A C   1 
ATOM   776 O  O   . ALA A 1 101 ? -8.713  -0.476  -7.093  1.00 6.35  ? 100 ALA A O   1 
ATOM   777 C  CB  . ALA A 1 101 ? -11.288 1.618   -6.468  1.00 6.85  ? 100 ALA A CB  1 
ATOM   778 N  N   . ASP A 1 102 ? -8.621  1.565   -8.063  1.00 6.83  ? 101 ASP A N   1 
ATOM   779 C  CA  . ASP A 1 102 ? -7.754  1.108   -9.195  1.00 6.87  ? 101 ASP A CA  1 
ATOM   780 C  C   . ASP A 1 102 ? -6.398  0.630   -8.647  1.00 6.90  ? 101 ASP A C   1 
ATOM   781 O  O   . ASP A 1 102 ? -5.993  -0.504  -9.027  1.00 6.37  ? 101 ASP A O   1 
ATOM   782 C  CB  . ASP A 1 102 ? -7.639  2.181   -10.259 1.00 6.80  ? 101 ASP A CB  1 
ATOM   783 C  CG  . ASP A 1 102 ? -8.975  2.476   -11.002 1.00 6.45  ? 101 ASP A CG  1 
ATOM   784 O  OD1 . ASP A 1 102 ? -9.809  1.578   -11.045 1.00 7.26  ? 101 ASP A OD1 1 
ATOM   785 O  OD2 . ASP A 1 102 ? -9.024  3.527   -11.643 1.00 5.92  ? 101 ASP A OD2 1 
ATOM   786 N  N   . LEU A 1 103 ? -5.739  1.396   -7.837  1.00 6.56  ? 102 LEU A N   1 
ATOM   787 C  CA  . LEU A 1 103 ? -4.433  1.027   -7.256  1.00 7.43  ? 102 LEU A CA  1 
ATOM   788 C  C   . LEU A 1 103 ? -4.585  -0.291  -6.523  1.00 7.25  ? 102 LEU A C   1 
ATOM   789 O  O   . LEU A 1 103 ? -3.719  -1.196  -6.713  1.00 7.62  ? 102 LEU A O   1 
ATOM   790 C  CB  . LEU A 1 103 ? -3.857  2.162   -6.406  1.00 8.09  ? 102 LEU A CB  1 
ATOM   791 C  CG  . LEU A 1 103 ? -2.414  2.065   -5.878  1.00 8.45  ? 102 LEU A CG  1 
ATOM   792 C  CD1 . LEU A 1 103 ? -2.056  3.313   -5.107  1.00 8.63  ? 102 LEU A CD1 1 
ATOM   793 C  CD2 . LEU A 1 103 ? -2.277  0.946   -4.920  1.00 9.52  ? 102 LEU A CD2 1 
ATOM   794 N  N   . ILE A 1 104 ? -5.571  -0.424  -5.677  1.00 7.01  ? 103 ILE A N   1 
ATOM   795 C  CA  . ILE A 1 104 ? -5.754  -1.695  -4.914  1.00 7.29  ? 103 ILE A CA  1 
ATOM   796 C  C   . ILE A 1 104 ? -5.958  -2.881  -5.846  1.00 7.80  ? 103 ILE A C   1 
ATOM   797 O  O   . ILE A 1 104 ? -5.385  -3.954  -5.580  1.00 7.31  ? 103 ILE A O   1 
ATOM   798 C  CB  . ILE A 1 104 ? -6.883  -1.519  -3.852  1.00 7.29  ? 103 ILE A CB  1 
ATOM   799 C  CG1 . ILE A 1 104 ? -6.379  -0.563  -2.737  1.00 7.46  ? 103 ILE A CG1 1 
ATOM   800 C  CG2 . ILE A 1 104 ? -7.417  -2.843  -3.287  1.00 8.04  ? 103 ILE A CG2 1 
ATOM   801 C  CD1 . ILE A 1 104 ? -7.564  -0.083  -1.821  1.00 7.91  ? 103 ILE A CD1 1 
ATOM   802 N  N   . SER A 1 105 ? -6.767  -2.731  -6.888  1.00 7.68  ? 104 SER A N   1 
ATOM   803 C  CA  . SER A 1 105 ? -6.962  -3.766  -7.882  1.00 8.91  ? 104 SER A CA  1 
ATOM   804 C  C   . SER A 1 105 ? -5.631  -4.194  -8.491  1.00 8.52  ? 104 SER A C   1 
ATOM   805 O  O   . SER A 1 105 ? -5.492  -5.414  -8.623  1.00 8.66  ? 104 SER A O   1 
ATOM   806 C  CB  . SER A 1 105 ? -7.851  -3.338  -9.087  1.00 10.10 ? 104 SER A CB  1 
ATOM   807 O  OG  . SER A 1 105 ? -9.144  -3.212  -8.445  1.00 13.62 ? 104 SER A OG  1 
ATOM   808 N  N   . TYR A 1 106 ? -4.775  -3.259  -8.783  1.00 8.25  ? 105 TYR A N   1 
ATOM   809 C  CA  . TYR A 1 106 ? -3.459  -3.619  -9.355  1.00 8.63  ? 105 TYR A CA  1 
ATOM   810 C  C   . TYR A 1 106 ? -2.614  -4.358  -8.343  1.00 9.65  ? 105 TYR A C   1 
ATOM   811 O  O   . TYR A 1 106 ? -2.025  -5.433  -8.644  1.00 9.26  ? 105 TYR A O   1 
ATOM   812 C  CB  . TYR A 1 106 ? -2.787  -2.392  -9.943  1.00 8.81  ? 105 TYR A CB  1 
ATOM   813 C  CG  . TYR A 1 106 ? -1.327  -2.620  -10.256 1.00 9.31  ? 105 TYR A CG  1 
ATOM   814 C  CD1 . TYR A 1 106 ? -0.313  -2.133  -9.416  1.00 9.53  ? 105 TYR A CD1 1 
ATOM   815 C  CD2 . TYR A 1 106 ? -0.969  -3.362  -11.397 1.00 9.59  ? 105 TYR A CD2 1 
ATOM   816 C  CE1 . TYR A 1 106 ? 1.039   -2.386  -9.721  1.00 9.94  ? 105 TYR A CE1 1 
ATOM   817 C  CE2 . TYR A 1 106 ? 0.352   -3.619  -11.702 1.00 9.86  ? 105 TYR A CE2 1 
ATOM   818 C  CZ  . TYR A 1 106 ? 1.337   -3.117  -10.852 1.00 10.34 ? 105 TYR A CZ  1 
ATOM   819 O  OH  . TYR A 1 106 ? 2.646   -3.434  -11.172 1.00 11.42 ? 105 TYR A OH  1 
ATOM   820 N  N   . LEU A 1 107 ? -2.555  -3.833  -7.120  1.00 9.94  ? 106 LEU A N   1 
ATOM   821 C  CA  . LEU A 1 107 ? -1.713  -4.426  -6.062  1.00 10.68 ? 106 LEU A CA  1 
ATOM   822 C  C   . LEU A 1 107 ? -2.100  -5.889  -5.835  1.00 11.12 ? 106 LEU A C   1 
ATOM   823 O  O   . LEU A 1 107 ? -1.240  -6.777  -5.593  1.00 10.60 ? 106 LEU A O   1 
ATOM   824 C  CB  . LEU A 1 107 ? -1.733  -3.593  -4.812  1.00 10.85 ? 106 LEU A CB  1 
ATOM   825 C  CG  . LEU A 1 107 ? -1.027  -2.257  -4.691  1.00 11.35 ? 106 LEU A CG  1 
ATOM   826 C  CD1 . LEU A 1 107 ? -1.166  -1.721  -3.282  1.00 11.18 ? 106 LEU A CD1 1 
ATOM   827 C  CD2 . LEU A 1 107 ? 0.462   -2.430  -5.043  1.00 11.55 ? 106 LEU A CD2 1 
ATOM   828 N  N   . LYS A 1 108 ? -3.396  -6.137  -5.846  1.00 12.00 ? 107 LYS A N   1 
ATOM   829 C  CA  . LYS A 1 108 ? -3.883  -7.506  -5.655  1.00 13.27 ? 107 LYS A CA  1 
ATOM   830 C  C   . LYS A 1 108 ? -3.203  -8.435  -6.678  1.00 13.60 ? 107 LYS A C   1 
ATOM   831 O  O   . LYS A 1 108 ? -2.769  -9.526  -6.297  1.00 13.34 ? 107 LYS A O   1 
ATOM   832 C  CB  . LYS A 1 108 ? -5.376  -7.618  -5.783  1.00 14.86 ? 107 LYS A CB  1 
ATOM   833 C  CG  . LYS A 1 108 ? -6.234  -7.026  -4.727  1.00 16.90 ? 107 LYS A CG  1 
ATOM   834 C  CD  . LYS A 1 108 ? -7.690  -7.494  -4.642  1.00 18.20 ? 107 LYS A CD  1 
ATOM   835 C  CE  . LYS A 1 108 ? -8.622  -6.384  -5.133  1.00 19.33 ? 107 LYS A CE  1 
ATOM   836 N  NZ  . LYS A 1 108 ? -9.842  -6.232  -4.302  1.00 20.25 ? 107 LYS A NZ  1 
ATOM   837 N  N   . GLU A 1 109 ? -3.143  -8.023  -7.912  1.00 14.03 ? 108 GLU A N   1 
ATOM   838 C  CA  . GLU A 1 109 ? -2.554  -8.808  -8.996  1.00 14.90 ? 108 GLU A CA  1 
ATOM   839 C  C   . GLU A 1 109 ? -1.042  -8.787  -8.861  1.00 14.26 ? 108 GLU A C   1 
ATOM   840 O  O   . GLU A 1 109 ? -0.473  -9.892  -8.757  1.00 14.46 ? 108 GLU A O   1 
ATOM   841 C  CB  . GLU A 1 109 ? -2.921  -8.358  -10.394 1.00 17.05 ? 108 GLU A CB  1 
ATOM   842 C  CG  . GLU A 1 109 ? -3.113  -9.221  -11.596 1.00 20.18 ? 108 GLU A CG  1 
ATOM   843 C  CD  . GLU A 1 109 ? -2.190  -10.155 -12.277 1.00 21.87 ? 108 GLU A CD  1 
ATOM   844 O  OE1 . GLU A 1 109 ? -1.075  -10.545 -11.897 1.00 23.05 ? 108 GLU A OE1 1 
ATOM   845 O  OE2 . GLU A 1 109 ? -2.628  -10.618 -13.410 1.00 22.69 ? 108 GLU A OE2 1 
ATOM   846 N  N   . ALA A 1 110 ? -0.431  -7.630  -8.859  1.00 13.42 ? 109 ALA A N   1 
ATOM   847 C  CA  . ALA A 1 110 ? 1.009   -7.464  -8.826  1.00 12.92 ? 109 ALA A CA  1 
ATOM   848 C  C   . ALA A 1 110 ? 1.768   -8.100  -7.670  1.00 12.64 ? 109 ALA A C   1 
ATOM   849 O  O   . ALA A 1 110 ? 2.914   -8.597  -7.910  1.00 12.09 ? 109 ALA A O   1 
ATOM   850 C  CB  . ALA A 1 110 ? 1.368   -5.977  -8.944  1.00 12.55 ? 109 ALA A CB  1 
ATOM   851 N  N   . THR A 1 111 ? 1.231   -8.084  -6.471  1.00 12.20 ? 110 THR A N   1 
ATOM   852 C  CA  . THR A 1 111 ? 1.931   -8.561  -5.276  1.00 12.53 ? 110 THR A CA  1 
ATOM   853 C  C   . THR A 1 111 ? 1.739   -10.025 -4.981  1.00 14.07 ? 110 THR A C   1 
ATOM   854 O  O   . THR A 1 111 ? 2.238   -10.556 -3.981  1.00 14.18 ? 110 THR A O   1 
ATOM   855 C  CB  . THR A 1 111 ? 1.605   -7.660  -4.010  1.00 11.41 ? 110 THR A CB  1 
ATOM   856 O  OG1 . THR A 1 111 ? 0.212   -7.896  -3.697  1.00 10.49 ? 110 THR A OG1 1 
ATOM   857 C  CG2 . THR A 1 111 ? 1.958   -6.195  -4.177  1.00 11.07 ? 110 THR A CG2 1 
ATOM   858 N  N   . SER A 1 112 ? 0.946   -10.684 -5.783  1.00 15.85 ? 111 SER A N   1 
ATOM   859 C  CA  . SER A 1 112 ? 0.617   -12.061 -5.740  1.00 18.25 ? 111 SER A CA  1 
ATOM   860 C  C   . SER A 1 112 ? 1.836   -12.971 -6.019  1.00 19.11 ? 111 SER A C   1 
ATOM   861 O  O   . SER A 1 112 ? 1.941   -13.880 -5.184  1.00 20.22 ? 111 SER A O   1 
ATOM   862 C  CB  . SER A 1 112 ? -0.415  -12.438 -6.848  1.00 18.63 ? 111 SER A CB  1 
ATOM   863 O  OG  . SER A 1 112 ? -1.624  -12.576 -6.137  1.00 19.81 ? 111 SER A OG  1 
ATOM   864 O  OXT . SER A 1 112 ? 2.494   -12.701 -7.040  1.00 20.32 ? 111 SER A OXT 1 
HETATM 865 FE FE  . HEC B 2 .   ? 4.950   3.235   0.879   1.00 6.49  ? 112 HEC A FE  1 
HETATM 866 C  CHA . HEC B 2 .   ? 5.464   1.545   3.756   1.00 5.28  ? 112 HEC A CHA 1 
HETATM 867 C  CHB . HEC B 2 .   ? 2.287   1.280   0.083   1.00 5.33  ? 112 HEC A CHB 1 
HETATM 868 C  CHC . HEC B 2 .   ? 4.247   5.276   -1.713  1.00 6.37  ? 112 HEC A CHC 1 
HETATM 869 C  CHD . HEC B 2 .   ? 8.016   4.767   1.252   1.00 5.76  ? 112 HEC A CHD 1 
HETATM 870 N  NA  . HEC B 2 .   ? 4.081   1.704   1.750   1.00 5.61  ? 112 HEC A NA  1 
HETATM 871 C  C1A . HEC B 2 .   ? 4.373   1.161   2.988   1.00 5.27  ? 112 HEC A C1A 1 
HETATM 872 C  C2A . HEC B 2 .   ? 3.357   0.209   3.303   1.00 5.54  ? 112 HEC A C2A 1 
HETATM 873 C  C3A . HEC B 2 .   ? 2.498   0.108   2.271   1.00 5.37  ? 112 HEC A C3A 1 
HETATM 874 C  C4A . HEC B 2 .   ? 2.943   1.076   1.288   1.00 5.12  ? 112 HEC A C4A 1 
HETATM 875 C  CMA . HEC B 2 .   ? 1.274   -0.755  2.089   1.00 5.50  ? 112 HEC A CMA 1 
HETATM 876 C  CAA . HEC B 2 .   ? 3.379   -0.660  4.584   1.00 5.49  ? 112 HEC A CAA 1 
HETATM 877 C  CBA . HEC B 2 .   ? 3.965   -2.046  4.240   1.00 5.42  ? 112 HEC A CBA 1 
HETATM 878 C  CGA . HEC B 2 .   ? 4.179   -2.955  5.422   1.00 5.78  ? 112 HEC A CGA 1 
HETATM 879 O  O1A . HEC B 2 .   ? 4.888   -3.946  5.158   1.00 6.24  ? 112 HEC A O1A 1 
HETATM 880 O  O2A . HEC B 2 .   ? 3.616   -2.730  6.520   1.00 5.55  ? 112 HEC A O2A 1 
HETATM 881 N  NB  . HEC B 2 .   ? 3.546   3.285   -0.537  1.00 5.60  ? 112 HEC A NB  1 
HETATM 882 C  C1B . HEC B 2 .   ? 2.559   2.350   -0.748  1.00 5.83  ? 112 HEC A C1B 1 
HETATM 883 C  C2B . HEC B 2 .   ? 1.826   2.661   -1.949  1.00 5.62  ? 112 HEC A C2B 1 
HETATM 884 C  C3B . HEC B 2 .   ? 2.333   3.801   -2.393  1.00 5.80  ? 112 HEC A C3B 1 
HETATM 885 C  C4B . HEC B 2 .   ? 3.459   4.183   -1.598  1.00 5.81  ? 112 HEC A C4B 1 
HETATM 886 C  CMB . HEC B 2 .   ? 0.682   1.804   -2.510  1.00 5.82  ? 112 HEC A CMB 1 
HETATM 887 C  CAB . HEC B 2 .   ? 1.782   4.607   -3.647  1.00 6.33  ? 112 HEC A CAB 1 
HETATM 888 C  CBB . HEC B 2 .   ? 0.473   5.162   -3.270  1.00 6.33  ? 112 HEC A CBB 1 
HETATM 889 N  NC  . HEC B 2 .   ? 5.940   4.748   -0.051  1.00 6.35  ? 112 HEC A NC  1 
HETATM 890 C  C1C . HEC B 2 .   ? 5.481   5.469   -1.133  1.00 6.10  ? 112 HEC A C1C 1 
HETATM 891 C  C2C . HEC B 2 .   ? 6.476   6.429   -1.526  1.00 6.56  ? 112 HEC A C2C 1 
HETATM 892 C  C3C . HEC B 2 .   ? 7.501   6.298   -0.663  1.00 6.02  ? 112 HEC A C3C 1 
HETATM 893 C  C4C . HEC B 2 .   ? 7.212   5.221   0.213   1.00 5.82  ? 112 HEC A C4C 1 
HETATM 894 C  CMC . HEC B 2 .   ? 6.313   7.372   -2.738  1.00 6.84  ? 112 HEC A CMC 1 
HETATM 895 C  CAC . HEC B 2 .   ? 8.927   6.976   -0.792  1.00 6.59  ? 112 HEC A CAC 1 
HETATM 896 C  CBC . HEC B 2 .   ? 8.933   8.367   -0.842  1.00 6.80  ? 112 HEC A CBC 1 
HETATM 897 N  ND  . HEC B 2 .   ? 6.473   3.152   2.215   1.00 5.49  ? 112 HEC A ND  1 
HETATM 898 C  C1D . HEC B 2 .   ? 7.617   3.913   2.252   1.00 5.28  ? 112 HEC A C1D 1 
HETATM 899 C  C2D . HEC B 2 .   ? 8.339   3.669   3.494   1.00 5.72  ? 112 HEC A C2D 1 
HETATM 900 C  C3D . HEC B 2 .   ? 7.653   2.742   4.170   1.00 5.41  ? 112 HEC A C3D 1 
HETATM 901 C  C4D . HEC B 2 .   ? 6.469   2.431   3.406   1.00 5.43  ? 112 HEC A C4D 1 
HETATM 902 C  CMD . HEC B 2 .   ? 9.670   4.364   3.862   1.00 5.67  ? 112 HEC A CMD 1 
HETATM 903 C  CAD . HEC B 2 .   ? 7.918   2.227   5.606   1.00 6.30  ? 112 HEC A CAD 1 
HETATM 904 C  CBD . HEC B 2 .   ? 7.136   3.131   6.617   1.00 7.11  ? 112 HEC A CBD 1 
HETATM 905 C  CGD . HEC B 2 .   ? 7.401   2.878   8.070   1.00 8.09  ? 112 HEC A CGD 1 
HETATM 906 O  O1D . HEC B 2 .   ? 8.162   1.950   8.370   1.00 8.87  ? 112 HEC A O1D 1 
HETATM 907 O  O2D . HEC B 2 .   ? 6.879   3.649   8.944   1.00 7.89  ? 112 HEC A O2D 1 
HETATM 908 O  O   . HOH C 3 .   ? 12.856  -10.310 -1.313  1.00 13.32 ? 113 HOH A O   1 
HETATM 909 O  O   . HOH C 3 .   ? 14.963  -8.746  9.496   1.00 32.11 ? 114 HOH A O   1 
HETATM 910 O  O   . HOH C 3 .   ? 15.781  -3.326  -4.805  1.00 8.44  ? 115 HOH A O   1 
HETATM 911 O  O   . HOH C 3 .   ? 6.850   -12.393 -7.708  1.00 20.43 ? 116 HOH A O   1 
HETATM 912 O  O   . HOH C 3 .   ? 17.734  -3.914  7.556   1.00 33.89 ? 117 HOH A O   1 
HETATM 913 O  O   . HOH C 3 .   ? 16.690  0.037   1.471   1.00 37.32 ? 118 HOH A O   1 
HETATM 914 O  O   . HOH C 3 .   ? 14.510  1.734   -8.944  1.00 23.43 ? 119 HOH A O   1 
HETATM 915 O  O   . HOH C 3 .   ? 11.874  -3.257  11.487  1.00 18.06 ? 120 HOH A O   1 
HETATM 916 O  O   . HOH C 3 .   ? 14.019  4.475   -3.471  1.00 7.77  ? 121 HOH A O   1 
HETATM 917 O  O   . HOH C 3 .   ? 4.385   -7.595  2.235   1.00 9.27  ? 122 HOH A O   1 
HETATM 918 O  O   . HOH C 3 .   ? 4.576   -6.322  6.485   1.00 7.15  ? 123 HOH A O   1 
HETATM 919 O  O   . HOH C 3 .   ? -0.596  -10.148 -2.081  1.00 9.18  ? 124 HOH A O   1 
HETATM 920 O  O   . HOH C 3 .   ? 9.493   7.830   2.496   1.00 8.45  ? 125 HOH A O   1 
HETATM 921 O  O   . HOH C 3 .   ? -2.098  -7.974  13.914  1.00 9.89  ? 126 HOH A O   1 
HETATM 922 O  O   . HOH C 3 .   ? -10.606 -2.342  -5.964  1.00 14.93 ? 127 HOH A O   1 
HETATM 923 O  O   . HOH C 3 .   ? -12.170 1.709   -12.848 1.00 12.53 ? 128 HOH A O   1 
HETATM 924 O  O   . HOH C 3 .   ? 16.994  -8.734  -6.639  1.00 12.68 ? 129 HOH A O   1 
HETATM 925 O  O   . HOH C 3 .   ? 16.308  -7.823  -9.249  1.00 17.96 ? 130 HOH A O   1 
HETATM 926 O  O   . HOH C 3 .   ? 15.772  -0.302  6.251   1.00 23.31 ? 131 HOH A O   1 
HETATM 927 O  O   . HOH C 3 .   ? 11.637  -6.373  9.201   1.00 15.98 ? 132 HOH A O   1 
HETATM 928 O  O   . HOH C 3 .   ? 5.067   -11.842 7.251   1.00 11.82 ? 133 HOH A O   1 
HETATM 929 O  O   . HOH C 3 .   ? 14.691  2.861   4.022   1.00 18.16 ? 134 HOH A O   1 
HETATM 930 O  O   . HOH C 3 .   ? 5.234   -5.213  2.526   1.00 14.57 ? 135 HOH A O   1 
HETATM 931 O  O   . HOH C 3 .   ? -3.097  -10.934 -3.557  1.00 20.69 ? 136 HOH A O   1 
HETATM 932 O  O   . HOH C 3 .   ? -0.807  -11.229 13.086  1.00 14.54 ? 137 HOH A O   1 
HETATM 933 O  O   . HOH C 3 .   ? -4.881  -12.318 7.276   1.00 11.90 ? 138 HOH A O   1 
HETATM 934 O  O   . HOH C 3 .   ? 3.329   3.176   6.662   1.00 13.98 ? 139 HOH A O   1 
HETATM 935 O  O   . HOH C 3 .   ? 3.846   13.012  3.347   1.00 24.51 ? 140 HOH A O   1 
HETATM 936 O  O   . HOH C 3 .   ? -11.900 1.812   -17.376 1.00 22.09 ? 141 HOH A O   1 
HETATM 937 O  O   . HOH C 3 .   ? -8.003  5.879   -11.845 1.00 17.27 ? 142 HOH A O   1 
HETATM 938 O  O   . HOH C 3 .   ? -12.866 -0.852  5.324   1.00 22.99 ? 143 HOH A O   1 
HETATM 939 O  O   . HOH C 3 .   ? -12.491 1.250   3.920   1.00 12.97 ? 144 HOH A O   1 
HETATM 940 O  O   . HOH C 3 .   ? -11.450 5.918   3.712   1.00 13.36 ? 145 HOH A O   1 
HETATM 941 O  O   . HOH C 3 .   ? -18.381 5.351   -5.240  1.00 17.43 ? 146 HOH A O   1 
HETATM 942 O  O   . HOH C 3 .   ? 4.678   -14.210 -5.276  1.00 25.89 ? 147 HOH A O   1 
HETATM 943 O  O   . HOH C 3 .   ? 9.649   -10.561 9.853   1.00 25.08 ? 148 HOH A O   1 
HETATM 944 O  O   . HOH C 3 .   ? 9.470   -5.288  -8.337  1.00 17.39 ? 149 HOH A O   1 
HETATM 945 O  O   . HOH C 3 .   ? 4.243   -5.586  13.160  1.00 19.66 ? 150 HOH A O   1 
HETATM 946 O  O   . HOH C 3 .   ? 7.206   6.454   -8.468  1.00 13.16 ? 151 HOH A O   1 
HETATM 947 O  O   . HOH C 3 .   ? 7.404   8.794   -7.194  1.00 19.32 ? 152 HOH A O   1 
HETATM 948 O  O   . HOH C 3 .   ? 8.380   10.893  -3.706  1.00 24.26 ? 153 HOH A O   1 
HETATM 949 O  O   . HOH C 3 .   ? -7.702  -6.002  7.631   1.00 19.41 ? 154 HOH A O   1 
HETATM 950 O  O   . HOH C 3 .   ? -4.823  5.301   -13.934 1.00 22.05 ? 155 HOH A O   1 
HETATM 951 O  O   . HOH C 3 .   ? 0.508   11.197  4.662   1.00 16.37 ? 156 HOH A O   1 
HETATM 952 O  O   . HOH C 3 .   ? -13.271 -1.694  -5.639  1.00 17.69 ? 157 HOH A O   1 
HETATM 953 O  O   . HOH C 3 .   ? -12.628 7.508   1.611   1.00 19.36 ? 158 HOH A O   1 
# 
